data_2EGC
#
_entry.id   2EGC
#
_entity_poly.entity_id   1
_entity_poly.type   'polypeptide(L)'
_entity_poly.pdbx_seq_one_letter_code
;GSSGSSGNLKDVYVSIADYEGDEETAGFQEGVSMEVLERNPNGWWYCQILDGVKPFKGWVPSNYLEKKNSGPSSG
;
_entity_poly.pdbx_strand_id   A
#
# COMPACT_ATOMS: atom_id res chain seq x y z
N GLY A 1 -22.20 -19.33 -3.09
CA GLY A 1 -21.32 -19.73 -2.01
C GLY A 1 -20.56 -18.55 -1.41
N SER A 2 -21.27 -17.70 -0.67
CA SER A 2 -20.66 -16.54 -0.05
C SER A 2 -20.21 -16.85 1.37
N SER A 3 -18.91 -16.73 1.62
CA SER A 3 -18.36 -17.00 2.94
C SER A 3 -18.40 -15.75 3.81
N GLY A 4 -17.52 -14.80 3.51
CA GLY A 4 -17.46 -13.56 4.27
C GLY A 4 -16.06 -13.00 4.36
N SER A 5 -15.35 -13.34 5.43
CA SER A 5 -13.99 -12.85 5.63
C SER A 5 -12.98 -13.75 4.92
N SER A 6 -13.35 -15.02 4.77
CA SER A 6 -12.47 -15.99 4.11
C SER A 6 -12.75 -16.05 2.61
N GLY A 7 -11.69 -15.95 1.83
CA GLY A 7 -11.84 -15.99 0.38
C GLY A 7 -10.53 -15.74 -0.35
N ASN A 8 -10.04 -14.50 -0.26
CA ASN A 8 -8.80 -14.13 -0.92
C ASN A 8 -7.88 -13.37 0.04
N LEU A 9 -6.58 -13.57 -0.11
CA LEU A 9 -5.60 -12.90 0.74
C LEU A 9 -5.46 -11.42 0.36
N LYS A 10 -5.07 -10.61 1.33
CA LYS A 10 -4.88 -9.18 1.10
C LYS A 10 -3.80 -8.62 2.00
N ASP A 11 -2.95 -7.76 1.44
CA ASP A 11 -1.87 -7.14 2.20
C ASP A 11 -2.00 -5.62 2.19
N VAL A 12 -2.61 -5.08 3.24
CA VAL A 12 -2.79 -3.64 3.36
C VAL A 12 -1.65 -3.00 4.13
N TYR A 13 -0.88 -2.16 3.45
CA TYR A 13 0.25 -1.49 4.08
C TYR A 13 0.00 0.01 4.19
N VAL A 14 0.38 0.59 5.32
CA VAL A 14 0.19 2.01 5.56
C VAL A 14 1.50 2.77 5.36
N SER A 15 1.40 3.95 4.74
CA SER A 15 2.57 4.79 4.49
C SER A 15 3.17 5.30 5.80
N ILE A 16 4.49 5.18 5.93
CA ILE A 16 5.18 5.64 7.13
C ILE A 16 6.09 6.81 6.82
N ALA A 17 5.78 7.54 5.74
CA ALA A 17 6.57 8.69 5.34
C ALA A 17 5.97 9.37 4.11
N ASP A 18 6.05 10.69 4.08
CA ASP A 18 5.50 11.46 2.97
C ASP A 18 6.46 11.42 1.77
N TYR A 19 5.91 11.12 0.60
CA TYR A 19 6.69 11.05 -0.62
C TYR A 19 6.30 12.14 -1.60
N GLU A 20 7.24 12.53 -2.46
CA GLU A 20 6.99 13.57 -3.45
C GLU A 20 6.43 12.97 -4.74
N GLY A 21 6.98 11.82 -5.13
CA GLY A 21 6.55 11.16 -6.35
C GLY A 21 7.10 11.81 -7.60
N ASP A 22 8.04 11.13 -8.25
CA ASP A 22 8.66 11.65 -9.47
C ASP A 22 7.65 11.73 -10.59
N GLU A 23 8.11 12.12 -11.78
CA GLU A 23 7.24 12.24 -12.95
C GLU A 23 6.80 10.85 -13.42
N GLU A 24 7.61 9.85 -13.16
CA GLU A 24 7.30 8.48 -13.56
C GLU A 24 6.51 7.76 -12.47
N THR A 25 6.95 7.91 -11.23
CA THR A 25 6.28 7.28 -10.11
C THR A 25 5.14 8.14 -9.58
N ALA A 26 4.40 7.60 -8.61
CA ALA A 26 3.28 8.33 -8.03
C ALA A 26 3.64 8.88 -6.65
N GLY A 27 2.95 9.95 -6.24
CA GLY A 27 3.21 10.55 -4.95
C GLY A 27 2.10 10.30 -3.95
N PHE A 28 2.41 10.48 -2.68
CA PHE A 28 1.42 10.26 -1.61
C PHE A 28 1.85 10.97 -0.33
N GLN A 29 1.08 10.75 0.73
CA GLN A 29 1.38 11.38 2.02
C GLN A 29 1.34 10.34 3.14
N GLU A 30 2.14 10.57 4.18
CA GLU A 30 2.19 9.67 5.31
C GLU A 30 0.85 9.62 6.04
N GLY A 31 0.24 8.44 6.07
CA GLY A 31 -1.04 8.28 6.73
C GLY A 31 -2.12 7.80 5.78
N VAL A 32 -1.72 7.23 4.66
CA VAL A 32 -2.66 6.73 3.67
C VAL A 32 -2.78 5.21 3.74
N SER A 33 -3.89 4.69 3.22
CA SER A 33 -4.13 3.25 3.22
C SER A 33 -3.96 2.67 1.83
N MET A 34 -2.91 1.88 1.65
CA MET A 34 -2.63 1.25 0.36
C MET A 34 -2.76 -0.26 0.46
N GLU A 35 -2.92 -0.92 -0.70
CA GLU A 35 -3.05 -2.36 -0.74
C GLU A 35 -2.02 -2.98 -1.69
N VAL A 36 -1.01 -3.61 -1.11
CA VAL A 36 0.05 -4.25 -1.91
C VAL A 36 -0.55 -5.17 -2.97
N LEU A 37 -0.28 -4.85 -4.23
CA LEU A 37 -0.79 -5.64 -5.34
C LEU A 37 0.33 -6.50 -5.95
N GLU A 38 1.39 -5.83 -6.38
CA GLU A 38 2.53 -6.53 -6.99
C GLU A 38 3.83 -6.11 -6.32
N ARG A 39 4.89 -6.87 -6.59
CA ARG A 39 6.20 -6.58 -6.01
C ARG A 39 7.32 -6.98 -6.98
N ASN A 40 8.15 -6.00 -7.34
CA ASN A 40 9.26 -6.24 -8.26
C ASN A 40 10.51 -6.64 -7.50
N PRO A 41 11.46 -7.27 -8.22
CA PRO A 41 12.73 -7.71 -7.63
C PRO A 41 13.63 -6.55 -7.26
N ASN A 42 13.31 -5.37 -7.76
CA ASN A 42 14.10 -4.17 -7.48
C ASN A 42 13.72 -3.57 -6.12
N GLY A 43 12.53 -3.93 -5.65
CA GLY A 43 12.07 -3.42 -4.36
C GLY A 43 10.78 -2.64 -4.48
N TRP A 44 10.56 -2.05 -5.66
CA TRP A 44 9.35 -1.27 -5.89
C TRP A 44 8.12 -2.17 -6.00
N TRP A 45 7.09 -1.86 -5.22
CA TRP A 45 5.87 -2.64 -5.23
C TRP A 45 4.70 -1.81 -5.73
N TYR A 46 3.76 -2.46 -6.41
CA TYR A 46 2.58 -1.78 -6.96
C TYR A 46 1.43 -1.82 -5.95
N CYS A 47 1.18 -0.69 -5.31
CA CYS A 47 0.10 -0.60 -4.32
C CYS A 47 -1.08 0.19 -4.89
N GLN A 48 -2.08 0.44 -4.06
CA GLN A 48 -3.26 1.17 -4.48
C GLN A 48 -3.70 2.16 -3.39
N ILE A 49 -3.35 3.42 -3.57
CA ILE A 49 -3.71 4.46 -2.61
C ILE A 49 -5.22 4.57 -2.46
N LEU A 50 -5.71 4.28 -1.26
CA LEU A 50 -7.15 4.34 -0.98
C LEU A 50 -7.51 5.65 -0.29
N ASP A 51 -6.93 6.75 -0.77
CA ASP A 51 -7.19 8.07 -0.20
C ASP A 51 -8.70 8.32 -0.11
N GLY A 52 -9.44 7.82 -1.09
CA GLY A 52 -10.88 8.01 -1.09
C GLY A 52 -11.30 9.22 -1.91
N VAL A 53 -10.88 10.40 -1.48
CA VAL A 53 -11.23 11.63 -2.19
C VAL A 53 -10.55 11.69 -3.56
N LYS A 54 -9.43 10.98 -3.69
CA LYS A 54 -8.69 10.94 -4.94
C LYS A 54 -7.71 9.78 -4.97
N PRO A 55 -8.23 8.55 -5.03
CA PRO A 55 -7.41 7.34 -5.07
C PRO A 55 -6.64 7.19 -6.37
N PHE A 56 -5.51 6.49 -6.31
CA PHE A 56 -4.68 6.28 -7.49
C PHE A 56 -3.63 5.21 -7.22
N LYS A 57 -3.09 4.63 -8.29
CA LYS A 57 -2.07 3.60 -8.17
C LYS A 57 -0.70 4.15 -8.52
N GLY A 58 0.32 3.30 -8.45
CA GLY A 58 1.67 3.73 -8.77
C GLY A 58 2.72 3.01 -7.93
N TRP A 59 3.68 2.38 -8.58
CA TRP A 59 4.74 1.66 -7.90
C TRP A 59 5.40 2.56 -6.85
N VAL A 60 5.34 2.13 -5.59
CA VAL A 60 5.94 2.89 -4.49
C VAL A 60 7.05 2.09 -3.82
N PRO A 61 7.98 2.81 -3.17
CA PRO A 61 9.11 2.18 -2.47
C PRO A 61 8.67 1.44 -1.21
N SER A 62 9.01 0.15 -1.15
CA SER A 62 8.66 -0.67 -0.01
C SER A 62 9.11 -0.03 1.30
N ASN A 63 10.19 0.75 1.22
CA ASN A 63 10.72 1.42 2.39
C ASN A 63 9.70 2.37 3.01
N TYR A 64 8.79 2.87 2.16
CA TYR A 64 7.76 3.79 2.63
C TYR A 64 6.46 3.04 2.92
N LEU A 65 6.59 1.77 3.29
CA LEU A 65 5.43 0.94 3.60
C LEU A 65 5.69 0.09 4.84
N GLU A 66 4.68 -0.01 5.70
CA GLU A 66 4.81 -0.81 6.92
C GLU A 66 3.55 -1.65 7.15
N LYS A 67 3.77 -2.91 7.51
CA LYS A 67 2.66 -3.83 7.76
C LYS A 67 1.70 -3.26 8.80
N LYS A 68 0.47 -2.99 8.39
CA LYS A 68 -0.54 -2.45 9.29
C LYS A 68 -1.36 -3.57 9.92
N ASN A 69 -0.71 -4.39 10.73
CA ASN A 69 -1.37 -5.49 11.41
C ASN A 69 -2.45 -4.99 12.37
N SER A 70 -2.12 -3.92 13.08
CA SER A 70 -3.07 -3.33 14.04
C SER A 70 -4.14 -2.52 13.32
N GLY A 71 -5.28 -2.37 13.97
CA GLY A 71 -6.37 -1.61 13.38
C GLY A 71 -7.02 -0.66 14.37
N PRO A 72 -7.83 0.28 13.85
CA PRO A 72 -8.54 1.26 14.67
C PRO A 72 -9.64 0.63 15.52
N SER A 73 -10.11 1.36 16.52
CA SER A 73 -11.17 0.88 17.39
C SER A 73 -10.72 -0.37 18.15
N SER A 74 -9.47 -0.36 18.61
CA SER A 74 -8.92 -1.48 19.35
C SER A 74 -9.06 -1.28 20.85
N GLY A 75 -10.08 -1.89 21.44
CA GLY A 75 -10.30 -1.76 22.87
C GLY A 75 -11.46 -2.60 23.35
N GLY A 1 -14.88 -9.04 -17.04
CA GLY A 1 -13.62 -9.69 -16.69
C GLY A 1 -13.48 -9.90 -15.20
N SER A 2 -12.86 -11.02 -14.82
CA SER A 2 -12.67 -11.35 -13.41
C SER A 2 -11.19 -11.31 -13.05
N SER A 3 -10.77 -10.24 -12.37
CA SER A 3 -9.38 -10.09 -11.97
C SER A 3 -9.05 -11.01 -10.79
N GLY A 4 -7.78 -11.36 -10.66
CA GLY A 4 -7.36 -12.22 -9.57
C GLY A 4 -8.02 -13.58 -9.62
N SER A 5 -7.62 -14.48 -8.72
CA SER A 5 -8.18 -15.82 -8.67
C SER A 5 -8.80 -16.10 -7.31
N SER A 6 -7.98 -16.00 -6.25
CA SER A 6 -8.45 -16.24 -4.90
C SER A 6 -8.27 -15.01 -4.03
N GLY A 7 -9.23 -14.77 -3.15
CA GLY A 7 -9.16 -13.62 -2.26
C GLY A 7 -9.51 -13.96 -0.83
N ASN A 8 -8.49 -14.23 -0.02
CA ASN A 8 -8.69 -14.57 1.38
C ASN A 8 -7.87 -13.66 2.29
N LEU A 9 -6.63 -13.39 1.88
CA LEU A 9 -5.75 -12.54 2.67
C LEU A 9 -5.61 -11.16 2.02
N LYS A 10 -5.24 -10.17 2.82
CA LYS A 10 -5.07 -8.81 2.33
C LYS A 10 -3.77 -8.21 2.83
N ASP A 11 -2.94 -7.74 1.90
CA ASP A 11 -1.65 -7.14 2.24
C ASP A 11 -1.76 -5.62 2.28
N VAL A 12 -2.61 -5.12 3.18
CA VAL A 12 -2.81 -3.68 3.33
C VAL A 12 -1.67 -3.05 4.12
N TYR A 13 -0.91 -2.19 3.46
CA TYR A 13 0.21 -1.51 4.10
C TYR A 13 -0.04 -0.01 4.22
N VAL A 14 0.34 0.56 5.36
CA VAL A 14 0.15 1.99 5.60
C VAL A 14 1.46 2.75 5.42
N SER A 15 1.38 3.91 4.77
CA SER A 15 2.55 4.74 4.53
C SER A 15 3.14 5.24 5.85
N ILE A 16 4.46 5.16 5.97
CA ILE A 16 5.14 5.60 7.18
C ILE A 16 6.05 6.79 6.88
N ALA A 17 5.76 7.52 5.80
CA ALA A 17 6.55 8.66 5.41
C ALA A 17 5.97 9.34 4.18
N ASP A 18 6.10 10.66 4.11
CA ASP A 18 5.58 11.42 2.98
C ASP A 18 6.52 11.31 1.78
N TYR A 19 5.93 11.23 0.59
CA TYR A 19 6.70 11.09 -0.64
C TYR A 19 6.25 12.13 -1.67
N GLU A 20 7.20 12.60 -2.48
CA GLU A 20 6.89 13.58 -3.52
C GLU A 20 6.29 12.92 -4.75
N GLY A 21 6.96 11.88 -5.24
CA GLY A 21 6.46 11.17 -6.40
C GLY A 21 7.07 11.70 -7.69
N ASP A 22 7.99 10.92 -8.27
CA ASP A 22 8.64 11.32 -9.51
C ASP A 22 7.64 11.39 -10.66
N GLU A 23 8.12 11.79 -11.83
CA GLU A 23 7.26 11.91 -13.00
C GLU A 23 6.72 10.54 -13.42
N GLU A 24 7.50 9.50 -13.19
CA GLU A 24 7.10 8.14 -13.54
C GLU A 24 6.33 7.50 -12.40
N THR A 25 6.80 7.71 -11.18
CA THR A 25 6.16 7.14 -9.99
C THR A 25 5.02 8.03 -9.51
N ALA A 26 4.31 7.55 -8.49
CA ALA A 26 3.20 8.31 -7.93
C ALA A 26 3.55 8.89 -6.56
N GLY A 27 2.92 10.00 -6.22
CA GLY A 27 3.19 10.64 -4.94
C GLY A 27 2.07 10.41 -3.94
N PHE A 28 2.41 10.45 -2.65
CA PHE A 28 1.44 10.25 -1.60
C PHE A 28 1.86 10.95 -0.31
N GLN A 29 1.08 10.77 0.75
CA GLN A 29 1.38 11.39 2.04
C GLN A 29 1.34 10.36 3.16
N GLU A 30 2.13 10.59 4.21
CA GLU A 30 2.18 9.67 5.34
C GLU A 30 0.83 9.64 6.06
N GLY A 31 0.22 8.45 6.09
CA GLY A 31 -1.06 8.30 6.74
C GLY A 31 -2.14 7.82 5.79
N VAL A 32 -1.73 7.25 4.66
CA VAL A 32 -2.67 6.76 3.67
C VAL A 32 -2.80 5.24 3.74
N SER A 33 -3.90 4.71 3.20
CA SER A 33 -4.14 3.27 3.21
C SER A 33 -3.96 2.70 1.81
N MET A 34 -2.91 1.91 1.63
CA MET A 34 -2.63 1.29 0.34
C MET A 34 -2.76 -0.23 0.42
N GLU A 35 -2.93 -0.87 -0.73
CA GLU A 35 -3.05 -2.32 -0.79
C GLU A 35 -2.04 -2.93 -1.75
N VAL A 36 -1.03 -3.58 -1.19
CA VAL A 36 0.01 -4.22 -2.00
C VAL A 36 -0.59 -5.11 -3.08
N LEU A 37 -0.29 -4.80 -4.33
CA LEU A 37 -0.80 -5.57 -5.46
C LEU A 37 0.30 -6.44 -6.07
N GLU A 38 1.43 -5.81 -6.40
CA GLU A 38 2.55 -6.52 -6.99
C GLU A 38 3.88 -6.10 -6.33
N ARG A 39 4.93 -6.85 -6.60
CA ARG A 39 6.24 -6.56 -6.04
C ARG A 39 7.35 -6.94 -7.01
N ASN A 40 8.15 -5.95 -7.41
CA ASN A 40 9.24 -6.19 -8.34
C ASN A 40 10.51 -6.59 -7.60
N PRO A 41 11.45 -7.21 -8.33
CA PRO A 41 12.73 -7.66 -7.76
C PRO A 41 13.64 -6.49 -7.38
N ASN A 42 13.32 -5.31 -7.91
CA ASN A 42 14.11 -4.11 -7.63
C ASN A 42 13.77 -3.53 -6.27
N GLY A 43 12.59 -3.89 -5.75
CA GLY A 43 12.16 -3.40 -4.46
C GLY A 43 10.88 -2.60 -4.55
N TRP A 44 10.62 -2.02 -5.71
CA TRP A 44 9.42 -1.23 -5.92
C TRP A 44 8.18 -2.11 -6.04
N TRP A 45 7.16 -1.79 -5.25
CA TRP A 45 5.92 -2.57 -5.27
C TRP A 45 4.76 -1.73 -5.78
N TYR A 46 3.79 -2.37 -6.42
CA TYR A 46 2.63 -1.68 -6.95
C TYR A 46 1.47 -1.73 -5.96
N CYS A 47 1.22 -0.60 -5.30
CA CYS A 47 0.14 -0.50 -4.33
C CYS A 47 -1.04 0.29 -4.90
N GLN A 48 -2.06 0.50 -4.07
CA GLN A 48 -3.24 1.24 -4.49
C GLN A 48 -3.69 2.22 -3.41
N ILE A 49 -3.33 3.48 -3.58
CA ILE A 49 -3.70 4.51 -2.62
C ILE A 49 -5.22 4.62 -2.48
N LEU A 50 -5.71 4.31 -1.29
CA LEU A 50 -7.14 4.38 -1.01
C LEU A 50 -7.51 5.69 -0.32
N ASP A 51 -6.93 6.79 -0.80
CA ASP A 51 -7.20 8.10 -0.24
C ASP A 51 -8.70 8.37 -0.14
N GLY A 52 -9.45 7.78 -1.08
CA GLY A 52 -10.90 7.96 -1.09
C GLY A 52 -11.31 9.15 -1.93
N VAL A 53 -10.91 10.35 -1.50
CA VAL A 53 -11.25 11.57 -2.21
C VAL A 53 -10.60 11.61 -3.59
N LYS A 54 -9.40 11.03 -3.68
CA LYS A 54 -8.66 11.00 -4.94
C LYS A 54 -7.67 9.84 -4.96
N PRO A 55 -8.21 8.61 -5.05
CA PRO A 55 -7.40 7.40 -5.08
C PRO A 55 -6.62 7.25 -6.38
N PHE A 56 -5.49 6.55 -6.32
CA PHE A 56 -4.65 6.34 -7.49
C PHE A 56 -3.59 5.29 -7.22
N LYS A 57 -3.06 4.70 -8.29
CA LYS A 57 -2.03 3.68 -8.17
C LYS A 57 -0.65 4.24 -8.51
N GLY A 58 0.37 3.39 -8.44
CA GLY A 58 1.72 3.82 -8.75
C GLY A 58 2.76 3.12 -7.90
N TRP A 59 3.73 2.50 -8.56
CA TRP A 59 4.79 1.77 -7.85
C TRP A 59 5.44 2.67 -6.80
N VAL A 60 5.50 2.17 -5.56
CA VAL A 60 6.10 2.92 -4.47
C VAL A 60 7.17 2.10 -3.77
N PRO A 61 8.11 2.79 -3.10
CA PRO A 61 9.21 2.15 -2.38
C PRO A 61 8.74 1.42 -1.13
N SER A 62 9.05 0.14 -1.05
CA SER A 62 8.65 -0.68 0.09
C SER A 62 9.09 -0.03 1.40
N ASN A 63 10.18 0.72 1.35
CA ASN A 63 10.70 1.40 2.53
C ASN A 63 9.66 2.33 3.12
N TYR A 64 8.77 2.84 2.27
CA TYR A 64 7.72 3.75 2.71
C TYR A 64 6.42 3.00 2.98
N LEU A 65 6.54 1.73 3.34
CA LEU A 65 5.38 0.90 3.63
C LEU A 65 5.62 0.04 4.86
N GLU A 66 4.60 -0.05 5.73
CA GLU A 66 4.71 -0.84 6.94
C GLU A 66 3.45 -1.67 7.16
N LYS A 67 3.64 -2.93 7.55
CA LYS A 67 2.51 -3.83 7.78
C LYS A 67 1.58 -3.27 8.85
N LYS A 68 0.34 -2.97 8.46
CA LYS A 68 -0.65 -2.43 9.38
C LYS A 68 -1.42 -3.55 10.07
N ASN A 69 -1.16 -3.73 11.36
CA ASN A 69 -1.84 -4.77 12.14
C ASN A 69 -3.23 -4.33 12.55
N SER A 70 -4.06 -5.28 12.96
CA SER A 70 -5.43 -4.98 13.39
C SER A 70 -5.96 -6.08 14.30
N GLY A 71 -6.43 -5.68 15.48
CA GLY A 71 -6.97 -6.63 16.42
C GLY A 71 -8.35 -7.12 16.04
N PRO A 72 -8.97 -7.92 16.93
CA PRO A 72 -10.31 -8.46 16.70
C PRO A 72 -11.39 -7.39 16.77
N SER A 73 -12.05 -7.14 15.64
CA SER A 73 -13.10 -6.13 15.58
C SER A 73 -14.47 -6.79 15.43
N SER A 74 -15.52 -5.98 15.48
CA SER A 74 -16.88 -6.47 15.35
C SER A 74 -17.24 -6.70 13.88
N GLY A 75 -16.74 -5.83 13.01
CA GLY A 75 -17.02 -5.96 11.59
C GLY A 75 -18.46 -5.62 11.26
N GLY A 1 -20.35 -21.75 18.73
CA GLY A 1 -19.76 -21.14 17.56
C GLY A 1 -18.58 -21.93 17.04
N SER A 2 -17.77 -21.31 16.19
CA SER A 2 -16.60 -21.96 15.61
C SER A 2 -15.36 -21.10 15.79
N SER A 3 -14.20 -21.75 15.90
CA SER A 3 -12.93 -21.05 16.08
C SER A 3 -12.36 -20.61 14.74
N GLY A 4 -12.44 -19.30 14.48
CA GLY A 4 -11.93 -18.77 13.22
C GLY A 4 -12.88 -19.01 12.06
N SER A 5 -13.31 -17.91 11.44
CA SER A 5 -14.24 -18.00 10.31
C SER A 5 -13.50 -17.82 8.99
N SER A 6 -14.00 -18.47 7.94
CA SER A 6 -13.39 -18.38 6.62
C SER A 6 -13.87 -17.15 5.87
N GLY A 7 -12.93 -16.38 5.32
CA GLY A 7 -13.29 -15.19 4.59
C GLY A 7 -12.36 -14.92 3.41
N ASN A 8 -11.67 -13.78 3.45
CA ASN A 8 -10.75 -13.43 2.39
C ASN A 8 -9.50 -12.75 2.95
N LEU A 9 -8.51 -12.54 2.08
CA LEU A 9 -7.27 -11.89 2.50
C LEU A 9 -7.08 -10.56 1.77
N LYS A 10 -6.20 -9.72 2.31
CA LYS A 10 -5.92 -8.42 1.71
C LYS A 10 -4.79 -7.71 2.46
N ASP A 11 -3.63 -7.64 1.82
CA ASP A 11 -2.47 -6.98 2.42
C ASP A 11 -2.57 -5.47 2.29
N VAL A 12 -2.94 -4.80 3.37
CA VAL A 12 -3.07 -3.35 3.37
C VAL A 12 -1.92 -2.69 4.12
N TYR A 13 -1.05 -2.00 3.38
CA TYR A 13 0.09 -1.33 3.97
C TYR A 13 -0.14 0.18 4.06
N VAL A 14 0.21 0.78 5.19
CA VAL A 14 0.05 2.21 5.39
C VAL A 14 1.37 2.94 5.27
N SER A 15 1.37 4.06 4.57
CA SER A 15 2.58 4.86 4.38
C SER A 15 3.11 5.36 5.71
N ILE A 16 4.42 5.28 5.89
CA ILE A 16 5.06 5.73 7.12
C ILE A 16 6.06 6.85 6.85
N ALA A 17 5.86 7.55 5.74
CA ALA A 17 6.73 8.65 5.36
C ALA A 17 6.26 9.31 4.08
N ASP A 18 6.30 10.65 4.06
CA ASP A 18 5.87 11.40 2.89
C ASP A 18 6.82 11.18 1.72
N TYR A 19 6.27 11.09 0.51
CA TYR A 19 7.07 10.88 -0.68
C TYR A 19 6.70 11.88 -1.77
N GLU A 20 7.71 12.60 -2.27
CA GLU A 20 7.49 13.59 -3.31
C GLU A 20 6.76 12.98 -4.50
N GLY A 21 7.43 12.04 -5.17
CA GLY A 21 6.84 11.38 -6.32
C GLY A 21 6.75 12.31 -7.53
N ASP A 22 7.34 11.88 -8.64
CA ASP A 22 7.33 12.66 -9.87
C ASP A 22 6.42 12.02 -10.92
N GLU A 23 6.48 12.55 -12.14
CA GLU A 23 5.67 12.03 -13.23
C GLU A 23 5.91 10.53 -13.41
N GLU A 24 7.13 10.09 -13.10
CA GLU A 24 7.47 8.68 -13.23
C GLU A 24 6.87 7.85 -12.10
N THR A 25 7.13 8.28 -10.87
CA THR A 25 6.61 7.58 -9.70
C THR A 25 5.59 8.43 -8.95
N ALA A 26 4.38 7.90 -8.81
CA ALA A 26 3.31 8.61 -8.13
C ALA A 26 3.75 9.07 -6.74
N GLY A 27 3.16 10.17 -6.26
CA GLY A 27 3.52 10.70 -4.97
C GLY A 27 2.39 10.56 -3.96
N PHE A 28 2.74 10.37 -2.69
CA PHE A 28 1.76 10.23 -1.63
C PHE A 28 2.21 10.95 -0.37
N GLN A 29 1.43 10.81 0.70
CA GLN A 29 1.74 11.45 1.97
C GLN A 29 1.67 10.45 3.12
N GLU A 30 2.43 10.73 4.18
CA GLU A 30 2.44 9.85 5.34
C GLU A 30 1.09 9.83 6.04
N GLY A 31 0.45 8.67 6.05
CA GLY A 31 -0.85 8.53 6.68
C GLY A 31 -1.93 8.07 5.71
N VAL A 32 -1.50 7.51 4.58
CA VAL A 32 -2.44 7.04 3.57
C VAL A 32 -2.49 5.51 3.56
N SER A 33 -3.62 4.98 3.10
CA SER A 33 -3.81 3.52 3.03
C SER A 33 -3.54 3.01 1.62
N MET A 34 -2.96 1.82 1.53
CA MET A 34 -2.66 1.21 0.25
C MET A 34 -2.79 -0.31 0.32
N GLU A 35 -2.97 -0.94 -0.84
CA GLU A 35 -3.12 -2.39 -0.91
C GLU A 35 -2.10 -2.99 -1.88
N VAL A 36 -1.09 -3.67 -1.33
CA VAL A 36 -0.06 -4.28 -2.13
C VAL A 36 -0.66 -5.17 -3.21
N LEU A 37 -0.37 -4.85 -4.47
CA LEU A 37 -0.88 -5.61 -5.59
C LEU A 37 0.22 -6.48 -6.22
N GLU A 38 1.37 -5.86 -6.48
CA GLU A 38 2.49 -6.57 -7.08
C GLU A 38 3.79 -6.17 -6.40
N ARG A 39 4.88 -6.87 -6.75
CA ARG A 39 6.18 -6.60 -6.17
C ARG A 39 7.30 -6.97 -7.14
N ASN A 40 8.17 -6.00 -7.44
CA ASN A 40 9.27 -6.23 -8.35
C ASN A 40 10.52 -6.71 -7.60
N PRO A 41 11.46 -7.31 -8.34
CA PRO A 41 12.71 -7.83 -7.77
C PRO A 41 13.64 -6.71 -7.32
N ASN A 42 13.36 -5.49 -7.79
CA ASN A 42 14.19 -4.34 -7.44
C ASN A 42 13.81 -3.79 -6.07
N GLY A 43 12.60 -4.14 -5.62
CA GLY A 43 12.14 -3.67 -4.32
C GLY A 43 10.86 -2.88 -4.41
N TRP A 44 10.67 -2.20 -5.54
CA TRP A 44 9.48 -1.38 -5.75
C TRP A 44 8.24 -2.27 -5.91
N TRP A 45 7.19 -1.95 -5.15
CA TRP A 45 5.95 -2.71 -5.20
C TRP A 45 4.82 -1.86 -5.75
N TYR A 46 3.85 -2.51 -6.39
CA TYR A 46 2.70 -1.81 -6.96
C TYR A 46 1.51 -1.85 -6.01
N CYS A 47 1.32 -0.76 -5.27
CA CYS A 47 0.22 -0.67 -4.32
C CYS A 47 -0.96 0.10 -4.92
N GLN A 48 -1.97 0.34 -4.11
CA GLN A 48 -3.15 1.07 -4.55
C GLN A 48 -3.67 2.01 -3.47
N ILE A 49 -3.33 3.28 -3.59
CA ILE A 49 -3.76 4.28 -2.62
C ILE A 49 -5.28 4.33 -2.51
N LEU A 50 -5.79 4.10 -1.30
CA LEU A 50 -7.23 4.11 -1.07
C LEU A 50 -7.65 5.39 -0.35
N ASP A 51 -7.08 6.52 -0.76
CA ASP A 51 -7.39 7.81 -0.17
C ASP A 51 -8.89 8.05 -0.14
N GLY A 52 -9.59 7.48 -1.12
CA GLY A 52 -11.03 7.64 -1.20
C GLY A 52 -11.43 8.86 -2.00
N VAL A 53 -11.08 10.04 -1.50
CA VAL A 53 -11.42 11.29 -2.17
C VAL A 53 -10.70 11.38 -3.52
N LYS A 54 -9.59 10.69 -3.64
CA LYS A 54 -8.81 10.70 -4.88
C LYS A 54 -7.81 9.55 -4.90
N PRO A 55 -8.31 8.32 -5.10
CA PRO A 55 -7.48 7.12 -5.15
C PRO A 55 -6.61 7.07 -6.40
N PHE A 56 -5.48 6.37 -6.31
CA PHE A 56 -4.56 6.24 -7.43
C PHE A 56 -3.52 5.16 -7.16
N LYS A 57 -2.89 4.67 -8.23
CA LYS A 57 -1.88 3.63 -8.11
C LYS A 57 -0.49 4.19 -8.43
N GLY A 58 0.51 3.32 -8.37
CA GLY A 58 1.88 3.75 -8.65
C GLY A 58 2.90 3.01 -7.81
N TRP A 59 3.90 2.44 -8.47
CA TRP A 59 4.96 1.70 -7.78
C TRP A 59 5.60 2.56 -6.70
N VAL A 60 5.54 2.10 -5.45
CA VAL A 60 6.11 2.83 -4.34
C VAL A 60 7.18 1.99 -3.63
N PRO A 61 8.11 2.67 -2.94
CA PRO A 61 9.20 2.02 -2.22
C PRO A 61 8.70 1.26 -0.99
N SER A 62 9.02 -0.02 -0.93
CA SER A 62 8.60 -0.87 0.19
C SER A 62 9.04 -0.25 1.52
N ASN A 63 10.13 0.51 1.48
CA ASN A 63 10.65 1.16 2.68
C ASN A 63 9.64 2.14 3.26
N TYR A 64 8.78 2.68 2.39
CA TYR A 64 7.76 3.64 2.81
C TYR A 64 6.44 2.94 3.07
N LEU A 65 6.50 1.67 3.45
CA LEU A 65 5.30 0.88 3.72
C LEU A 65 5.47 0.06 5.00
N GLU A 66 4.42 0.03 5.82
CA GLU A 66 4.45 -0.72 7.07
C GLU A 66 3.22 -1.60 7.21
N LYS A 67 3.44 -2.85 7.60
CA LYS A 67 2.34 -3.80 7.78
C LYS A 67 1.32 -3.28 8.77
N LYS A 68 0.10 -3.02 8.30
CA LYS A 68 -0.97 -2.51 9.15
C LYS A 68 -1.84 -3.66 9.67
N ASN A 69 -1.24 -4.52 10.49
CA ASN A 69 -1.96 -5.66 11.07
C ASN A 69 -3.21 -5.19 11.80
N SER A 70 -4.36 -5.39 11.18
CA SER A 70 -5.63 -4.99 11.78
C SER A 70 -6.06 -5.98 12.86
N GLY A 71 -5.86 -5.59 14.12
CA GLY A 71 -6.23 -6.46 15.23
C GLY A 71 -7.73 -6.58 15.39
N PRO A 72 -8.17 -7.56 16.21
CA PRO A 72 -9.59 -7.80 16.46
C PRO A 72 -10.22 -6.68 17.30
N SER A 73 -10.66 -5.62 16.62
CA SER A 73 -11.28 -4.50 17.30
C SER A 73 -12.66 -4.87 17.81
N SER A 74 -13.60 -5.11 16.89
CA SER A 74 -14.96 -5.47 17.26
C SER A 74 -15.26 -6.90 16.84
N GLY A 75 -16.09 -7.58 17.63
CA GLY A 75 -16.45 -8.95 17.33
C GLY A 75 -15.31 -9.93 17.58
N GLY A 1 4.17 -25.34 14.00
CA GLY A 1 5.25 -24.44 13.68
C GLY A 1 4.77 -23.06 13.27
N SER A 2 4.52 -22.89 11.97
CA SER A 2 4.05 -21.61 11.45
C SER A 2 2.53 -21.58 11.38
N SER A 3 1.94 -20.60 12.05
CA SER A 3 0.48 -20.47 12.08
C SER A 3 0.01 -19.53 10.97
N GLY A 4 -1.04 -19.94 10.26
CA GLY A 4 -1.57 -19.13 9.18
C GLY A 4 -2.53 -19.90 8.29
N SER A 5 -3.82 -19.56 8.38
CA SER A 5 -4.84 -20.22 7.58
C SER A 5 -4.63 -19.96 6.10
N SER A 6 -4.20 -18.75 5.77
CA SER A 6 -3.96 -18.36 4.38
C SER A 6 -5.26 -18.42 3.57
N GLY A 7 -6.37 -18.15 4.25
CA GLY A 7 -7.66 -18.17 3.58
C GLY A 7 -8.11 -16.79 3.15
N ASN A 8 -8.63 -16.01 4.10
CA ASN A 8 -9.10 -14.66 3.81
C ASN A 8 -8.19 -13.62 4.47
N LEU A 9 -7.24 -13.11 3.70
CA LEU A 9 -6.31 -12.10 4.21
C LEU A 9 -6.00 -11.06 3.14
N LYS A 10 -5.49 -9.91 3.57
CA LYS A 10 -5.14 -8.83 2.65
C LYS A 10 -3.77 -8.25 2.98
N ASP A 11 -3.07 -7.76 1.96
CA ASP A 11 -1.76 -7.17 2.14
C ASP A 11 -1.84 -5.65 2.17
N VAL A 12 -2.68 -5.12 3.04
CA VAL A 12 -2.84 -3.67 3.17
C VAL A 12 -1.72 -3.06 4.00
N TYR A 13 -0.93 -2.20 3.35
CA TYR A 13 0.19 -1.54 4.02
C TYR A 13 -0.07 -0.05 4.15
N VAL A 14 0.32 0.52 5.30
CA VAL A 14 0.14 1.94 5.55
C VAL A 14 1.44 2.71 5.35
N SER A 15 1.33 3.92 4.83
CA SER A 15 2.50 4.76 4.58
C SER A 15 3.11 5.24 5.89
N ILE A 16 4.43 5.18 5.99
CA ILE A 16 5.14 5.62 7.18
C ILE A 16 6.05 6.81 6.88
N ALA A 17 5.73 7.54 5.83
CA ALA A 17 6.51 8.70 5.44
C ALA A 17 5.91 9.40 4.22
N ASP A 18 6.07 10.71 4.15
CA ASP A 18 5.53 11.49 3.03
C ASP A 18 6.46 11.41 1.83
N TYR A 19 5.89 11.11 0.67
CA TYR A 19 6.66 11.01 -0.57
C TYR A 19 6.30 12.12 -1.53
N GLU A 20 7.28 12.55 -2.32
CA GLU A 20 7.06 13.61 -3.30
C GLU A 20 6.40 13.06 -4.57
N GLY A 21 7.03 12.07 -5.17
CA GLY A 21 6.49 11.48 -6.39
C GLY A 21 7.10 12.06 -7.64
N ASP A 22 7.74 11.22 -8.45
CA ASP A 22 8.37 11.67 -9.68
C ASP A 22 7.40 11.57 -10.85
N GLU A 23 7.89 11.84 -12.05
CA GLU A 23 7.07 11.79 -13.25
C GLU A 23 6.70 10.35 -13.60
N GLU A 24 7.57 9.42 -13.22
CA GLU A 24 7.33 8.00 -13.51
C GLU A 24 6.51 7.36 -12.39
N THR A 25 6.86 7.66 -11.14
CA THR A 25 6.15 7.11 -9.99
C THR A 25 5.05 8.06 -9.53
N ALA A 26 4.32 7.64 -8.50
CA ALA A 26 3.24 8.45 -7.95
C ALA A 26 3.59 8.98 -6.57
N GLY A 27 2.99 10.11 -6.20
CA GLY A 27 3.26 10.71 -4.91
C GLY A 27 2.16 10.42 -3.89
N PHE A 28 2.46 10.63 -2.62
CA PHE A 28 1.50 10.38 -1.56
C PHE A 28 1.98 10.99 -0.24
N GLN A 29 1.12 10.93 0.78
CA GLN A 29 1.46 11.47 2.09
C GLN A 29 1.36 10.39 3.17
N GLU A 30 2.10 10.59 4.26
CA GLU A 30 2.08 9.63 5.36
C GLU A 30 0.72 9.59 6.04
N GLY A 31 0.16 8.39 6.16
CA GLY A 31 -1.14 8.24 6.81
C GLY A 31 -2.20 7.77 5.83
N VAL A 32 -1.77 7.20 4.71
CA VAL A 32 -2.70 6.71 3.70
C VAL A 32 -2.83 5.19 3.77
N SER A 33 -3.93 4.67 3.22
CA SER A 33 -4.18 3.24 3.22
C SER A 33 -3.99 2.65 1.83
N MET A 34 -2.93 1.87 1.66
CA MET A 34 -2.63 1.25 0.37
C MET A 34 -2.78 -0.27 0.45
N GLU A 35 -2.91 -0.91 -0.70
CA GLU A 35 -3.05 -2.36 -0.76
C GLU A 35 -2.03 -2.97 -1.71
N VAL A 36 -1.01 -3.61 -1.15
CA VAL A 36 0.02 -4.24 -1.95
C VAL A 36 -0.57 -5.16 -3.01
N LEU A 37 -0.30 -4.85 -4.27
CA LEU A 37 -0.81 -5.66 -5.38
C LEU A 37 0.29 -6.51 -5.99
N GLU A 38 1.40 -5.87 -6.36
CA GLU A 38 2.52 -6.58 -6.95
C GLU A 38 3.84 -6.18 -6.28
N ARG A 39 4.92 -6.86 -6.63
CA ARG A 39 6.23 -6.57 -6.07
C ARG A 39 7.34 -6.94 -7.06
N ASN A 40 8.18 -5.97 -7.38
CA ASN A 40 9.29 -6.18 -8.30
C ASN A 40 10.55 -6.61 -7.56
N PRO A 41 11.50 -7.21 -8.30
CA PRO A 41 12.76 -7.67 -7.73
C PRO A 41 13.67 -6.52 -7.33
N ASN A 42 13.35 -5.32 -7.80
CA ASN A 42 14.14 -4.13 -7.50
C ASN A 42 13.75 -3.56 -6.14
N GLY A 43 12.57 -3.92 -5.67
CA GLY A 43 12.10 -3.43 -4.38
C GLY A 43 10.80 -2.66 -4.49
N TRP A 44 10.58 -2.02 -5.64
CA TRP A 44 9.37 -1.25 -5.87
C TRP A 44 8.16 -2.16 -5.98
N TRP A 45 7.12 -1.84 -5.22
CA TRP A 45 5.88 -2.63 -5.23
C TRP A 45 4.72 -1.81 -5.77
N TYR A 46 3.76 -2.49 -6.39
CA TYR A 46 2.59 -1.84 -6.96
C TYR A 46 1.44 -1.84 -5.97
N CYS A 47 1.24 -0.72 -5.28
CA CYS A 47 0.17 -0.60 -4.30
C CYS A 47 -1.01 0.20 -4.88
N GLN A 48 -2.02 0.43 -4.04
CA GLN A 48 -3.19 1.17 -4.47
C GLN A 48 -3.64 2.16 -3.39
N ILE A 49 -3.28 3.42 -3.56
CA ILE A 49 -3.65 4.45 -2.60
C ILE A 49 -5.16 4.57 -2.47
N LEU A 50 -5.68 4.27 -1.29
CA LEU A 50 -7.11 4.35 -1.02
C LEU A 50 -7.48 5.65 -0.34
N ASP A 51 -6.89 6.75 -0.81
CA ASP A 51 -7.15 8.06 -0.23
C ASP A 51 -8.65 8.33 -0.16
N GLY A 52 -9.40 7.75 -1.09
CA GLY A 52 -10.84 7.94 -1.12
C GLY A 52 -11.25 9.16 -1.94
N VAL A 53 -10.85 10.34 -1.49
CA VAL A 53 -11.18 11.57 -2.19
C VAL A 53 -10.50 11.64 -3.54
N LYS A 54 -9.27 11.13 -3.61
CA LYS A 54 -8.51 11.12 -4.86
C LYS A 54 -7.51 9.96 -4.88
N PRO A 55 -8.04 8.73 -4.96
CA PRO A 55 -7.22 7.52 -5.00
C PRO A 55 -6.45 7.39 -6.31
N PHE A 56 -5.38 6.60 -6.27
CA PHE A 56 -4.56 6.38 -7.46
C PHE A 56 -3.52 5.28 -7.21
N LYS A 57 -3.03 4.68 -8.29
CA LYS A 57 -2.04 3.62 -8.19
C LYS A 57 -0.65 4.14 -8.58
N GLY A 58 0.33 3.25 -8.52
CA GLY A 58 1.69 3.64 -8.87
C GLY A 58 2.73 2.94 -8.01
N TRP A 59 3.73 2.35 -8.65
CA TRP A 59 4.79 1.65 -7.94
C TRP A 59 5.43 2.55 -6.88
N VAL A 60 5.36 2.13 -5.62
CA VAL A 60 5.93 2.90 -4.52
C VAL A 60 7.05 2.13 -3.84
N PRO A 61 7.96 2.86 -3.19
CA PRO A 61 9.10 2.27 -2.48
C PRO A 61 8.67 1.50 -1.23
N SER A 62 9.05 0.23 -1.16
CA SER A 62 8.69 -0.61 -0.03
C SER A 62 9.12 0.05 1.28
N ASN A 63 10.18 0.85 1.22
CA ASN A 63 10.69 1.54 2.40
C ASN A 63 9.62 2.44 3.01
N TYR A 64 8.73 2.94 2.16
CA TYR A 64 7.66 3.83 2.61
C TYR A 64 6.38 3.05 2.87
N LEU A 65 6.53 1.81 3.33
CA LEU A 65 5.38 0.95 3.62
C LEU A 65 5.66 0.07 4.84
N GLU A 66 4.65 -0.09 5.68
CA GLU A 66 4.77 -0.91 6.88
C GLU A 66 3.51 -1.73 7.12
N LYS A 67 3.68 -3.00 7.47
CA LYS A 67 2.55 -3.89 7.72
C LYS A 67 1.62 -3.28 8.77
N LYS A 68 0.40 -2.96 8.36
CA LYS A 68 -0.59 -2.39 9.25
C LYS A 68 -1.23 -3.46 10.13
N ASN A 69 -1.01 -3.37 11.43
CA ASN A 69 -1.56 -4.34 12.38
C ASN A 69 -2.69 -3.72 13.18
N SER A 70 -3.42 -2.79 12.57
CA SER A 70 -4.53 -2.12 13.22
C SER A 70 -5.86 -2.66 12.74
N GLY A 71 -6.78 -2.90 13.67
CA GLY A 71 -8.08 -3.42 13.30
C GLY A 71 -8.70 -4.26 14.41
N PRO A 72 -9.86 -4.86 14.13
CA PRO A 72 -10.58 -5.69 15.10
C PRO A 72 -9.85 -7.01 15.37
N SER A 73 -10.47 -7.86 16.19
CA SER A 73 -9.89 -9.15 16.53
C SER A 73 -9.88 -10.09 15.32
N SER A 74 -11.04 -10.22 14.68
CA SER A 74 -11.16 -11.09 13.52
C SER A 74 -11.08 -10.28 12.23
N GLY A 75 -9.86 -10.13 11.72
CA GLY A 75 -9.67 -9.37 10.49
C GLY A 75 -9.50 -10.27 9.28
N GLY A 1 -16.67 5.02 1.63
CA GLY A 1 -17.20 5.23 0.29
C GLY A 1 -17.91 4.00 -0.25
N SER A 2 -17.40 2.82 0.10
CA SER A 2 -17.98 1.58 -0.36
C SER A 2 -18.68 0.84 0.77
N SER A 3 -19.96 0.55 0.59
CA SER A 3 -20.74 -0.15 1.61
C SER A 3 -20.76 -1.64 1.34
N GLY A 4 -19.79 -2.36 1.90
CA GLY A 4 -19.72 -3.79 1.71
C GLY A 4 -18.32 -4.35 1.99
N SER A 5 -18.04 -4.59 3.26
CA SER A 5 -16.73 -5.12 3.66
C SER A 5 -16.78 -6.63 3.83
N SER A 6 -15.85 -7.33 3.19
CA SER A 6 -15.79 -8.79 3.27
C SER A 6 -14.43 -9.29 2.82
N GLY A 7 -14.01 -10.43 3.39
CA GLY A 7 -12.73 -11.00 3.04
C GLY A 7 -11.98 -11.54 4.23
N ASN A 8 -10.89 -12.26 3.98
CA ASN A 8 -10.09 -12.83 5.06
C ASN A 8 -8.63 -12.41 4.92
N LEU A 9 -7.94 -12.96 3.93
CA LEU A 9 -6.54 -12.63 3.70
C LEU A 9 -6.40 -11.43 2.76
N LYS A 10 -5.45 -10.56 3.06
CA LYS A 10 -5.21 -9.37 2.25
C LYS A 10 -3.95 -8.65 2.70
N ASP A 11 -3.37 -7.86 1.80
CA ASP A 11 -2.16 -7.11 2.11
C ASP A 11 -2.44 -5.62 2.16
N VAL A 12 -2.48 -5.06 3.37
CA VAL A 12 -2.74 -3.64 3.56
C VAL A 12 -1.60 -2.96 4.29
N TYR A 13 -0.82 -2.17 3.56
CA TYR A 13 0.32 -1.46 4.14
C TYR A 13 0.03 0.04 4.24
N VAL A 14 0.43 0.63 5.35
CA VAL A 14 0.22 2.06 5.58
C VAL A 14 1.51 2.84 5.42
N SER A 15 1.44 3.96 4.70
CA SER A 15 2.61 4.79 4.48
C SER A 15 3.19 5.30 5.80
N ILE A 16 4.50 5.26 5.91
CA ILE A 16 5.19 5.71 7.12
C ILE A 16 6.10 6.90 6.83
N ALA A 17 5.80 7.61 5.75
CA ALA A 17 6.59 8.78 5.36
C ALA A 17 6.00 9.45 4.13
N ASP A 18 6.06 10.78 4.11
CA ASP A 18 5.53 11.55 2.98
C ASP A 18 6.47 11.47 1.79
N TYR A 19 5.90 11.15 0.63
CA TYR A 19 6.69 11.04 -0.60
C TYR A 19 6.26 12.09 -1.61
N GLU A 20 7.21 12.52 -2.44
CA GLU A 20 6.94 13.52 -3.46
C GLU A 20 6.34 12.89 -4.71
N GLY A 21 6.96 11.82 -5.18
CA GLY A 21 6.48 11.13 -6.37
C GLY A 21 7.10 11.69 -7.65
N ASP A 22 8.06 10.95 -8.19
CA ASP A 22 8.74 11.37 -9.42
C ASP A 22 7.75 11.44 -10.58
N GLU A 23 8.24 11.86 -11.74
CA GLU A 23 7.40 11.98 -12.93
C GLU A 23 6.93 10.61 -13.40
N GLU A 24 7.71 9.58 -13.10
CA GLU A 24 7.38 8.22 -13.51
C GLU A 24 6.55 7.53 -12.43
N THR A 25 6.90 7.77 -11.17
CA THR A 25 6.19 7.18 -10.04
C THR A 25 5.07 8.08 -9.56
N ALA A 26 4.33 7.62 -8.56
CA ALA A 26 3.23 8.39 -7.99
C ALA A 26 3.57 8.91 -6.60
N GLY A 27 2.99 10.06 -6.24
CA GLY A 27 3.25 10.64 -4.94
C GLY A 27 2.13 10.38 -3.95
N PHE A 28 2.44 10.47 -2.66
CA PHE A 28 1.46 10.24 -1.62
C PHE A 28 1.87 10.91 -0.31
N GLN A 29 1.04 10.78 0.71
CA GLN A 29 1.32 11.38 2.01
C GLN A 29 1.29 10.32 3.11
N GLU A 30 2.07 10.56 4.17
CA GLU A 30 2.13 9.64 5.29
C GLU A 30 0.79 9.55 6.01
N GLY A 31 0.25 8.35 6.11
CA GLY A 31 -1.03 8.16 6.78
C GLY A 31 -2.11 7.69 5.83
N VAL A 32 -1.71 7.14 4.69
CA VAL A 32 -2.66 6.66 3.70
C VAL A 32 -2.77 5.13 3.76
N SER A 33 -3.88 4.61 3.24
CA SER A 33 -4.12 3.17 3.23
C SER A 33 -3.95 2.60 1.82
N MET A 34 -2.90 1.81 1.63
CA MET A 34 -2.63 1.20 0.34
C MET A 34 -2.76 -0.31 0.41
N GLU A 35 -2.94 -0.95 -0.74
CA GLU A 35 -3.09 -2.39 -0.80
C GLU A 35 -2.06 -3.01 -1.76
N VAL A 36 -1.05 -3.66 -1.21
CA VAL A 36 -0.01 -4.28 -2.00
C VAL A 36 -0.60 -5.19 -3.08
N LEU A 37 -0.33 -4.86 -4.34
CA LEU A 37 -0.84 -5.64 -5.45
C LEU A 37 0.27 -6.48 -6.08
N GLU A 38 1.38 -5.84 -6.41
CA GLU A 38 2.51 -6.53 -7.01
C GLU A 38 3.82 -6.12 -6.34
N ARG A 39 4.91 -6.80 -6.71
CA ARG A 39 6.22 -6.51 -6.14
C ARG A 39 7.32 -6.86 -7.13
N ASN A 40 8.21 -5.91 -7.39
CA ASN A 40 9.32 -6.13 -8.31
C ASN A 40 10.57 -6.56 -7.56
N PRO A 41 11.52 -7.17 -8.30
CA PRO A 41 12.78 -7.65 -7.73
C PRO A 41 13.70 -6.50 -7.31
N ASN A 42 13.36 -5.29 -7.74
CA ASN A 42 14.15 -4.11 -7.41
C ASN A 42 13.75 -3.53 -6.06
N GLY A 43 12.54 -3.89 -5.62
CA GLY A 43 12.05 -3.40 -4.34
C GLY A 43 10.76 -2.62 -4.48
N TRP A 44 10.56 -1.99 -5.63
CA TRP A 44 9.35 -1.21 -5.87
C TRP A 44 8.13 -2.13 -5.99
N TRP A 45 7.10 -1.82 -5.21
CA TRP A 45 5.87 -2.61 -5.23
C TRP A 45 4.70 -1.79 -5.76
N TYR A 46 3.76 -2.45 -6.41
CA TYR A 46 2.59 -1.78 -6.96
C TYR A 46 1.42 -1.83 -5.99
N CYS A 47 1.22 -0.71 -5.29
CA CYS A 47 0.13 -0.62 -4.32
C CYS A 47 -1.04 0.16 -4.88
N GLN A 48 -2.05 0.40 -4.05
CA GLN A 48 -3.24 1.14 -4.48
C GLN A 48 -3.69 2.11 -3.39
N ILE A 49 -3.34 3.38 -3.55
CA ILE A 49 -3.71 4.41 -2.59
C ILE A 49 -5.22 4.50 -2.44
N LEU A 50 -5.71 4.24 -1.24
CA LEU A 50 -7.15 4.30 -0.97
C LEU A 50 -7.52 5.60 -0.28
N ASP A 51 -6.95 6.70 -0.77
CA ASP A 51 -7.22 8.02 -0.20
C ASP A 51 -8.72 8.27 -0.12
N GLY A 52 -9.46 7.79 -1.11
CA GLY A 52 -10.90 7.98 -1.14
C GLY A 52 -11.31 9.20 -1.92
N VAL A 53 -10.95 10.38 -1.43
CA VAL A 53 -11.30 11.62 -2.10
C VAL A 53 -10.62 11.72 -3.47
N LYS A 54 -9.51 11.01 -3.62
CA LYS A 54 -8.78 11.01 -4.89
C LYS A 54 -7.69 9.95 -4.87
N PRO A 55 -8.10 8.67 -4.87
CA PRO A 55 -7.16 7.54 -4.86
C PRO A 55 -6.41 7.39 -6.18
N PHE A 56 -5.42 6.51 -6.20
CA PHE A 56 -4.62 6.28 -7.40
C PHE A 56 -3.58 5.18 -7.15
N LYS A 57 -3.04 4.64 -8.24
CA LYS A 57 -2.03 3.60 -8.14
C LYS A 57 -0.65 4.14 -8.52
N GLY A 58 0.35 3.26 -8.49
CA GLY A 58 1.70 3.67 -8.84
C GLY A 58 2.75 2.98 -7.99
N TRP A 59 3.73 2.37 -8.65
CA TRP A 59 4.79 1.66 -7.95
C TRP A 59 5.45 2.56 -6.90
N VAL A 60 5.34 2.15 -5.64
CA VAL A 60 5.92 2.92 -4.54
C VAL A 60 7.05 2.15 -3.86
N PRO A 61 7.96 2.89 -3.20
CA PRO A 61 9.10 2.29 -2.51
C PRO A 61 8.68 1.53 -1.25
N SER A 62 9.05 0.25 -1.20
CA SER A 62 8.71 -0.58 -0.05
C SER A 62 9.15 0.06 1.26
N ASN A 63 10.20 0.87 1.19
CA ASN A 63 10.72 1.56 2.36
C ASN A 63 9.66 2.48 2.97
N TYR A 64 8.78 3.00 2.12
CA TYR A 64 7.72 3.90 2.56
C TYR A 64 6.42 3.13 2.80
N LEU A 65 6.56 1.89 3.26
CA LEU A 65 5.39 1.05 3.54
C LEU A 65 5.61 0.21 4.79
N GLU A 66 4.54 -0.02 5.55
CA GLU A 66 4.61 -0.80 6.77
C GLU A 66 3.39 -1.70 6.92
N LYS A 67 3.61 -2.91 7.40
CA LYS A 67 2.51 -3.87 7.60
C LYS A 67 1.60 -3.42 8.73
N LYS A 68 0.34 -3.17 8.41
CA LYS A 68 -0.64 -2.73 9.40
C LYS A 68 -1.36 -3.94 10.01
N ASN A 69 -1.30 -4.05 11.33
CA ASN A 69 -1.95 -5.15 12.03
C ASN A 69 -3.34 -4.74 12.50
N SER A 70 -4.29 -4.66 11.57
CA SER A 70 -5.66 -4.28 11.89
C SER A 70 -6.65 -5.31 11.38
N GLY A 71 -7.53 -5.77 12.27
CA GLY A 71 -8.51 -6.77 11.89
C GLY A 71 -8.54 -7.96 12.83
N PRO A 72 -9.42 -8.93 12.54
CA PRO A 72 -9.57 -10.13 13.37
C PRO A 72 -8.35 -11.05 13.26
N SER A 73 -8.24 -12.00 14.19
CA SER A 73 -7.13 -12.93 14.20
C SER A 73 -7.23 -13.90 13.02
N SER A 74 -6.15 -14.64 12.79
CA SER A 74 -6.11 -15.59 11.68
C SER A 74 -5.59 -16.95 12.15
N GLY A 75 -6.27 -18.02 11.74
CA GLY A 75 -5.86 -19.35 12.12
C GLY A 75 -7.01 -20.33 12.13
N GLY A 1 12.02 -19.22 -8.74
CA GLY A 1 10.74 -19.02 -8.10
C GLY A 1 9.60 -18.92 -9.10
N SER A 2 8.37 -19.03 -8.62
CA SER A 2 7.19 -18.95 -9.48
C SER A 2 6.20 -17.93 -8.96
N SER A 3 5.69 -18.17 -7.75
CA SER A 3 4.73 -17.27 -7.14
C SER A 3 3.53 -17.04 -8.06
N GLY A 4 2.98 -18.13 -8.59
CA GLY A 4 1.84 -18.03 -9.49
C GLY A 4 0.59 -18.62 -8.88
N SER A 5 -0.06 -17.85 -7.99
CA SER A 5 -1.28 -18.31 -7.34
C SER A 5 -2.11 -17.12 -6.87
N SER A 6 -3.43 -17.28 -6.89
CA SER A 6 -4.34 -16.23 -6.47
C SER A 6 -5.41 -16.77 -5.53
N GLY A 7 -6.02 -15.89 -4.75
CA GLY A 7 -7.05 -16.30 -3.81
C GLY A 7 -7.75 -15.12 -3.17
N ASN A 8 -7.84 -15.15 -1.84
CA ASN A 8 -8.48 -14.08 -1.09
C ASN A 8 -7.51 -13.42 -0.12
N LEU A 9 -6.24 -13.40 -0.50
CA LEU A 9 -5.20 -12.80 0.35
C LEU A 9 -5.05 -11.32 0.05
N LYS A 10 -4.87 -10.53 1.10
CA LYS A 10 -4.70 -9.08 0.95
C LYS A 10 -3.54 -8.58 1.82
N ASP A 11 -2.83 -7.58 1.32
CA ASP A 11 -1.71 -7.00 2.06
C ASP A 11 -1.84 -5.49 2.14
N VAL A 12 -2.66 -5.02 3.08
CA VAL A 12 -2.87 -3.59 3.26
C VAL A 12 -1.73 -2.96 4.07
N TYR A 13 -0.92 -2.15 3.39
CA TYR A 13 0.21 -1.49 4.04
C TYR A 13 -0.05 0.01 4.17
N VAL A 14 0.33 0.56 5.32
CA VAL A 14 0.15 1.99 5.57
C VAL A 14 1.46 2.75 5.40
N SER A 15 1.38 3.93 4.78
CA SER A 15 2.55 4.76 4.55
C SER A 15 3.15 5.24 5.86
N ILE A 16 4.47 5.21 5.96
CA ILE A 16 5.16 5.65 7.16
C ILE A 16 6.07 6.84 6.87
N ALA A 17 5.76 7.57 5.80
CA ALA A 17 6.55 8.73 5.42
C ALA A 17 5.94 9.42 4.20
N ASP A 18 6.12 10.74 4.13
CA ASP A 18 5.59 11.52 3.02
C ASP A 18 6.50 11.41 1.79
N TYR A 19 5.89 11.28 0.62
CA TYR A 19 6.64 11.17 -0.62
C TYR A 19 6.19 12.21 -1.63
N GLU A 20 7.10 12.58 -2.53
CA GLU A 20 6.79 13.58 -3.56
C GLU A 20 6.22 12.92 -4.81
N GLY A 21 6.83 11.81 -5.21
CA GLY A 21 6.38 11.10 -6.40
C GLY A 21 6.98 11.65 -7.68
N ASP A 22 7.98 10.94 -8.22
CA ASP A 22 8.63 11.36 -9.44
C ASP A 22 7.65 11.45 -10.59
N GLU A 23 8.14 11.87 -11.76
CA GLU A 23 7.28 11.99 -12.94
C GLU A 23 6.77 10.63 -13.38
N GLU A 24 7.54 9.60 -13.12
CA GLU A 24 7.16 8.23 -13.50
C GLU A 24 6.34 7.57 -12.39
N THR A 25 6.82 7.70 -11.15
CA THR A 25 6.14 7.12 -10.00
C THR A 25 5.02 8.03 -9.51
N ALA A 26 4.30 7.57 -8.49
CA ALA A 26 3.19 8.34 -7.93
C ALA A 26 3.55 8.86 -6.53
N GLY A 27 2.99 10.01 -6.18
CA GLY A 27 3.26 10.59 -4.88
C GLY A 27 2.14 10.33 -3.88
N PHE A 28 2.44 10.51 -2.60
CA PHE A 28 1.46 10.28 -1.55
C PHE A 28 1.88 10.96 -0.26
N GLN A 29 1.09 10.76 0.80
CA GLN A 29 1.38 11.36 2.10
C GLN A 29 1.34 10.32 3.20
N GLU A 30 2.10 10.56 4.27
CA GLU A 30 2.15 9.63 5.40
C GLU A 30 0.80 9.56 6.10
N GLY A 31 0.24 8.36 6.16
CA GLY A 31 -1.05 8.17 6.82
C GLY A 31 -2.13 7.71 5.86
N VAL A 32 -1.71 7.17 4.72
CA VAL A 32 -2.65 6.70 3.71
C VAL A 32 -2.78 5.18 3.77
N SER A 33 -3.89 4.67 3.23
CA SER A 33 -4.15 3.24 3.22
C SER A 33 -3.97 2.65 1.83
N MET A 34 -2.92 1.86 1.65
CA MET A 34 -2.62 1.25 0.36
C MET A 34 -2.77 -0.27 0.44
N GLU A 35 -2.91 -0.91 -0.71
CA GLU A 35 -3.06 -2.36 -0.77
C GLU A 35 -2.04 -2.98 -1.72
N VAL A 36 -1.02 -3.62 -1.16
CA VAL A 36 0.03 -4.25 -1.96
C VAL A 36 -0.57 -5.16 -3.01
N LEU A 37 -0.31 -4.85 -4.28
CA LEU A 37 -0.82 -5.64 -5.38
C LEU A 37 0.28 -6.52 -5.98
N GLU A 38 1.40 -5.89 -6.35
CA GLU A 38 2.52 -6.61 -6.93
C GLU A 38 3.83 -6.18 -6.27
N ARG A 39 4.92 -6.86 -6.63
CA ARG A 39 6.23 -6.56 -6.09
C ARG A 39 7.34 -6.91 -7.08
N ASN A 40 8.20 -5.95 -7.36
CA ASN A 40 9.30 -6.17 -8.29
C ASN A 40 10.57 -6.60 -7.56
N PRO A 41 11.51 -7.20 -8.30
CA PRO A 41 12.78 -7.67 -7.73
C PRO A 41 13.69 -6.52 -7.32
N ASN A 42 13.36 -5.31 -7.77
CA ASN A 42 14.14 -4.13 -7.45
C ASN A 42 13.74 -3.55 -6.10
N GLY A 43 12.55 -3.91 -5.64
CA GLY A 43 12.08 -3.42 -4.36
C GLY A 43 10.78 -2.65 -4.48
N TRP A 44 10.57 -2.01 -5.63
CA TRP A 44 9.36 -1.23 -5.87
C TRP A 44 8.14 -2.15 -5.98
N TRP A 45 7.11 -1.83 -5.21
CA TRP A 45 5.87 -2.62 -5.22
C TRP A 45 4.70 -1.80 -5.76
N TYR A 46 3.76 -2.49 -6.39
CA TYR A 46 2.59 -1.82 -6.96
C TYR A 46 1.42 -1.84 -5.97
N CYS A 47 1.22 -0.71 -5.29
CA CYS A 47 0.14 -0.61 -4.31
C CYS A 47 -1.03 0.19 -4.88
N GLN A 48 -2.03 0.44 -4.05
CA GLN A 48 -3.21 1.19 -4.47
C GLN A 48 -3.65 2.17 -3.40
N ILE A 49 -3.28 3.43 -3.57
CA ILE A 49 -3.65 4.47 -2.60
C ILE A 49 -5.16 4.59 -2.47
N LEU A 50 -5.66 4.30 -1.28
CA LEU A 50 -7.10 4.38 -1.02
C LEU A 50 -7.46 5.68 -0.30
N ASP A 51 -6.86 6.78 -0.77
CA ASP A 51 -7.11 8.09 -0.18
C ASP A 51 -8.62 8.36 -0.09
N GLY A 52 -9.36 7.84 -1.06
CA GLY A 52 -10.80 8.05 -1.09
C GLY A 52 -11.20 9.26 -1.90
N VAL A 53 -10.80 10.44 -1.45
CA VAL A 53 -11.12 11.67 -2.15
C VAL A 53 -10.49 11.71 -3.53
N LYS A 54 -9.34 11.06 -3.66
CA LYS A 54 -8.62 11.00 -4.93
C LYS A 54 -7.62 9.86 -4.95
N PRO A 55 -8.13 8.62 -5.02
CA PRO A 55 -7.29 7.41 -5.06
C PRO A 55 -6.52 7.28 -6.36
N PHE A 56 -5.40 6.56 -6.30
CA PHE A 56 -4.57 6.35 -7.49
C PHE A 56 -3.52 5.27 -7.23
N LYS A 57 -3.03 4.66 -8.30
CA LYS A 57 -2.03 3.61 -8.20
C LYS A 57 -0.66 4.12 -8.59
N GLY A 58 0.34 3.25 -8.53
CA GLY A 58 1.70 3.63 -8.88
C GLY A 58 2.73 2.95 -8.02
N TRP A 59 3.72 2.32 -8.66
CA TRP A 59 4.78 1.62 -7.95
C TRP A 59 5.41 2.54 -6.91
N VAL A 60 5.34 2.12 -5.65
CA VAL A 60 5.91 2.89 -4.55
C VAL A 60 7.03 2.13 -3.86
N PRO A 61 7.94 2.87 -3.21
CA PRO A 61 9.08 2.28 -2.50
C PRO A 61 8.65 1.52 -1.25
N SER A 62 9.03 0.25 -1.18
CA SER A 62 8.68 -0.59 -0.04
C SER A 62 9.11 0.07 1.26
N ASN A 63 10.16 0.87 1.20
CA ASN A 63 10.68 1.56 2.38
C ASN A 63 9.61 2.48 2.98
N TYR A 64 8.72 2.97 2.14
CA TYR A 64 7.65 3.85 2.59
C TYR A 64 6.37 3.06 2.85
N LEU A 65 6.52 1.83 3.32
CA LEU A 65 5.38 0.98 3.61
C LEU A 65 5.65 0.11 4.85
N GLU A 66 4.63 -0.03 5.69
CA GLU A 66 4.76 -0.83 6.90
C GLU A 66 3.52 -1.70 7.11
N LYS A 67 3.75 -2.96 7.47
CA LYS A 67 2.65 -3.90 7.71
C LYS A 67 1.71 -3.36 8.77
N LYS A 68 0.49 -3.01 8.37
CA LYS A 68 -0.51 -2.49 9.29
C LYS A 68 -1.27 -3.63 9.96
N ASN A 69 -1.79 -4.54 9.15
CA ASN A 69 -2.54 -5.68 9.66
C ASN A 69 -1.66 -6.56 10.55
N SER A 70 -2.28 -7.18 11.56
CA SER A 70 -1.56 -8.04 12.48
C SER A 70 -1.90 -9.51 12.23
N GLY A 71 -1.00 -10.22 11.57
CA GLY A 71 -1.22 -11.63 11.29
C GLY A 71 -0.46 -12.54 12.22
N PRO A 72 -0.59 -13.86 12.02
CA PRO A 72 0.09 -14.86 12.84
C PRO A 72 1.59 -14.87 12.62
N SER A 73 2.28 -15.71 13.39
CA SER A 73 3.74 -15.82 13.29
C SER A 73 4.14 -17.17 12.70
N SER A 74 3.90 -18.23 13.46
CA SER A 74 4.25 -19.57 13.01
C SER A 74 3.48 -19.94 11.75
N GLY A 75 4.00 -20.93 11.02
CA GLY A 75 3.34 -21.36 9.80
C GLY A 75 4.13 -22.43 9.07
N GLY A 1 -17.81 -24.17 -13.71
CA GLY A 1 -17.78 -24.73 -12.37
C GLY A 1 -17.30 -23.73 -11.34
N SER A 2 -16.81 -24.24 -10.21
CA SER A 2 -16.32 -23.39 -9.14
C SER A 2 -15.38 -24.16 -8.21
N SER A 3 -14.14 -23.71 -8.13
CA SER A 3 -13.15 -24.35 -7.28
C SER A 3 -12.02 -23.39 -6.92
N GLY A 4 -11.76 -23.24 -5.62
CA GLY A 4 -10.71 -22.34 -5.17
C GLY A 4 -11.03 -21.69 -3.84
N SER A 5 -11.09 -22.49 -2.79
CA SER A 5 -11.40 -21.99 -1.46
C SER A 5 -10.16 -21.41 -0.80
N SER A 6 -10.35 -20.36 0.00
CA SER A 6 -9.24 -19.72 0.70
C SER A 6 -9.76 -18.85 1.83
N GLY A 7 -8.84 -18.38 2.68
CA GLY A 7 -9.21 -17.53 3.79
C GLY A 7 -9.54 -16.11 3.37
N ASN A 8 -9.40 -15.17 4.29
CA ASN A 8 -9.69 -13.76 4.01
C ASN A 8 -8.58 -12.86 4.54
N LEU A 9 -7.46 -12.84 3.82
CA LEU A 9 -6.33 -12.01 4.22
C LEU A 9 -6.01 -10.96 3.15
N LYS A 10 -5.47 -9.83 3.58
CA LYS A 10 -5.12 -8.74 2.67
C LYS A 10 -3.79 -8.13 3.05
N ASP A 11 -3.00 -7.78 2.04
CA ASP A 11 -1.68 -7.18 2.26
C ASP A 11 -1.79 -5.65 2.29
N VAL A 12 -2.63 -5.13 3.17
CA VAL A 12 -2.82 -3.69 3.30
C VAL A 12 -1.69 -3.06 4.09
N TYR A 13 -0.91 -2.21 3.44
CA TYR A 13 0.21 -1.53 4.08
C TYR A 13 -0.06 -0.03 4.21
N VAL A 14 0.34 0.54 5.33
CA VAL A 14 0.15 1.97 5.58
C VAL A 14 1.46 2.73 5.40
N SER A 15 1.37 3.90 4.78
CA SER A 15 2.55 4.74 4.54
C SER A 15 3.14 5.22 5.85
N ILE A 16 4.47 5.20 5.94
CA ILE A 16 5.17 5.63 7.15
C ILE A 16 6.07 6.83 6.85
N ALA A 17 5.75 7.56 5.80
CA ALA A 17 6.54 8.72 5.41
C ALA A 17 5.93 9.43 4.21
N ASP A 18 6.10 10.75 4.15
CA ASP A 18 5.56 11.54 3.05
C ASP A 18 6.46 11.46 1.82
N TYR A 19 5.86 11.29 0.66
CA TYR A 19 6.60 11.19 -0.59
C TYR A 19 6.11 12.22 -1.60
N GLU A 20 7.01 12.64 -2.49
CA GLU A 20 6.68 13.63 -3.51
C GLU A 20 6.12 12.95 -4.76
N GLY A 21 6.87 11.97 -5.28
CA GLY A 21 6.44 11.26 -6.46
C GLY A 21 7.06 11.82 -7.73
N ASP A 22 7.97 11.05 -8.33
CA ASP A 22 8.64 11.47 -9.56
C ASP A 22 7.65 11.58 -10.71
N GLU A 23 8.16 11.88 -11.91
CA GLU A 23 7.31 12.01 -13.09
C GLU A 23 6.74 10.66 -13.50
N GLU A 24 7.48 9.59 -13.19
CA GLU A 24 7.05 8.24 -13.54
C GLU A 24 6.31 7.60 -12.38
N THR A 25 6.81 7.80 -11.17
CA THR A 25 6.19 7.24 -9.97
C THR A 25 5.09 8.15 -9.45
N ALA A 26 4.28 7.62 -8.53
CA ALA A 26 3.18 8.40 -7.95
C ALA A 26 3.55 8.89 -6.55
N GLY A 27 2.99 10.03 -6.17
CA GLY A 27 3.27 10.60 -4.87
C GLY A 27 2.16 10.33 -3.86
N PHE A 28 2.46 10.50 -2.58
CA PHE A 28 1.48 10.27 -1.53
C PHE A 28 1.90 10.96 -0.24
N GLN A 29 1.12 10.74 0.82
CA GLN A 29 1.41 11.34 2.11
C GLN A 29 1.36 10.30 3.22
N GLU A 30 2.12 10.53 4.29
CA GLU A 30 2.15 9.60 5.42
C GLU A 30 0.81 9.54 6.12
N GLY A 31 0.23 8.34 6.19
CA GLY A 31 -1.06 8.17 6.83
C GLY A 31 -2.13 7.71 5.86
N VAL A 32 -1.70 7.17 4.72
CA VAL A 32 -2.63 6.69 3.71
C VAL A 32 -2.78 5.17 3.76
N SER A 33 -3.89 4.66 3.22
CA SER A 33 -4.14 3.24 3.21
C SER A 33 -3.96 2.65 1.81
N MET A 34 -2.91 1.86 1.64
CA MET A 34 -2.62 1.24 0.35
C MET A 34 -2.77 -0.27 0.43
N GLU A 35 -2.91 -0.91 -0.73
CA GLU A 35 -3.06 -2.37 -0.79
C GLU A 35 -2.04 -2.98 -1.74
N VAL A 36 -1.02 -3.62 -1.18
CA VAL A 36 0.03 -4.25 -1.98
C VAL A 36 -0.58 -5.17 -3.04
N LEU A 37 -0.28 -4.87 -4.29
CA LEU A 37 -0.80 -5.68 -5.41
C LEU A 37 0.31 -6.55 -6.00
N GLU A 38 1.42 -5.92 -6.35
CA GLU A 38 2.56 -6.64 -6.94
C GLU A 38 3.86 -6.22 -6.28
N ARG A 39 4.94 -6.90 -6.63
CA ARG A 39 6.26 -6.60 -6.07
C ARG A 39 7.37 -6.97 -7.05
N ASN A 40 8.22 -5.99 -7.37
CA ASN A 40 9.31 -6.21 -8.30
C ASN A 40 10.58 -6.63 -7.55
N PRO A 41 11.53 -7.23 -8.29
CA PRO A 41 12.79 -7.70 -7.72
C PRO A 41 13.71 -6.53 -7.33
N ASN A 42 13.36 -5.33 -7.78
CA ASN A 42 14.15 -4.14 -7.47
C ASN A 42 13.75 -3.57 -6.12
N GLY A 43 12.56 -3.93 -5.65
CA GLY A 43 12.08 -3.45 -4.36
C GLY A 43 10.78 -2.66 -4.49
N TRP A 44 10.59 -2.04 -5.64
CA TRP A 44 9.37 -1.26 -5.89
C TRP A 44 8.15 -2.16 -5.99
N TRP A 45 7.11 -1.85 -5.23
CA TRP A 45 5.89 -2.63 -5.25
C TRP A 45 4.72 -1.81 -5.78
N TYR A 46 3.77 -2.48 -6.41
CA TYR A 46 2.59 -1.81 -6.97
C TYR A 46 1.43 -1.84 -5.98
N CYS A 47 1.21 -0.71 -5.30
CA CYS A 47 0.14 -0.60 -4.33
C CYS A 47 -1.03 0.19 -4.90
N GLN A 48 -2.04 0.44 -4.07
CA GLN A 48 -3.21 1.20 -4.49
C GLN A 48 -3.64 2.18 -3.40
N ILE A 49 -3.27 3.44 -3.58
CA ILE A 49 -3.63 4.48 -2.61
C ILE A 49 -5.14 4.61 -2.47
N LEU A 50 -5.65 4.32 -1.28
CA LEU A 50 -7.08 4.40 -1.01
C LEU A 50 -7.43 5.70 -0.30
N ASP A 51 -6.83 6.80 -0.76
CA ASP A 51 -7.08 8.10 -0.17
C ASP A 51 -8.58 8.39 -0.08
N GLY A 52 -9.33 7.91 -1.07
CA GLY A 52 -10.76 8.12 -1.09
C GLY A 52 -11.16 9.34 -1.91
N VAL A 53 -10.75 10.51 -1.45
CA VAL A 53 -11.07 11.75 -2.15
C VAL A 53 -10.42 11.79 -3.53
N LYS A 54 -9.33 11.04 -3.69
CA LYS A 54 -8.63 10.99 -4.96
C LYS A 54 -7.63 9.84 -4.98
N PRO A 55 -8.14 8.61 -5.06
CA PRO A 55 -7.31 7.40 -5.08
C PRO A 55 -6.53 7.27 -6.39
N PHE A 56 -5.39 6.58 -6.32
CA PHE A 56 -4.55 6.38 -7.49
C PHE A 56 -3.51 5.29 -7.23
N LYS A 57 -3.03 4.68 -8.31
CA LYS A 57 -2.02 3.62 -8.20
C LYS A 57 -0.64 4.14 -8.58
N GLY A 58 0.36 3.26 -8.53
CA GLY A 58 1.71 3.65 -8.87
C GLY A 58 2.75 2.96 -8.01
N TRP A 59 3.72 2.32 -8.66
CA TRP A 59 4.78 1.62 -7.95
C TRP A 59 5.43 2.52 -6.90
N VAL A 60 5.35 2.11 -5.64
CA VAL A 60 5.93 2.88 -4.54
C VAL A 60 7.04 2.10 -3.85
N PRO A 61 7.96 2.83 -3.19
CA PRO A 61 9.08 2.23 -2.48
C PRO A 61 8.64 1.48 -1.23
N SER A 62 9.00 0.20 -1.15
CA SER A 62 8.64 -0.62 -0.01
C SER A 62 9.08 0.03 1.30
N ASN A 63 10.14 0.83 1.23
CA ASN A 63 10.65 1.52 2.40
C ASN A 63 9.60 2.45 3.00
N TYR A 64 8.72 2.95 2.14
CA TYR A 64 7.67 3.86 2.58
C TYR A 64 6.37 3.10 2.83
N LEU A 65 6.49 1.87 3.30
CA LEU A 65 5.33 1.03 3.59
C LEU A 65 5.55 0.20 4.85
N GLU A 66 4.48 -0.06 5.58
CA GLU A 66 4.55 -0.84 6.80
C GLU A 66 3.31 -1.73 6.96
N LYS A 67 3.54 -2.97 7.38
CA LYS A 67 2.44 -3.92 7.57
C LYS A 67 1.44 -3.39 8.60
N LYS A 68 0.17 -3.32 8.19
CA LYS A 68 -0.88 -2.85 9.08
C LYS A 68 -1.82 -3.98 9.47
N ASN A 69 -2.44 -3.85 10.64
CA ASN A 69 -3.37 -4.86 11.13
C ASN A 69 -4.81 -4.38 11.02
N SER A 70 -5.11 -3.62 9.96
CA SER A 70 -6.45 -3.09 9.75
C SER A 70 -7.11 -3.76 8.56
N GLY A 71 -7.44 -5.04 8.71
CA GLY A 71 -8.07 -5.79 7.63
C GLY A 71 -9.54 -5.44 7.49
N PRO A 72 -10.16 -5.92 6.40
CA PRO A 72 -11.58 -5.68 6.12
C PRO A 72 -12.49 -6.42 7.08
N SER A 73 -13.80 -6.28 6.88
CA SER A 73 -14.78 -6.93 7.73
C SER A 73 -16.10 -7.11 7.00
N SER A 74 -16.45 -8.37 6.71
CA SER A 74 -17.68 -8.67 6.01
C SER A 74 -18.73 -9.22 6.97
N GLY A 75 -20.00 -8.95 6.67
CA GLY A 75 -21.08 -9.42 7.52
C GLY A 75 -22.28 -9.89 6.72
N GLY A 1 -9.18 -18.39 -12.78
CA GLY A 1 -10.29 -18.96 -13.50
C GLY A 1 -11.58 -18.18 -13.29
N SER A 2 -11.70 -17.06 -13.98
CA SER A 2 -12.89 -16.22 -13.87
C SER A 2 -13.18 -15.89 -12.41
N SER A 3 -12.12 -15.74 -11.62
CA SER A 3 -12.27 -15.43 -10.21
C SER A 3 -11.37 -14.26 -9.81
N GLY A 4 -11.98 -13.20 -9.29
CA GLY A 4 -11.22 -12.03 -8.90
C GLY A 4 -10.93 -12.02 -7.41
N SER A 5 -11.98 -12.09 -6.60
CA SER A 5 -11.83 -12.08 -5.15
C SER A 5 -11.23 -13.39 -4.65
N SER A 6 -9.91 -13.47 -4.67
CA SER A 6 -9.21 -14.68 -4.22
C SER A 6 -8.34 -14.38 -3.00
N GLY A 7 -8.61 -15.09 -1.91
CA GLY A 7 -7.84 -14.90 -0.69
C GLY A 7 -8.65 -14.23 0.40
N ASN A 8 -8.44 -14.65 1.64
CA ASN A 8 -9.16 -14.08 2.77
C ASN A 8 -8.38 -12.92 3.39
N LEU A 9 -7.09 -13.13 3.63
CA LEU A 9 -6.24 -12.10 4.22
C LEU A 9 -5.88 -11.05 3.18
N LYS A 10 -5.53 -9.86 3.65
CA LYS A 10 -5.15 -8.76 2.75
C LYS A 10 -3.79 -8.20 3.14
N ASP A 11 -3.03 -7.78 2.13
CA ASP A 11 -1.70 -7.22 2.37
C ASP A 11 -1.76 -5.69 2.36
N VAL A 12 -2.68 -5.12 3.14
CA VAL A 12 -2.82 -3.68 3.23
C VAL A 12 -1.69 -3.05 4.03
N TYR A 13 -0.92 -2.20 3.38
CA TYR A 13 0.20 -1.53 4.04
C TYR A 13 -0.06 -0.03 4.15
N VAL A 14 0.33 0.54 5.30
CA VAL A 14 0.14 1.96 5.55
C VAL A 14 1.45 2.72 5.37
N SER A 15 1.37 3.90 4.76
CA SER A 15 2.55 4.73 4.53
C SER A 15 3.14 5.21 5.85
N ILE A 16 4.47 5.19 5.93
CA ILE A 16 5.16 5.62 7.14
C ILE A 16 6.07 6.82 6.86
N ALA A 17 5.76 7.55 5.79
CA ALA A 17 6.55 8.71 5.40
C ALA A 17 5.95 9.42 4.20
N ASP A 18 6.10 10.73 4.15
CA ASP A 18 5.57 11.52 3.05
C ASP A 18 6.45 11.40 1.81
N TYR A 19 5.83 11.23 0.65
CA TYR A 19 6.56 11.10 -0.59
C TYR A 19 6.13 12.17 -1.60
N GLU A 20 7.09 12.70 -2.35
CA GLU A 20 6.80 13.72 -3.34
C GLU A 20 6.25 13.11 -4.62
N GLY A 21 6.93 12.08 -5.12
CA GLY A 21 6.49 11.42 -6.34
C GLY A 21 7.10 12.02 -7.59
N ASP A 22 7.85 11.22 -8.33
CA ASP A 22 8.50 11.69 -9.55
C ASP A 22 7.50 11.72 -10.72
N GLU A 23 8.01 12.02 -11.90
CA GLU A 23 7.15 12.08 -13.09
C GLU A 23 6.71 10.70 -13.52
N GLU A 24 7.52 9.69 -13.19
CA GLU A 24 7.21 8.31 -13.54
C GLU A 24 6.46 7.61 -12.41
N THR A 25 6.88 7.88 -11.18
CA THR A 25 6.25 7.29 -10.01
C THR A 25 5.13 8.17 -9.48
N ALA A 26 4.33 7.62 -8.56
CA ALA A 26 3.23 8.35 -7.97
C ALA A 26 3.58 8.86 -6.58
N GLY A 27 3.02 10.00 -6.21
CA GLY A 27 3.28 10.59 -4.90
C GLY A 27 2.17 10.30 -3.91
N PHE A 28 2.47 10.51 -2.62
CA PHE A 28 1.49 10.27 -1.57
C PHE A 28 1.92 10.96 -0.28
N GLN A 29 1.15 10.74 0.79
CA GLN A 29 1.44 11.34 2.08
C GLN A 29 1.38 10.29 3.19
N GLU A 30 2.13 10.53 4.26
CA GLU A 30 2.17 9.61 5.40
C GLU A 30 0.80 9.55 6.09
N GLY A 31 0.24 8.36 6.16
CA GLY A 31 -1.05 8.19 6.80
C GLY A 31 -2.13 7.73 5.84
N VAL A 32 -1.70 7.18 4.71
CA VAL A 32 -2.63 6.70 3.69
C VAL A 32 -2.79 5.18 3.75
N SER A 33 -3.89 4.68 3.21
CA SER A 33 -4.16 3.25 3.20
C SER A 33 -3.97 2.66 1.82
N MET A 34 -2.93 1.87 1.65
CA MET A 34 -2.63 1.24 0.36
C MET A 34 -2.78 -0.28 0.44
N GLU A 35 -2.91 -0.92 -0.71
CA GLU A 35 -3.07 -2.36 -0.76
C GLU A 35 -2.05 -2.98 -1.72
N VAL A 36 -1.03 -3.63 -1.15
CA VAL A 36 0.00 -4.26 -1.95
C VAL A 36 -0.59 -5.18 -3.01
N LEU A 37 -0.32 -4.89 -4.27
CA LEU A 37 -0.83 -5.68 -5.38
C LEU A 37 0.27 -6.55 -5.98
N GLU A 38 1.40 -5.92 -6.33
CA GLU A 38 2.52 -6.63 -6.92
C GLU A 38 3.83 -6.21 -6.26
N ARG A 39 4.91 -6.90 -6.60
CA ARG A 39 6.22 -6.60 -6.06
C ARG A 39 7.33 -6.96 -7.04
N ASN A 40 8.19 -6.00 -7.34
CA ASN A 40 9.29 -6.22 -8.27
C ASN A 40 10.56 -6.64 -7.53
N PRO A 41 11.51 -7.25 -8.26
CA PRO A 41 12.78 -7.71 -7.69
C PRO A 41 13.69 -6.56 -7.30
N ASN A 42 13.34 -5.35 -7.75
CA ASN A 42 14.13 -4.16 -7.44
C ASN A 42 13.73 -3.58 -6.09
N GLY A 43 12.54 -3.95 -5.62
CA GLY A 43 12.05 -3.45 -4.34
C GLY A 43 10.76 -2.67 -4.46
N TRP A 44 10.55 -2.06 -5.63
CA TRP A 44 9.34 -1.27 -5.87
C TRP A 44 8.13 -2.18 -5.98
N TRP A 45 7.09 -1.87 -5.21
CA TRP A 45 5.86 -2.66 -5.22
C TRP A 45 4.69 -1.84 -5.75
N TYR A 46 3.75 -2.52 -6.40
CA TYR A 46 2.57 -1.85 -6.97
C TYR A 46 1.41 -1.87 -5.98
N CYS A 47 1.21 -0.75 -5.29
CA CYS A 47 0.13 -0.63 -4.32
C CYS A 47 -1.03 0.17 -4.89
N GLN A 48 -2.04 0.42 -4.06
CA GLN A 48 -3.21 1.18 -4.48
C GLN A 48 -3.65 2.16 -3.41
N ILE A 49 -3.29 3.42 -3.58
CA ILE A 49 -3.64 4.46 -2.62
C ILE A 49 -5.15 4.59 -2.48
N LEU A 50 -5.66 4.31 -1.29
CA LEU A 50 -7.09 4.39 -1.03
C LEU A 50 -7.43 5.69 -0.32
N ASP A 51 -6.84 6.79 -0.77
CA ASP A 51 -7.08 8.09 -0.18
C ASP A 51 -8.58 8.39 -0.10
N GLY A 52 -9.32 7.91 -1.09
CA GLY A 52 -10.76 8.12 -1.11
C GLY A 52 -11.16 9.34 -1.93
N VAL A 53 -10.74 10.52 -1.47
CA VAL A 53 -11.06 11.75 -2.17
C VAL A 53 -10.42 11.79 -3.55
N LYS A 54 -9.33 11.04 -3.71
CA LYS A 54 -8.62 10.98 -4.99
C LYS A 54 -7.61 9.83 -5.00
N PRO A 55 -8.14 8.59 -5.07
CA PRO A 55 -7.30 7.39 -5.10
C PRO A 55 -6.52 7.25 -6.40
N PHE A 56 -5.39 6.55 -6.33
CA PHE A 56 -4.54 6.35 -7.51
C PHE A 56 -3.50 5.26 -7.25
N LYS A 57 -3.04 4.64 -8.32
CA LYS A 57 -2.04 3.57 -8.21
C LYS A 57 -0.65 4.09 -8.61
N GLY A 58 0.33 3.20 -8.55
CA GLY A 58 1.69 3.59 -8.90
C GLY A 58 2.73 2.90 -8.04
N TRP A 59 3.71 2.28 -8.68
CA TRP A 59 4.77 1.58 -7.96
C TRP A 59 5.41 2.49 -6.92
N VAL A 60 5.32 2.08 -5.65
CA VAL A 60 5.89 2.85 -4.56
C VAL A 60 7.02 2.10 -3.87
N PRO A 61 7.93 2.84 -3.23
CA PRO A 61 9.07 2.25 -2.51
C PRO A 61 8.64 1.50 -1.26
N SER A 62 9.03 0.22 -1.19
CA SER A 62 8.68 -0.61 -0.04
C SER A 62 9.11 0.05 1.26
N ASN A 63 10.17 0.85 1.18
CA ASN A 63 10.68 1.54 2.36
C ASN A 63 9.61 2.45 2.97
N TYR A 64 8.71 2.95 2.12
CA TYR A 64 7.65 3.84 2.57
C TYR A 64 6.37 3.05 2.83
N LEU A 65 6.52 1.81 3.30
CA LEU A 65 5.37 0.96 3.60
C LEU A 65 5.64 0.10 4.82
N GLU A 66 4.62 -0.05 5.67
CA GLU A 66 4.74 -0.85 6.88
C GLU A 66 3.49 -1.69 7.10
N LYS A 67 3.70 -2.95 7.48
CA LYS A 67 2.59 -3.87 7.73
C LYS A 67 1.61 -3.28 8.74
N LYS A 68 0.37 -3.07 8.31
CA LYS A 68 -0.65 -2.51 9.17
C LYS A 68 -1.40 -3.61 9.91
N ASN A 69 -1.93 -3.29 11.08
CA ASN A 69 -2.66 -4.26 11.89
C ASN A 69 -4.07 -3.75 12.19
N SER A 70 -5.03 -4.68 12.26
CA SER A 70 -6.41 -4.33 12.54
C SER A 70 -6.96 -3.37 11.49
N GLY A 71 -6.74 -3.72 10.22
CA GLY A 71 -7.21 -2.88 9.13
C GLY A 71 -8.47 -3.42 8.49
N PRO A 72 -8.93 -2.75 7.41
CA PRO A 72 -10.13 -3.16 6.69
C PRO A 72 -9.95 -4.47 5.93
N SER A 73 -10.56 -5.53 6.42
CA SER A 73 -10.45 -6.84 5.79
C SER A 73 -11.82 -7.33 5.32
N SER A 74 -11.83 -8.07 4.21
CA SER A 74 -13.07 -8.59 3.65
C SER A 74 -13.69 -9.62 4.58
N GLY A 75 -14.99 -9.86 4.43
CA GLY A 75 -15.69 -10.82 5.25
C GLY A 75 -17.13 -11.02 4.82
N GLY A 1 4.94 -27.96 -5.20
CA GLY A 1 3.83 -27.95 -4.26
C GLY A 1 2.54 -28.43 -4.89
N SER A 2 1.89 -29.39 -4.24
CA SER A 2 0.64 -29.94 -4.74
C SER A 2 -0.56 -29.32 -4.02
N SER A 3 -0.41 -29.13 -2.72
CA SER A 3 -1.48 -28.55 -1.91
C SER A 3 -1.98 -27.24 -2.53
N GLY A 4 -3.29 -27.12 -2.68
CA GLY A 4 -3.87 -25.92 -3.25
C GLY A 4 -5.10 -25.45 -2.51
N SER A 5 -4.92 -24.49 -1.61
CA SER A 5 -6.04 -23.96 -0.82
C SER A 5 -6.05 -22.44 -0.86
N SER A 6 -5.07 -21.82 -0.22
CA SER A 6 -4.97 -20.36 -0.18
C SER A 6 -4.26 -19.83 -1.43
N GLY A 7 -5.05 -19.49 -2.44
CA GLY A 7 -4.49 -18.97 -3.68
C GLY A 7 -4.41 -17.46 -3.69
N ASN A 8 -5.57 -16.81 -3.79
CA ASN A 8 -5.62 -15.36 -3.81
C ASN A 8 -5.51 -14.78 -2.39
N LEU A 9 -4.50 -13.95 -2.17
CA LEU A 9 -4.29 -13.34 -0.87
C LEU A 9 -4.38 -11.82 -0.97
N LYS A 10 -4.37 -11.16 0.19
CA LYS A 10 -4.44 -9.70 0.24
C LYS A 10 -3.51 -9.15 1.31
N ASP A 11 -3.05 -7.91 1.10
CA ASP A 11 -2.14 -7.27 2.05
C ASP A 11 -2.33 -5.76 2.02
N VAL A 12 -2.54 -5.17 3.20
CA VAL A 12 -2.73 -3.73 3.31
C VAL A 12 -1.58 -3.08 4.07
N TYR A 13 -0.82 -2.24 3.39
CA TYR A 13 0.30 -1.55 3.99
C TYR A 13 0.03 -0.06 4.13
N VAL A 14 0.44 0.52 5.26
CA VAL A 14 0.24 1.93 5.50
C VAL A 14 1.54 2.72 5.31
N SER A 15 1.44 3.90 4.73
CA SER A 15 2.60 4.74 4.48
C SER A 15 3.21 5.22 5.79
N ILE A 16 4.54 5.31 5.82
CA ILE A 16 5.25 5.75 7.02
C ILE A 16 6.12 6.96 6.71
N ALA A 17 5.78 7.69 5.66
CA ALA A 17 6.54 8.87 5.27
C ALA A 17 5.90 9.56 4.08
N ASP A 18 6.06 10.89 4.01
CA ASP A 18 5.49 11.67 2.91
C ASP A 18 6.40 11.64 1.69
N TYR A 19 5.87 11.14 0.58
CA TYR A 19 6.63 11.06 -0.66
C TYR A 19 6.18 12.13 -1.66
N GLU A 20 7.13 12.61 -2.46
CA GLU A 20 6.83 13.63 -3.45
C GLU A 20 6.20 13.02 -4.70
N GLY A 21 6.86 12.00 -5.24
CA GLY A 21 6.36 11.33 -6.43
C GLY A 21 7.06 11.80 -7.70
N ASP A 22 8.01 11.00 -8.16
CA ASP A 22 8.76 11.33 -9.37
C ASP A 22 7.83 11.47 -10.57
N GLU A 23 8.40 11.79 -11.72
CA GLU A 23 7.62 11.95 -12.95
C GLU A 23 7.07 10.60 -13.42
N GLU A 24 7.77 9.53 -13.07
CA GLU A 24 7.34 8.19 -13.46
C GLU A 24 6.48 7.56 -12.37
N THR A 25 6.89 7.72 -11.12
CA THR A 25 6.15 7.17 -10.00
C THR A 25 5.09 8.14 -9.50
N ALA A 26 4.25 7.67 -8.58
CA ALA A 26 3.18 8.50 -8.03
C ALA A 26 3.54 9.00 -6.63
N GLY A 27 2.93 10.11 -6.23
CA GLY A 27 3.21 10.67 -4.92
C GLY A 27 2.10 10.39 -3.93
N PHE A 28 2.40 10.53 -2.64
CA PHE A 28 1.42 10.29 -1.59
C PHE A 28 1.83 10.97 -0.29
N GLN A 29 1.02 10.80 0.74
CA GLN A 29 1.30 11.41 2.04
C GLN A 29 1.28 10.35 3.14
N GLU A 30 2.04 10.61 4.20
CA GLU A 30 2.11 9.67 5.33
C GLU A 30 0.77 9.58 6.05
N GLY A 31 0.25 8.36 6.15
CA GLY A 31 -1.02 8.16 6.82
C GLY A 31 -2.11 7.69 5.87
N VAL A 32 -1.70 7.15 4.72
CA VAL A 32 -2.64 6.66 3.72
C VAL A 32 -2.76 5.15 3.78
N SER A 33 -3.87 4.63 3.25
CA SER A 33 -4.11 3.19 3.26
C SER A 33 -3.95 2.61 1.85
N MET A 34 -2.90 1.81 1.66
CA MET A 34 -2.63 1.20 0.37
C MET A 34 -2.76 -0.32 0.45
N GLU A 35 -2.93 -0.95 -0.69
CA GLU A 35 -3.07 -2.41 -0.75
C GLU A 35 -2.05 -3.02 -1.71
N VAL A 36 -1.03 -3.67 -1.15
CA VAL A 36 0.00 -4.30 -1.95
C VAL A 36 -0.59 -5.21 -3.03
N LEU A 37 -0.31 -4.89 -4.28
CA LEU A 37 -0.82 -5.67 -5.40
C LEU A 37 0.29 -6.50 -6.04
N GLU A 38 1.41 -5.86 -6.33
CA GLU A 38 2.54 -6.54 -6.94
C GLU A 38 3.85 -6.10 -6.29
N ARG A 39 4.92 -6.87 -6.54
CA ARG A 39 6.22 -6.56 -5.97
C ARG A 39 7.34 -6.95 -6.94
N ASN A 40 8.19 -5.98 -7.26
CA ASN A 40 9.31 -6.21 -8.18
C ASN A 40 10.56 -6.62 -7.42
N PRO A 41 11.50 -7.24 -8.14
CA PRO A 41 12.77 -7.70 -7.56
C PRO A 41 13.69 -6.55 -7.17
N ASN A 42 13.33 -5.33 -7.61
CA ASN A 42 14.12 -4.15 -7.31
C ASN A 42 13.69 -3.54 -5.98
N GLY A 43 12.49 -3.89 -5.53
CA GLY A 43 12.00 -3.37 -4.26
C GLY A 43 10.70 -2.60 -4.42
N TRP A 44 10.51 -1.99 -5.59
CA TRP A 44 9.31 -1.22 -5.86
C TRP A 44 8.09 -2.13 -5.97
N TRP A 45 7.05 -1.82 -5.19
CA TRP A 45 5.83 -2.62 -5.20
C TRP A 45 4.65 -1.80 -5.73
N TYR A 46 3.71 -2.48 -6.38
CA TYR A 46 2.55 -1.81 -6.94
C TYR A 46 1.38 -1.85 -5.95
N CYS A 47 1.17 -0.73 -5.26
CA CYS A 47 0.09 -0.63 -4.28
C CYS A 47 -1.08 0.16 -4.85
N GLN A 48 -2.09 0.42 -4.02
CA GLN A 48 -3.26 1.16 -4.44
C GLN A 48 -3.70 2.14 -3.36
N ILE A 49 -3.33 3.41 -3.54
CA ILE A 49 -3.69 4.44 -2.58
C ILE A 49 -5.20 4.55 -2.42
N LEU A 50 -5.69 4.26 -1.22
CA LEU A 50 -7.12 4.33 -0.95
C LEU A 50 -7.48 5.64 -0.25
N ASP A 51 -6.89 6.73 -0.72
CA ASP A 51 -7.15 8.05 -0.15
C ASP A 51 -8.65 8.33 -0.06
N GLY A 52 -9.39 7.84 -1.06
CA GLY A 52 -10.83 8.03 -1.07
C GLY A 52 -11.23 9.26 -1.87
N VAL A 53 -10.84 10.44 -1.38
CA VAL A 53 -11.17 11.69 -2.05
C VAL A 53 -10.50 11.77 -3.42
N LYS A 54 -9.37 11.07 -3.57
CA LYS A 54 -8.64 11.06 -4.83
C LYS A 54 -7.60 9.95 -4.84
N PRO A 55 -8.05 8.70 -4.86
CA PRO A 55 -7.17 7.53 -4.87
C PRO A 55 -6.42 7.38 -6.19
N PHE A 56 -5.42 6.51 -6.20
CA PHE A 56 -4.62 6.28 -7.40
C PHE A 56 -3.58 5.20 -7.15
N LYS A 57 -3.07 4.62 -8.24
CA LYS A 57 -2.06 3.57 -8.15
C LYS A 57 -0.68 4.10 -8.55
N GLY A 58 0.31 3.22 -8.51
CA GLY A 58 1.67 3.62 -8.87
C GLY A 58 2.72 2.93 -8.02
N TRP A 59 3.69 2.32 -8.67
CA TRP A 59 4.77 1.62 -7.96
C TRP A 59 5.41 2.53 -6.93
N VAL A 60 5.31 2.13 -5.66
CA VAL A 60 5.89 2.91 -4.57
C VAL A 60 7.02 2.15 -3.89
N PRO A 61 7.93 2.90 -3.25
CA PRO A 61 9.09 2.32 -2.55
C PRO A 61 8.67 1.56 -1.30
N SER A 62 9.06 0.28 -1.22
CA SER A 62 8.73 -0.55 -0.07
C SER A 62 9.15 0.11 1.22
N ASN A 63 10.20 0.94 1.15
CA ASN A 63 10.70 1.63 2.33
C ASN A 63 9.63 2.55 2.92
N TYR A 64 8.74 3.04 2.07
CA TYR A 64 7.66 3.92 2.51
C TYR A 64 6.39 3.13 2.77
N LEU A 65 6.54 1.90 3.23
CA LEU A 65 5.40 1.04 3.52
C LEU A 65 5.68 0.13 4.71
N GLU A 66 4.62 -0.21 5.45
CA GLU A 66 4.75 -1.08 6.61
C GLU A 66 3.54 -2.00 6.75
N LYS A 67 3.78 -3.19 7.27
CA LYS A 67 2.71 -4.17 7.47
C LYS A 67 1.81 -3.77 8.62
N LYS A 68 0.61 -3.29 8.29
CA LYS A 68 -0.35 -2.87 9.30
C LYS A 68 -0.98 -4.08 9.98
N ASN A 69 -0.22 -4.76 10.83
CA ASN A 69 -0.72 -5.93 11.54
C ASN A 69 -0.46 -5.80 13.04
N SER A 70 -1.36 -6.37 13.83
CA SER A 70 -1.24 -6.32 15.29
C SER A 70 -0.30 -7.41 15.79
N GLY A 71 0.12 -7.28 17.04
CA GLY A 71 1.02 -8.26 17.63
C GLY A 71 0.46 -9.67 17.58
N PRO A 72 1.28 -10.64 18.02
CA PRO A 72 0.87 -12.05 18.03
C PRO A 72 -0.20 -12.34 19.09
N SER A 73 -0.07 -11.69 20.25
CA SER A 73 -1.02 -11.88 21.33
C SER A 73 -2.29 -11.06 21.09
N SER A 74 -3.25 -11.18 22.00
CA SER A 74 -4.51 -10.46 21.88
C SER A 74 -5.18 -10.32 23.25
N GLY A 75 -5.96 -9.25 23.40
CA GLY A 75 -6.65 -9.01 24.66
C GLY A 75 -5.78 -8.28 25.66
N GLY A 1 -22.96 -16.53 6.29
CA GLY A 1 -21.55 -16.84 6.37
C GLY A 1 -20.95 -16.45 7.72
N SER A 2 -21.36 -17.16 8.76
CA SER A 2 -20.87 -16.89 10.11
C SER A 2 -19.68 -17.78 10.44
N SER A 3 -19.95 -19.07 10.59
CA SER A 3 -18.91 -20.04 10.92
C SER A 3 -18.08 -20.38 9.69
N GLY A 4 -16.99 -19.64 9.49
CA GLY A 4 -16.13 -19.88 8.34
C GLY A 4 -15.23 -18.69 8.04
N SER A 5 -14.37 -18.34 8.99
CA SER A 5 -13.46 -17.22 8.81
C SER A 5 -12.18 -17.65 8.12
N SER A 6 -12.31 -18.09 6.87
CA SER A 6 -11.16 -18.54 6.09
C SER A 6 -11.31 -18.12 4.63
N GLY A 7 -10.20 -17.65 4.05
CA GLY A 7 -10.22 -17.22 2.67
C GLY A 7 -8.98 -16.42 2.29
N ASN A 8 -9.04 -15.74 1.15
CA ASN A 8 -7.92 -14.94 0.68
C ASN A 8 -7.53 -13.88 1.71
N LEU A 9 -6.25 -13.49 1.70
CA LEU A 9 -5.76 -12.49 2.63
C LEU A 9 -5.49 -11.17 1.92
N LYS A 10 -5.42 -10.09 2.69
CA LYS A 10 -5.16 -8.76 2.13
C LYS A 10 -3.86 -8.19 2.67
N ASP A 11 -2.97 -7.78 1.76
CA ASP A 11 -1.69 -7.21 2.15
C ASP A 11 -1.77 -5.68 2.20
N VAL A 12 -2.62 -5.17 3.08
CA VAL A 12 -2.78 -3.72 3.22
C VAL A 12 -1.65 -3.11 4.02
N TYR A 13 -0.88 -2.23 3.39
CA TYR A 13 0.25 -1.59 4.05
C TYR A 13 0.00 -0.09 4.19
N VAL A 14 0.40 0.46 5.34
CA VAL A 14 0.21 1.89 5.60
C VAL A 14 1.54 2.64 5.45
N SER A 15 1.50 3.74 4.70
CA SER A 15 2.69 4.54 4.47
C SER A 15 3.25 5.07 5.80
N ILE A 16 4.58 5.06 5.91
CA ILE A 16 5.23 5.53 7.13
C ILE A 16 6.08 6.77 6.84
N ALA A 17 5.74 7.48 5.77
CA ALA A 17 6.48 8.68 5.39
C ALA A 17 5.84 9.35 4.18
N ASP A 18 6.00 10.67 4.08
CA ASP A 18 5.44 11.44 2.98
C ASP A 18 6.33 11.34 1.75
N TYR A 19 5.70 11.28 0.58
CA TYR A 19 6.45 11.18 -0.68
C TYR A 19 5.91 12.18 -1.70
N GLU A 20 6.80 12.67 -2.56
CA GLU A 20 6.42 13.63 -3.59
C GLU A 20 5.94 12.92 -4.85
N GLY A 21 6.60 11.81 -5.17
CA GLY A 21 6.23 11.05 -6.37
C GLY A 21 6.83 11.63 -7.63
N ASP A 22 7.85 10.95 -8.16
CA ASP A 22 8.50 11.41 -9.39
C ASP A 22 7.51 11.52 -10.54
N GLU A 23 7.99 11.96 -11.69
CA GLU A 23 7.15 12.11 -12.86
C GLU A 23 6.63 10.75 -13.34
N GLU A 24 7.39 9.70 -13.04
CA GLU A 24 7.00 8.35 -13.44
C GLU A 24 6.22 7.66 -12.33
N THR A 25 6.70 7.80 -11.10
CA THR A 25 6.05 7.19 -9.95
C THR A 25 4.93 8.08 -9.42
N ALA A 26 4.18 7.57 -8.44
CA ALA A 26 3.09 8.32 -7.84
C ALA A 26 3.45 8.81 -6.45
N GLY A 27 2.93 9.98 -6.08
CA GLY A 27 3.21 10.53 -4.77
C GLY A 27 2.12 10.25 -3.76
N PHE A 28 2.36 10.60 -2.51
CA PHE A 28 1.39 10.38 -1.45
C PHE A 28 1.85 11.00 -0.14
N GLN A 29 0.98 10.98 0.87
CA GLN A 29 1.30 11.55 2.17
C GLN A 29 1.33 10.46 3.24
N GLU A 30 2.08 10.70 4.30
CA GLU A 30 2.19 9.75 5.40
C GLU A 30 0.86 9.60 6.13
N GLY A 31 0.30 8.40 6.10
CA GLY A 31 -0.97 8.15 6.77
C GLY A 31 -2.03 7.64 5.81
N VAL A 32 -1.62 7.26 4.61
CA VAL A 32 -2.55 6.75 3.60
C VAL A 32 -2.68 5.24 3.69
N SER A 33 -3.77 4.72 3.13
CA SER A 33 -4.03 3.29 3.14
C SER A 33 -3.86 2.68 1.75
N MET A 34 -2.84 1.87 1.58
CA MET A 34 -2.57 1.22 0.30
C MET A 34 -2.71 -0.29 0.41
N GLU A 35 -2.87 -0.95 -0.74
CA GLU A 35 -3.03 -2.40 -0.77
C GLU A 35 -2.00 -3.03 -1.71
N VAL A 36 -0.99 -3.68 -1.14
CA VAL A 36 0.05 -4.33 -1.93
C VAL A 36 -0.55 -5.24 -2.99
N LEU A 37 -0.29 -4.92 -4.26
CA LEU A 37 -0.81 -5.70 -5.37
C LEU A 37 0.29 -6.55 -5.99
N GLU A 38 1.43 -5.91 -6.29
CA GLU A 38 2.55 -6.61 -6.89
C GLU A 38 3.87 -6.16 -6.25
N ARG A 39 4.94 -6.88 -6.55
CA ARG A 39 6.25 -6.56 -6.00
C ARG A 39 7.35 -6.93 -6.99
N ASN A 40 8.22 -5.96 -7.30
CA ASN A 40 9.31 -6.19 -8.23
C ASN A 40 10.58 -6.61 -7.49
N PRO A 41 11.52 -7.22 -8.23
CA PRO A 41 12.79 -7.68 -7.67
C PRO A 41 13.71 -6.52 -7.28
N ASN A 42 13.34 -5.32 -7.70
CA ASN A 42 14.13 -4.13 -7.39
C ASN A 42 13.74 -3.55 -6.04
N GLY A 43 12.54 -3.90 -5.57
CA GLY A 43 12.06 -3.41 -4.29
C GLY A 43 10.76 -2.65 -4.42
N TRP A 44 10.55 -2.03 -5.58
CA TRP A 44 9.33 -1.25 -5.83
C TRP A 44 8.13 -2.17 -5.94
N TRP A 45 7.08 -1.85 -5.18
CA TRP A 45 5.85 -2.64 -5.19
C TRP A 45 4.68 -1.84 -5.74
N TYR A 46 3.74 -2.53 -6.38
CA TYR A 46 2.58 -1.87 -6.96
C TYR A 46 1.40 -1.90 -5.98
N CYS A 47 1.17 -0.78 -5.31
CA CYS A 47 0.08 -0.67 -4.35
C CYS A 47 -1.07 0.15 -4.92
N GLN A 48 -2.07 0.42 -4.09
CA GLN A 48 -3.24 1.19 -4.52
C GLN A 48 -3.64 2.20 -3.45
N ILE A 49 -3.25 3.45 -3.64
CA ILE A 49 -3.57 4.50 -2.68
C ILE A 49 -5.09 4.66 -2.52
N LEU A 50 -5.57 4.39 -1.31
CA LEU A 50 -7.00 4.49 -1.03
C LEU A 50 -7.32 5.79 -0.31
N ASP A 51 -6.71 6.88 -0.78
CA ASP A 51 -6.92 8.20 -0.18
C ASP A 51 -8.42 8.50 -0.08
N GLY A 52 -9.17 8.09 -1.09
CA GLY A 52 -10.61 8.32 -1.09
C GLY A 52 -10.98 9.53 -1.93
N VAL A 53 -10.53 10.71 -1.50
CA VAL A 53 -10.82 11.94 -2.22
C VAL A 53 -10.21 11.94 -3.61
N LYS A 54 -9.14 11.16 -3.77
CA LYS A 54 -8.45 11.06 -5.05
C LYS A 54 -7.49 9.89 -5.07
N PRO A 55 -8.05 8.67 -5.13
CA PRO A 55 -7.25 7.43 -5.16
C PRO A 55 -6.50 7.26 -6.46
N PHE A 56 -5.36 6.56 -6.40
CA PHE A 56 -4.55 6.32 -7.58
C PHE A 56 -3.51 5.23 -7.31
N LYS A 57 -3.02 4.61 -8.38
CA LYS A 57 -2.02 3.55 -8.26
C LYS A 57 -0.64 4.07 -8.64
N GLY A 58 0.36 3.18 -8.58
CA GLY A 58 1.71 3.56 -8.92
C GLY A 58 2.75 2.88 -8.05
N TRP A 59 3.73 2.26 -8.68
CA TRP A 59 4.79 1.56 -7.95
C TRP A 59 5.42 2.47 -6.90
N VAL A 60 5.31 2.08 -5.64
CA VAL A 60 5.86 2.86 -4.54
C VAL A 60 7.01 2.11 -3.86
N PRO A 61 7.89 2.87 -3.20
CA PRO A 61 9.04 2.30 -2.49
C PRO A 61 8.64 1.53 -1.24
N SER A 62 9.03 0.25 -1.18
CA SER A 62 8.71 -0.59 -0.04
C SER A 62 9.12 0.07 1.27
N ASN A 63 10.17 0.90 1.19
CA ASN A 63 10.67 1.59 2.37
C ASN A 63 9.60 2.49 2.98
N TYR A 64 8.71 2.99 2.13
CA TYR A 64 7.63 3.86 2.57
C TYR A 64 6.35 3.07 2.82
N LEU A 65 6.50 1.84 3.29
CA LEU A 65 5.36 0.98 3.58
C LEU A 65 5.62 0.12 4.80
N GLU A 66 4.59 -0.05 5.63
CA GLU A 66 4.71 -0.86 6.84
C GLU A 66 3.48 -1.73 7.03
N LYS A 67 3.71 -3.00 7.36
CA LYS A 67 2.62 -3.94 7.57
C LYS A 67 1.71 -3.48 8.70
N LYS A 68 0.51 -3.03 8.35
CA LYS A 68 -0.46 -2.55 9.33
C LYS A 68 -0.96 -3.71 10.20
N ASN A 69 -0.45 -3.80 11.42
CA ASN A 69 -0.85 -4.86 12.34
C ASN A 69 -2.20 -4.55 12.96
N SER A 70 -3.12 -5.51 12.86
CA SER A 70 -4.47 -5.34 13.42
C SER A 70 -4.47 -5.57 14.92
N GLY A 71 -3.89 -6.69 15.34
CA GLY A 71 -3.84 -7.01 16.75
C GLY A 71 -3.09 -8.30 17.03
N PRO A 72 -2.78 -8.54 18.31
CA PRO A 72 -2.05 -9.75 18.73
C PRO A 72 -2.89 -11.02 18.58
N SER A 73 -4.20 -10.87 18.69
CA SER A 73 -5.11 -12.00 18.56
C SER A 73 -5.83 -11.98 17.22
N SER A 74 -5.55 -12.99 16.39
CA SER A 74 -6.16 -13.09 15.07
C SER A 74 -7.64 -13.44 15.19
N GLY A 75 -7.91 -14.65 15.69
CA GLY A 75 -9.29 -15.10 15.84
C GLY A 75 -9.47 -16.03 17.02
N GLY A 1 -10.05 2.35 8.05
CA GLY A 1 -9.93 1.59 6.83
C GLY A 1 -11.28 1.26 6.22
N SER A 2 -11.42 0.03 5.73
CA SER A 2 -12.67 -0.41 5.12
C SER A 2 -13.09 -1.78 5.65
N SER A 3 -14.30 -1.85 6.18
CA SER A 3 -14.82 -3.10 6.73
C SER A 3 -16.16 -3.45 6.10
N GLY A 4 -16.22 -4.64 5.48
CA GLY A 4 -17.45 -5.08 4.84
C GLY A 4 -17.50 -6.58 4.67
N SER A 5 -16.92 -7.07 3.58
CA SER A 5 -16.91 -8.50 3.30
C SER A 5 -15.67 -9.17 3.91
N SER A 6 -15.56 -10.47 3.71
CA SER A 6 -14.43 -11.24 4.23
C SER A 6 -14.21 -12.51 3.43
N GLY A 7 -13.15 -13.23 3.77
CA GLY A 7 -12.85 -14.47 3.07
C GLY A 7 -11.36 -14.72 2.95
N ASN A 8 -10.76 -14.19 1.90
CA ASN A 8 -9.32 -14.37 1.67
C ASN A 8 -8.52 -13.35 2.47
N LEU A 9 -7.19 -13.41 2.35
CA LEU A 9 -6.31 -12.49 3.06
C LEU A 9 -5.87 -11.36 2.14
N LYS A 10 -5.32 -10.30 2.73
CA LYS A 10 -4.85 -9.15 1.97
C LYS A 10 -3.53 -8.62 2.55
N ASP A 11 -2.90 -7.71 1.82
CA ASP A 11 -1.65 -7.12 2.26
C ASP A 11 -1.74 -5.60 2.30
N VAL A 12 -2.64 -5.09 3.13
CA VAL A 12 -2.82 -3.64 3.26
C VAL A 12 -1.68 -3.01 4.05
N TYR A 13 -0.89 -2.19 3.37
CA TYR A 13 0.23 -1.51 4.01
C TYR A 13 -0.03 -0.02 4.15
N VAL A 14 0.36 0.54 5.29
CA VAL A 14 0.17 1.96 5.54
C VAL A 14 1.47 2.74 5.34
N SER A 15 1.37 3.94 4.78
CA SER A 15 2.53 4.78 4.53
C SER A 15 3.14 5.26 5.84
N ILE A 16 4.47 5.18 5.94
CA ILE A 16 5.18 5.60 7.14
C ILE A 16 6.09 6.79 6.84
N ALA A 17 5.75 7.53 5.78
CA ALA A 17 6.55 8.70 5.40
C ALA A 17 5.92 9.42 4.21
N ASP A 18 6.07 10.73 4.16
CA ASP A 18 5.52 11.53 3.06
C ASP A 18 6.41 11.46 1.84
N TYR A 19 5.82 11.19 0.69
CA TYR A 19 6.57 11.09 -0.57
C TYR A 19 6.15 12.19 -1.53
N GLU A 20 7.01 12.48 -2.50
CA GLU A 20 6.74 13.51 -3.49
C GLU A 20 6.23 12.90 -4.79
N GLY A 21 6.74 11.72 -5.13
CA GLY A 21 6.33 11.05 -6.34
C GLY A 21 7.02 11.59 -7.57
N ASP A 22 7.93 10.80 -8.13
CA ASP A 22 8.66 11.21 -9.33
C ASP A 22 7.72 11.40 -10.52
N GLU A 23 8.29 11.72 -11.67
CA GLU A 23 7.50 11.93 -12.87
C GLU A 23 6.89 10.62 -13.36
N GLU A 24 7.56 9.51 -13.07
CA GLU A 24 7.08 8.19 -13.47
C GLU A 24 6.26 7.55 -12.37
N THR A 25 6.71 7.71 -11.13
CA THR A 25 6.02 7.15 -9.98
C THR A 25 4.92 8.08 -9.49
N ALA A 26 4.16 7.62 -8.49
CA ALA A 26 3.09 8.42 -7.92
C ALA A 26 3.45 8.95 -6.54
N GLY A 27 2.92 10.12 -6.19
CA GLY A 27 3.21 10.71 -4.90
C GLY A 27 2.12 10.42 -3.88
N PHE A 28 2.44 10.62 -2.60
CA PHE A 28 1.48 10.39 -1.53
C PHE A 28 1.98 11.00 -0.22
N GLN A 29 1.16 10.90 0.82
CA GLN A 29 1.50 11.45 2.12
C GLN A 29 1.39 10.37 3.21
N GLU A 30 2.14 10.56 4.29
CA GLU A 30 2.13 9.62 5.39
C GLU A 30 0.77 9.58 6.07
N GLY A 31 0.19 8.39 6.17
CA GLY A 31 -1.11 8.25 6.80
C GLY A 31 -2.18 7.78 5.82
N VAL A 32 -1.75 7.21 4.71
CA VAL A 32 -2.67 6.72 3.70
C VAL A 32 -2.80 5.20 3.76
N SER A 33 -3.90 4.68 3.21
CA SER A 33 -4.14 3.25 3.21
C SER A 33 -3.96 2.66 1.81
N MET A 34 -2.91 1.87 1.63
CA MET A 34 -2.62 1.26 0.35
C MET A 34 -2.76 -0.26 0.43
N GLU A 35 -2.90 -0.90 -0.73
CA GLU A 35 -3.04 -2.35 -0.79
C GLU A 35 -2.03 -2.96 -1.75
N VAL A 36 -1.01 -3.60 -1.19
CA VAL A 36 0.03 -4.22 -1.99
C VAL A 36 -0.57 -5.15 -3.05
N LEU A 37 -0.27 -4.86 -4.32
CA LEU A 37 -0.77 -5.66 -5.43
C LEU A 37 0.33 -6.52 -6.03
N GLU A 38 1.42 -5.89 -6.42
CA GLU A 38 2.55 -6.60 -7.01
C GLU A 38 3.87 -6.14 -6.39
N ARG A 39 4.93 -6.93 -6.62
CA ARG A 39 6.24 -6.61 -6.07
C ARG A 39 7.34 -6.95 -7.08
N ASN A 40 8.27 -6.03 -7.27
CA ASN A 40 9.37 -6.25 -8.20
C ASN A 40 10.64 -6.67 -7.45
N PRO A 41 11.58 -7.27 -8.19
CA PRO A 41 12.86 -7.72 -7.62
C PRO A 41 13.76 -6.56 -7.23
N ASN A 42 13.42 -5.37 -7.68
CA ASN A 42 14.20 -4.17 -7.37
C ASN A 42 13.82 -3.61 -6.01
N GLY A 43 12.57 -3.83 -5.61
CA GLY A 43 12.10 -3.33 -4.33
C GLY A 43 10.82 -2.53 -4.45
N TRP A 44 10.51 -2.08 -5.67
CA TRP A 44 9.31 -1.30 -5.92
C TRP A 44 8.07 -2.19 -6.00
N TRP A 45 7.05 -1.86 -5.23
CA TRP A 45 5.82 -2.63 -5.22
C TRP A 45 4.65 -1.80 -5.74
N TYR A 46 3.73 -2.46 -6.43
CA TYR A 46 2.56 -1.79 -6.98
C TYR A 46 1.40 -1.80 -5.99
N CYS A 47 1.21 -0.68 -5.30
CA CYS A 47 0.13 -0.57 -4.33
C CYS A 47 -1.04 0.24 -4.90
N GLN A 48 -2.05 0.47 -4.06
CA GLN A 48 -3.22 1.22 -4.48
C GLN A 48 -3.66 2.20 -3.40
N ILE A 49 -3.29 3.47 -3.58
CA ILE A 49 -3.65 4.50 -2.61
C ILE A 49 -5.16 4.62 -2.47
N LEU A 50 -5.66 4.33 -1.27
CA LEU A 50 -7.09 4.41 -1.01
C LEU A 50 -7.44 5.71 -0.31
N ASP A 51 -6.85 6.80 -0.77
CA ASP A 51 -7.11 8.11 -0.18
C ASP A 51 -8.61 8.40 -0.09
N GLY A 52 -9.36 7.89 -1.06
CA GLY A 52 -10.79 8.08 -1.07
C GLY A 52 -11.21 9.30 -1.88
N VAL A 53 -10.80 10.48 -1.43
CA VAL A 53 -11.13 11.72 -2.12
C VAL A 53 -10.50 11.76 -3.51
N LYS A 54 -9.40 11.02 -3.68
CA LYS A 54 -8.70 10.97 -4.95
C LYS A 54 -7.68 9.84 -4.96
N PRO A 55 -8.18 8.60 -5.04
CA PRO A 55 -7.33 7.40 -5.07
C PRO A 55 -6.55 7.27 -6.36
N PHE A 56 -5.42 6.58 -6.30
CA PHE A 56 -4.58 6.39 -7.49
C PHE A 56 -3.53 5.31 -7.23
N LYS A 57 -3.06 4.69 -8.31
CA LYS A 57 -2.06 3.64 -8.21
C LYS A 57 -0.67 4.16 -8.60
N GLY A 58 0.32 3.29 -8.56
CA GLY A 58 1.68 3.68 -8.91
C GLY A 58 2.72 2.99 -8.07
N TRP A 59 3.69 2.36 -8.72
CA TRP A 59 4.75 1.66 -8.02
C TRP A 59 5.42 2.56 -6.98
N VAL A 60 5.36 2.14 -5.72
CA VAL A 60 5.95 2.91 -4.63
C VAL A 60 7.06 2.14 -3.94
N PRO A 61 7.98 2.87 -3.29
CA PRO A 61 9.11 2.26 -2.58
C PRO A 61 8.68 1.52 -1.33
N SER A 62 9.04 0.24 -1.25
CA SER A 62 8.68 -0.59 -0.11
C SER A 62 9.12 0.08 1.20
N ASN A 63 10.18 0.86 1.12
CA ASN A 63 10.70 1.56 2.29
C ASN A 63 9.65 2.47 2.90
N TYR A 64 8.74 2.96 2.06
CA TYR A 64 7.67 3.84 2.51
C TYR A 64 6.39 3.06 2.78
N LEU A 65 6.55 1.83 3.24
CA LEU A 65 5.40 0.97 3.54
C LEU A 65 5.67 0.10 4.76
N GLU A 66 4.67 -0.03 5.62
CA GLU A 66 4.80 -0.85 6.82
C GLU A 66 3.57 -1.73 7.02
N LYS A 67 3.82 -3.00 7.34
CA LYS A 67 2.73 -3.95 7.56
C LYS A 67 1.78 -3.46 8.65
N LYS A 68 0.58 -3.04 8.24
CA LYS A 68 -0.41 -2.54 9.18
C LYS A 68 -1.11 -3.70 9.90
N ASN A 69 -1.49 -3.47 11.15
CA ASN A 69 -2.16 -4.50 11.94
C ASN A 69 -3.64 -4.16 12.12
N SER A 70 -4.46 -5.20 12.24
CA SER A 70 -5.90 -5.02 12.41
C SER A 70 -6.25 -4.87 13.89
N GLY A 71 -6.63 -3.65 14.27
CA GLY A 71 -6.99 -3.39 15.66
C GLY A 71 -8.31 -4.02 16.03
N PRO A 72 -8.70 -3.87 17.31
CA PRO A 72 -9.97 -4.43 17.83
C PRO A 72 -11.18 -3.70 17.28
N SER A 73 -11.14 -2.37 17.33
CA SER A 73 -12.24 -1.55 16.84
C SER A 73 -12.41 -1.71 15.33
N SER A 74 -13.66 -1.84 14.89
CA SER A 74 -13.96 -2.01 13.48
C SER A 74 -14.30 -0.67 12.83
N GLY A 75 -13.47 0.33 13.08
CA GLY A 75 -13.70 1.65 12.52
C GLY A 75 -13.20 1.76 11.08
N GLY A 1 -12.23 -7.00 4.61
CA GLY A 1 -11.16 -7.82 5.15
C GLY A 1 -11.68 -8.91 6.05
N SER A 2 -12.43 -9.86 5.48
CA SER A 2 -12.99 -10.96 6.24
C SER A 2 -11.99 -12.10 6.37
N SER A 3 -12.14 -12.90 7.41
CA SER A 3 -11.25 -14.03 7.65
C SER A 3 -12.03 -15.28 8.03
N GLY A 4 -11.56 -16.44 7.57
CA GLY A 4 -12.23 -17.69 7.87
C GLY A 4 -13.42 -17.94 6.97
N SER A 5 -14.60 -17.56 7.45
CA SER A 5 -15.83 -17.75 6.68
C SER A 5 -15.79 -16.94 5.39
N SER A 6 -15.51 -17.61 4.28
CA SER A 6 -15.45 -16.95 2.98
C SER A 6 -14.38 -15.85 2.99
N GLY A 7 -13.33 -16.07 3.76
CA GLY A 7 -12.25 -15.08 3.85
C GLY A 7 -11.15 -15.35 2.84
N ASN A 8 -10.73 -14.30 2.14
CA ASN A 8 -9.67 -14.43 1.14
C ASN A 8 -8.37 -13.82 1.64
N LEU A 9 -7.35 -13.81 0.80
CA LEU A 9 -6.05 -13.25 1.15
C LEU A 9 -5.94 -11.79 0.72
N LYS A 10 -5.11 -11.03 1.43
CA LYS A 10 -4.93 -9.62 1.13
C LYS A 10 -3.77 -9.04 1.94
N ASP A 11 -3.19 -7.95 1.45
CA ASP A 11 -2.08 -7.29 2.13
C ASP A 11 -2.23 -5.78 2.07
N VAL A 12 -2.56 -5.18 3.22
CA VAL A 12 -2.73 -3.73 3.30
C VAL A 12 -1.57 -3.09 4.06
N TYR A 13 -0.84 -2.22 3.39
CA TYR A 13 0.29 -1.53 3.99
C TYR A 13 0.02 -0.04 4.13
N VAL A 14 0.37 0.53 5.28
CA VAL A 14 0.17 1.94 5.53
C VAL A 14 1.47 2.72 5.38
N SER A 15 1.38 3.89 4.75
CA SER A 15 2.54 4.74 4.53
C SER A 15 3.13 5.21 5.85
N ILE A 16 4.45 5.20 5.95
CA ILE A 16 5.14 5.63 7.17
C ILE A 16 6.05 6.82 6.89
N ALA A 17 5.75 7.56 5.83
CA ALA A 17 6.53 8.73 5.46
C ALA A 17 5.94 9.44 4.25
N ASP A 18 6.14 10.74 4.18
CA ASP A 18 5.62 11.53 3.07
C ASP A 18 6.53 11.44 1.86
N TYR A 19 5.94 11.17 0.69
CA TYR A 19 6.71 11.05 -0.54
C TYR A 19 6.32 12.15 -1.53
N GLU A 20 7.16 12.36 -2.53
CA GLU A 20 6.92 13.38 -3.54
C GLU A 20 6.24 12.78 -4.76
N GLY A 21 6.89 11.78 -5.36
CA GLY A 21 6.33 11.13 -6.54
C GLY A 21 6.95 11.65 -7.82
N ASP A 22 7.90 10.89 -8.36
CA ASP A 22 8.57 11.28 -9.60
C ASP A 22 7.57 11.33 -10.76
N GLU A 23 8.07 11.71 -11.94
CA GLU A 23 7.22 11.80 -13.12
C GLU A 23 6.68 10.42 -13.51
N GLU A 24 7.45 9.39 -13.21
CA GLU A 24 7.05 8.02 -13.53
C GLU A 24 6.26 7.40 -12.38
N THR A 25 6.74 7.63 -11.16
CA THR A 25 6.09 7.09 -9.97
C THR A 25 4.98 8.01 -9.48
N ALA A 26 4.27 7.58 -8.45
CA ALA A 26 3.18 8.37 -7.89
C ALA A 26 3.53 8.89 -6.49
N GLY A 27 2.98 10.05 -6.15
CA GLY A 27 3.24 10.63 -4.84
C GLY A 27 2.13 10.36 -3.85
N PHE A 28 2.44 10.52 -2.56
CA PHE A 28 1.46 10.29 -1.51
C PHE A 28 1.89 10.97 -0.21
N GLN A 29 1.10 10.76 0.84
CA GLN A 29 1.39 11.35 2.14
C GLN A 29 1.35 10.31 3.25
N GLU A 30 2.10 10.55 4.31
CA GLU A 30 2.14 9.61 5.44
C GLU A 30 0.79 9.54 6.13
N GLY A 31 0.23 8.34 6.20
CA GLY A 31 -1.06 8.15 6.84
C GLY A 31 -2.13 7.69 5.87
N VAL A 32 -1.71 7.16 4.73
CA VAL A 32 -2.64 6.69 3.71
C VAL A 32 -2.78 5.17 3.77
N SER A 33 -3.88 4.66 3.22
CA SER A 33 -4.14 3.24 3.21
C SER A 33 -3.96 2.66 1.81
N MET A 34 -2.92 1.85 1.64
CA MET A 34 -2.63 1.24 0.35
C MET A 34 -2.78 -0.28 0.41
N GLU A 35 -2.92 -0.91 -0.75
CA GLU A 35 -3.07 -2.36 -0.81
C GLU A 35 -2.05 -2.97 -1.76
N VAL A 36 -1.04 -3.62 -1.20
CA VAL A 36 0.00 -4.26 -2.00
C VAL A 36 -0.60 -5.16 -3.07
N LEU A 37 -0.31 -4.85 -4.33
CA LEU A 37 -0.82 -5.63 -5.45
C LEU A 37 0.28 -6.47 -6.07
N GLU A 38 1.41 -5.84 -6.38
CA GLU A 38 2.54 -6.53 -6.99
C GLU A 38 3.85 -6.12 -6.31
N ARG A 39 4.94 -6.79 -6.69
CA ARG A 39 6.24 -6.50 -6.12
C ARG A 39 7.36 -6.84 -7.11
N ASN A 40 8.30 -5.91 -7.29
CA ASN A 40 9.41 -6.11 -8.20
C ASN A 40 10.68 -6.53 -7.45
N PRO A 41 11.62 -7.12 -8.18
CA PRO A 41 12.89 -7.58 -7.60
C PRO A 41 13.79 -6.42 -7.18
N ASN A 42 13.45 -5.23 -7.63
CA ASN A 42 14.23 -4.03 -7.31
C ASN A 42 13.83 -3.49 -5.94
N GLY A 43 12.58 -3.73 -5.54
CA GLY A 43 12.10 -3.25 -4.26
C GLY A 43 10.82 -2.46 -4.38
N TRP A 44 10.52 -2.00 -5.60
CA TRP A 44 9.31 -1.22 -5.84
C TRP A 44 8.09 -2.13 -5.95
N TRP A 45 7.05 -1.82 -5.17
CA TRP A 45 5.83 -2.60 -5.18
C TRP A 45 4.65 -1.78 -5.70
N TYR A 46 3.75 -2.44 -6.41
CA TYR A 46 2.58 -1.77 -6.97
C TYR A 46 1.41 -1.80 -5.99
N CYS A 47 1.20 -0.69 -5.30
CA CYS A 47 0.11 -0.58 -4.33
C CYS A 47 -1.05 0.22 -4.90
N GLN A 48 -2.06 0.47 -4.07
CA GLN A 48 -3.22 1.23 -4.49
C GLN A 48 -3.66 2.21 -3.40
N ILE A 49 -3.29 3.48 -3.57
CA ILE A 49 -3.64 4.51 -2.61
C ILE A 49 -5.15 4.64 -2.47
N LEU A 50 -5.66 4.34 -1.27
CA LEU A 50 -7.09 4.43 -1.00
C LEU A 50 -7.43 5.73 -0.29
N ASP A 51 -6.84 6.82 -0.75
CA ASP A 51 -7.09 8.13 -0.15
C ASP A 51 -8.58 8.41 -0.06
N GLY A 52 -9.33 7.92 -1.05
CA GLY A 52 -10.77 8.14 -1.06
C GLY A 52 -11.17 9.35 -1.88
N VAL A 53 -10.75 10.54 -1.43
CA VAL A 53 -11.07 11.78 -2.11
C VAL A 53 -10.43 11.80 -3.50
N LYS A 54 -9.34 11.06 -3.67
CA LYS A 54 -8.64 11.00 -4.94
C LYS A 54 -7.64 9.85 -4.96
N PRO A 55 -8.16 8.62 -5.05
CA PRO A 55 -7.33 7.41 -5.07
C PRO A 55 -6.54 7.28 -6.37
N PHE A 56 -5.40 6.60 -6.31
CA PHE A 56 -4.56 6.40 -7.48
C PHE A 56 -3.51 5.32 -7.23
N LYS A 57 -3.02 4.70 -8.30
CA LYS A 57 -2.03 3.65 -8.20
C LYS A 57 -0.64 4.17 -8.58
N GLY A 58 0.35 3.30 -8.53
CA GLY A 58 1.70 3.69 -8.88
C GLY A 58 2.75 3.00 -8.03
N TRP A 59 3.73 2.38 -8.67
CA TRP A 59 4.78 1.68 -7.96
C TRP A 59 5.42 2.58 -6.91
N VAL A 60 5.33 2.18 -5.65
CA VAL A 60 5.89 2.94 -4.56
C VAL A 60 7.03 2.18 -3.88
N PRO A 61 7.93 2.93 -3.22
CA PRO A 61 9.08 2.33 -2.51
C PRO A 61 8.66 1.57 -1.27
N SER A 62 9.04 0.29 -1.21
CA SER A 62 8.71 -0.56 -0.07
C SER A 62 9.13 0.09 1.23
N ASN A 63 10.19 0.91 1.18
CA ASN A 63 10.69 1.59 2.35
C ASN A 63 9.62 2.50 2.96
N TYR A 64 8.72 3.00 2.12
CA TYR A 64 7.65 3.87 2.57
C TYR A 64 6.37 3.08 2.82
N LEU A 65 6.53 1.83 3.27
CA LEU A 65 5.39 0.97 3.54
C LEU A 65 5.65 0.10 4.77
N GLU A 66 4.62 -0.06 5.61
CA GLU A 66 4.74 -0.87 6.81
C GLU A 66 3.52 -1.76 6.99
N LYS A 67 3.77 -3.03 7.30
CA LYS A 67 2.69 -4.00 7.49
C LYS A 67 1.70 -3.50 8.55
N LYS A 68 0.48 -3.20 8.12
CA LYS A 68 -0.55 -2.71 9.03
C LYS A 68 -1.40 -3.87 9.55
N ASN A 69 -0.75 -4.79 10.25
CA ASN A 69 -1.45 -5.96 10.81
C ASN A 69 -2.15 -5.59 12.11
N SER A 70 -3.48 -5.62 12.10
CA SER A 70 -4.27 -5.29 13.28
C SER A 70 -5.46 -6.24 13.41
N GLY A 71 -5.54 -6.92 14.54
CA GLY A 71 -6.63 -7.84 14.77
C GLY A 71 -6.48 -8.62 16.07
N PRO A 72 -5.58 -9.60 16.08
CA PRO A 72 -5.31 -10.43 17.26
C PRO A 72 -4.61 -9.65 18.36
N SER A 73 -5.34 -9.40 19.45
CA SER A 73 -4.79 -8.66 20.58
C SER A 73 -4.67 -9.56 21.81
N SER A 74 -4.18 -8.99 22.91
CA SER A 74 -4.02 -9.73 24.15
C SER A 74 -4.43 -8.89 25.35
N GLY A 75 -5.00 -9.55 26.36
CA GLY A 75 -5.43 -8.84 27.55
C GLY A 75 -6.70 -8.05 27.32
N GLY A 1 -7.81 -29.26 2.49
CA GLY A 1 -7.35 -27.91 2.75
C GLY A 1 -5.85 -27.83 2.97
N SER A 2 -5.44 -26.99 3.90
CA SER A 2 -4.02 -26.82 4.20
C SER A 2 -3.82 -26.42 5.66
N SER A 3 -2.64 -26.73 6.20
CA SER A 3 -2.33 -26.41 7.58
C SER A 3 -1.34 -25.24 7.67
N GLY A 4 -1.84 -24.09 8.09
CA GLY A 4 -1.00 -22.91 8.20
C GLY A 4 -1.54 -21.90 9.19
N SER A 5 -0.74 -20.87 9.48
CA SER A 5 -1.14 -19.84 10.42
C SER A 5 -1.62 -18.60 9.68
N SER A 6 -1.92 -17.55 10.44
CA SER A 6 -2.39 -16.29 9.86
C SER A 6 -1.40 -15.76 8.82
N GLY A 7 -1.88 -15.60 7.59
CA GLY A 7 -1.02 -15.10 6.53
C GLY A 7 -1.51 -15.51 5.16
N ASN A 8 -2.16 -14.58 4.46
CA ASN A 8 -2.69 -14.84 3.13
C ASN A 8 -2.63 -13.59 2.26
N LEU A 9 -3.14 -13.70 1.03
CA LEU A 9 -3.13 -12.58 0.10
C LEU A 9 -3.88 -11.38 0.69
N LYS A 10 -3.88 -10.28 -0.05
CA LYS A 10 -4.57 -9.06 0.39
C LYS A 10 -3.93 -8.51 1.65
N ASP A 11 -3.18 -7.43 1.51
CA ASP A 11 -2.52 -6.79 2.65
C ASP A 11 -2.56 -5.28 2.53
N VAL A 12 -3.05 -4.62 3.57
CA VAL A 12 -3.15 -3.16 3.59
C VAL A 12 -1.93 -2.53 4.25
N TYR A 13 -1.01 -2.03 3.44
CA TYR A 13 0.20 -1.41 3.94
C TYR A 13 0.03 0.11 4.07
N VAL A 14 0.34 0.62 5.25
CA VAL A 14 0.21 2.06 5.51
C VAL A 14 1.54 2.77 5.28
N SER A 15 1.47 4.00 4.79
CA SER A 15 2.66 4.80 4.52
C SER A 15 3.26 5.34 5.82
N ILE A 16 4.55 5.09 6.02
CA ILE A 16 5.24 5.56 7.22
C ILE A 16 6.13 6.75 6.91
N ALA A 17 5.80 7.47 5.83
CA ALA A 17 6.57 8.63 5.43
C ALA A 17 5.95 9.31 4.22
N ASP A 18 6.15 10.63 4.11
CA ASP A 18 5.60 11.40 3.01
C ASP A 18 6.51 11.31 1.78
N TYR A 19 5.90 11.26 0.61
CA TYR A 19 6.66 11.16 -0.64
C TYR A 19 6.24 12.27 -1.61
N GLU A 20 7.12 12.58 -2.56
CA GLU A 20 6.85 13.62 -3.54
C GLU A 20 6.21 13.03 -4.79
N GLY A 21 6.74 11.90 -5.24
CA GLY A 21 6.20 11.25 -6.42
C GLY A 21 6.77 11.83 -7.70
N ASP A 22 7.72 11.11 -8.31
CA ASP A 22 8.35 11.56 -9.54
C ASP A 22 7.32 11.61 -10.68
N GLU A 23 7.76 12.09 -11.84
CA GLU A 23 6.89 12.18 -13.00
C GLU A 23 6.43 10.80 -13.45
N GLU A 24 7.24 9.79 -13.17
CA GLU A 24 6.91 8.43 -13.55
C GLU A 24 6.15 7.72 -12.43
N THR A 25 6.62 7.89 -11.20
CA THR A 25 5.98 7.26 -10.05
C THR A 25 4.84 8.13 -9.52
N ALA A 26 4.17 7.64 -8.48
CA ALA A 26 3.06 8.37 -7.88
C ALA A 26 3.43 8.88 -6.49
N GLY A 27 2.92 10.06 -6.15
CA GLY A 27 3.20 10.64 -4.85
C GLY A 27 2.11 10.35 -3.83
N PHE A 28 2.42 10.57 -2.56
CA PHE A 28 1.46 10.34 -1.49
C PHE A 28 1.92 10.98 -0.18
N GLN A 29 1.13 10.80 0.87
CA GLN A 29 1.46 11.37 2.18
C GLN A 29 1.43 10.29 3.26
N GLU A 30 2.17 10.54 4.34
CA GLU A 30 2.22 9.60 5.45
C GLU A 30 0.87 9.51 6.17
N GLY A 31 0.28 8.33 6.14
CA GLY A 31 -1.01 8.14 6.80
C GLY A 31 -2.08 7.68 5.83
N VAL A 32 -1.66 7.16 4.67
CA VAL A 32 -2.60 6.69 3.66
C VAL A 32 -2.74 5.17 3.72
N SER A 33 -3.84 4.67 3.18
CA SER A 33 -4.11 3.24 3.17
C SER A 33 -3.92 2.66 1.77
N MET A 34 -2.87 1.85 1.61
CA MET A 34 -2.58 1.24 0.31
C MET A 34 -2.72 -0.28 0.39
N GLU A 35 -2.85 -0.91 -0.76
CA GLU A 35 -3.00 -2.37 -0.82
C GLU A 35 -1.97 -2.98 -1.78
N VAL A 36 -0.97 -3.64 -1.22
CA VAL A 36 0.07 -4.27 -2.01
C VAL A 36 -0.53 -5.16 -3.09
N LEU A 37 -0.23 -4.85 -4.35
CA LEU A 37 -0.74 -5.62 -5.48
C LEU A 37 0.37 -6.45 -6.11
N GLU A 38 1.50 -5.81 -6.39
CA GLU A 38 2.63 -6.49 -7.01
C GLU A 38 3.94 -6.10 -6.32
N ARG A 39 4.99 -6.87 -6.57
CA ARG A 39 6.29 -6.60 -5.97
C ARG A 39 7.42 -7.01 -6.92
N ASN A 40 8.18 -6.02 -7.37
CA ASN A 40 9.29 -6.27 -8.29
C ASN A 40 10.54 -6.68 -7.52
N PRO A 41 11.49 -7.31 -8.24
CA PRO A 41 12.75 -7.77 -7.65
C PRO A 41 13.67 -6.60 -7.27
N ASN A 42 13.38 -5.43 -7.81
CA ASN A 42 14.18 -4.24 -7.54
C ASN A 42 13.82 -3.63 -6.19
N GLY A 43 12.62 -3.97 -5.70
CA GLY A 43 12.18 -3.47 -4.41
C GLY A 43 10.90 -2.66 -4.53
N TRP A 44 10.66 -2.09 -5.70
CA TRP A 44 9.45 -1.29 -5.94
C TRP A 44 8.22 -2.19 -6.03
N TRP A 45 7.20 -1.86 -5.25
CA TRP A 45 5.96 -2.63 -5.25
C TRP A 45 4.80 -1.81 -5.79
N TYR A 46 3.85 -2.48 -6.42
CA TYR A 46 2.68 -1.80 -6.98
C TYR A 46 1.52 -1.81 -6.00
N CYS A 47 1.33 -0.70 -5.30
CA CYS A 47 0.24 -0.58 -4.33
C CYS A 47 -0.93 0.20 -4.91
N GLN A 48 -1.95 0.42 -4.08
CA GLN A 48 -3.13 1.16 -4.53
C GLN A 48 -3.59 2.14 -3.45
N ILE A 49 -3.23 3.42 -3.62
CA ILE A 49 -3.61 4.44 -2.66
C ILE A 49 -5.12 4.55 -2.53
N LEU A 50 -5.63 4.29 -1.33
CA LEU A 50 -7.07 4.35 -1.07
C LEU A 50 -7.43 5.65 -0.36
N ASP A 51 -6.84 6.76 -0.82
CA ASP A 51 -7.10 8.06 -0.22
C ASP A 51 -8.60 8.33 -0.15
N GLY A 52 -9.35 7.80 -1.12
CA GLY A 52 -10.78 8.00 -1.14
C GLY A 52 -11.19 9.20 -1.97
N VAL A 53 -10.79 10.38 -1.52
CA VAL A 53 -11.11 11.61 -2.23
C VAL A 53 -10.47 11.65 -3.61
N LYS A 54 -9.32 11.00 -3.74
CA LYS A 54 -8.60 10.95 -5.01
C LYS A 54 -7.61 9.79 -5.03
N PRO A 55 -8.13 8.56 -5.13
CA PRO A 55 -7.31 7.35 -5.16
C PRO A 55 -6.52 7.23 -6.46
N PHE A 56 -5.37 6.55 -6.39
CA PHE A 56 -4.52 6.36 -7.56
C PHE A 56 -3.48 5.28 -7.30
N LYS A 57 -3.01 4.66 -8.37
CA LYS A 57 -2.00 3.60 -8.26
C LYS A 57 -0.62 4.12 -8.65
N GLY A 58 0.39 3.26 -8.53
CA GLY A 58 1.73 3.65 -8.87
C GLY A 58 2.77 2.99 -7.99
N TRP A 59 3.78 2.38 -8.62
CA TRP A 59 4.84 1.70 -7.89
C TRP A 59 5.45 2.61 -6.83
N VAL A 60 5.67 2.06 -5.64
CA VAL A 60 6.25 2.81 -4.53
C VAL A 60 7.31 2.01 -3.80
N PRO A 61 8.23 2.71 -3.14
CA PRO A 61 9.32 2.08 -2.37
C PRO A 61 8.81 1.37 -1.13
N SER A 62 9.14 0.08 -1.01
CA SER A 62 8.71 -0.72 0.14
C SER A 62 9.10 -0.03 1.45
N ASN A 63 10.19 0.72 1.41
CA ASN A 63 10.68 1.43 2.59
C ASN A 63 9.60 2.36 3.14
N TYR A 64 8.72 2.83 2.26
CA TYR A 64 7.66 3.74 2.66
C TYR A 64 6.36 2.96 2.93
N LEU A 65 6.50 1.70 3.30
CA LEU A 65 5.35 0.86 3.59
C LEU A 65 5.61 -0.02 4.81
N GLU A 66 4.58 -0.18 5.64
CA GLU A 66 4.70 -1.00 6.85
C GLU A 66 3.45 -1.85 7.06
N LYS A 67 3.64 -3.12 7.35
CA LYS A 67 2.53 -4.04 7.58
C LYS A 67 1.58 -3.49 8.65
N LYS A 68 0.38 -3.11 8.23
CA LYS A 68 -0.62 -2.57 9.16
C LYS A 68 -1.37 -3.70 9.86
N ASN A 69 -1.75 -3.46 11.10
CA ASN A 69 -2.48 -4.45 11.88
C ASN A 69 -3.89 -3.96 12.20
N SER A 70 -4.79 -4.90 12.49
CA SER A 70 -6.17 -4.58 12.80
C SER A 70 -6.32 -4.18 14.27
N GLY A 71 -5.95 -5.10 15.16
CA GLY A 71 -6.05 -4.84 16.58
C GLY A 71 -5.10 -5.69 17.40
N PRO A 72 -4.92 -5.33 18.68
CA PRO A 72 -4.03 -6.06 19.59
C PRO A 72 -4.59 -7.42 19.96
N SER A 73 -5.91 -7.50 20.12
CA SER A 73 -6.56 -8.76 20.48
C SER A 73 -6.48 -9.76 19.33
N SER A 74 -6.69 -9.27 18.11
CA SER A 74 -6.65 -10.12 16.93
C SER A 74 -5.32 -10.88 16.85
N GLY A 75 -5.41 -12.18 16.57
CA GLY A 75 -4.21 -13.00 16.47
C GLY A 75 -4.35 -14.09 15.42
N GLY A 1 -20.29 3.76 -5.30
CA GLY A 1 -21.21 3.58 -6.41
C GLY A 1 -20.81 2.43 -7.31
N SER A 2 -19.65 2.56 -7.94
CA SER A 2 -19.16 1.52 -8.85
C SER A 2 -17.73 1.13 -8.50
N SER A 3 -17.55 -0.11 -8.07
CA SER A 3 -16.22 -0.61 -7.69
C SER A 3 -16.27 -2.12 -7.47
N GLY A 4 -15.09 -2.71 -7.24
CA GLY A 4 -15.01 -4.14 -7.00
C GLY A 4 -13.62 -4.58 -6.57
N SER A 5 -13.53 -5.78 -6.02
CA SER A 5 -12.25 -6.32 -5.56
C SER A 5 -12.40 -7.77 -5.12
N SER A 6 -11.30 -8.52 -5.19
CA SER A 6 -11.31 -9.92 -4.81
C SER A 6 -9.93 -10.34 -4.27
N GLY A 7 -9.85 -11.58 -3.80
CA GLY A 7 -8.60 -12.09 -3.27
C GLY A 7 -8.64 -12.26 -1.76
N ASN A 8 -8.43 -13.49 -1.30
CA ASN A 8 -8.45 -13.79 0.13
C ASN A 8 -7.23 -13.18 0.83
N LEU A 9 -6.06 -13.42 0.27
CA LEU A 9 -4.81 -12.90 0.83
C LEU A 9 -4.67 -11.41 0.54
N LYS A 10 -4.81 -10.59 1.57
CA LYS A 10 -4.70 -9.13 1.43
C LYS A 10 -3.46 -8.62 2.14
N ASP A 11 -2.70 -7.78 1.45
CA ASP A 11 -1.47 -7.21 2.01
C ASP A 11 -1.59 -5.69 2.13
N VAL A 12 -2.57 -5.24 2.90
CA VAL A 12 -2.79 -3.80 3.09
C VAL A 12 -1.67 -3.19 3.95
N TYR A 13 -0.96 -2.24 3.37
CA TYR A 13 0.13 -1.57 4.09
C TYR A 13 -0.16 -0.08 4.24
N VAL A 14 0.45 0.53 5.27
CA VAL A 14 0.26 1.95 5.52
C VAL A 14 1.55 2.72 5.31
N SER A 15 1.43 3.94 4.80
CA SER A 15 2.59 4.78 4.55
C SER A 15 3.18 5.30 5.85
N ILE A 16 4.51 5.36 5.90
CA ILE A 16 5.21 5.84 7.09
C ILE A 16 6.12 7.02 6.76
N ALA A 17 5.80 7.72 5.67
CA ALA A 17 6.58 8.87 5.25
C ALA A 17 5.96 9.54 4.02
N ASP A 18 6.11 10.85 3.93
CA ASP A 18 5.57 11.61 2.80
C ASP A 18 6.35 11.31 1.52
N TYR A 19 5.68 11.44 0.39
CA TYR A 19 6.30 11.18 -0.90
C TYR A 19 5.65 12.02 -2.00
N GLU A 20 6.45 12.50 -2.94
CA GLU A 20 5.96 13.30 -4.04
C GLU A 20 6.36 12.70 -5.38
N GLY A 21 6.57 11.39 -5.40
CA GLY A 21 6.96 10.72 -6.63
C GLY A 21 8.17 11.35 -7.28
N ASP A 22 8.50 10.89 -8.48
CA ASP A 22 9.65 11.42 -9.22
C ASP A 22 9.24 11.87 -10.62
N GLU A 23 9.02 10.90 -11.50
CA GLU A 23 8.63 11.18 -12.87
C GLU A 23 7.50 10.24 -13.32
N GLU A 24 7.69 8.95 -13.09
CA GLU A 24 6.70 7.95 -13.47
C GLU A 24 5.91 7.48 -12.26
N THR A 25 6.55 7.52 -11.09
CA THR A 25 5.91 7.09 -9.86
C THR A 25 4.94 8.15 -9.35
N ALA A 26 4.02 7.73 -8.47
CA ALA A 26 3.03 8.64 -7.91
C ALA A 26 3.44 9.09 -6.51
N GLY A 27 2.82 10.18 -6.05
CA GLY A 27 3.14 10.70 -4.72
C GLY A 27 2.01 10.46 -3.73
N PHE A 28 2.35 10.43 -2.45
CA PHE A 28 1.37 10.21 -1.40
C PHE A 28 1.78 10.91 -0.11
N GLN A 29 0.97 10.74 0.93
CA GLN A 29 1.25 11.36 2.23
C GLN A 29 1.28 10.32 3.34
N GLU A 30 2.09 10.58 4.36
CA GLU A 30 2.22 9.66 5.48
C GLU A 30 0.89 9.53 6.23
N GLY A 31 0.31 8.33 6.20
CA GLY A 31 -0.95 8.10 6.88
C GLY A 31 -2.04 7.66 5.92
N VAL A 32 -1.64 7.15 4.76
CA VAL A 32 -2.59 6.68 3.77
C VAL A 32 -2.72 5.15 3.80
N SER A 33 -3.85 4.65 3.31
CA SER A 33 -4.11 3.22 3.29
C SER A 33 -3.93 2.65 1.88
N MET A 34 -2.89 1.86 1.70
CA MET A 34 -2.61 1.26 0.40
C MET A 34 -2.75 -0.26 0.46
N GLU A 35 -2.91 -0.88 -0.70
CA GLU A 35 -3.07 -2.33 -0.77
C GLU A 35 -2.05 -2.93 -1.75
N VAL A 36 -1.03 -3.58 -1.19
CA VAL A 36 0.01 -4.21 -2.01
C VAL A 36 -0.61 -5.11 -3.08
N LEU A 37 -0.33 -4.79 -4.34
CA LEU A 37 -0.86 -5.58 -5.45
C LEU A 37 0.25 -6.41 -6.10
N GLU A 38 1.37 -5.76 -6.42
CA GLU A 38 2.50 -6.44 -7.03
C GLU A 38 3.81 -6.03 -6.37
N ARG A 39 4.89 -6.72 -6.73
CA ARG A 39 6.21 -6.43 -6.17
C ARG A 39 7.31 -6.80 -7.16
N ASN A 40 8.18 -5.83 -7.45
CA ASN A 40 9.27 -6.06 -8.38
C ASN A 40 10.53 -6.50 -7.64
N PRO A 41 11.47 -7.11 -8.37
CA PRO A 41 12.73 -7.58 -7.80
C PRO A 41 13.66 -6.44 -7.41
N ASN A 42 13.34 -5.24 -7.87
CA ASN A 42 14.14 -4.06 -7.56
C ASN A 42 13.76 -3.49 -6.18
N GLY A 43 12.57 -3.84 -5.72
CA GLY A 43 12.11 -3.36 -4.43
C GLY A 43 10.81 -2.58 -4.53
N TRP A 44 10.59 -1.94 -5.67
CA TRP A 44 9.39 -1.16 -5.89
C TRP A 44 8.16 -2.06 -6.01
N TRP A 45 7.13 -1.76 -5.25
CA TRP A 45 5.91 -2.54 -5.27
C TRP A 45 4.73 -1.71 -5.80
N TYR A 46 3.76 -2.38 -6.40
CA TYR A 46 2.59 -1.72 -6.95
C TYR A 46 1.42 -1.75 -5.97
N CYS A 47 1.22 -0.65 -5.26
CA CYS A 47 0.14 -0.57 -4.27
C CYS A 47 -1.04 0.21 -4.84
N GLN A 48 -2.03 0.48 -4.00
CA GLN A 48 -3.22 1.21 -4.42
C GLN A 48 -3.68 2.17 -3.34
N ILE A 49 -3.34 3.45 -3.50
CA ILE A 49 -3.70 4.48 -2.55
C ILE A 49 -5.22 4.57 -2.39
N LEU A 50 -5.71 4.26 -1.20
CA LEU A 50 -7.15 4.31 -0.93
C LEU A 50 -7.53 5.61 -0.22
N ASP A 51 -6.95 6.71 -0.69
CA ASP A 51 -7.23 8.03 -0.12
C ASP A 51 -8.74 8.28 -0.03
N GLY A 52 -9.47 7.80 -1.02
CA GLY A 52 -10.91 7.96 -1.04
C GLY A 52 -11.34 9.18 -1.84
N VAL A 53 -10.94 10.37 -1.39
CA VAL A 53 -11.29 11.60 -2.07
C VAL A 53 -10.61 11.68 -3.44
N LYS A 54 -9.49 10.99 -3.58
CA LYS A 54 -8.75 10.97 -4.84
C LYS A 54 -7.72 9.84 -4.86
N PRO A 55 -8.23 8.59 -4.92
CA PRO A 55 -7.37 7.40 -4.95
C PRO A 55 -6.61 7.27 -6.26
N PHE A 56 -5.50 6.53 -6.22
CA PHE A 56 -4.67 6.33 -7.40
C PHE A 56 -3.60 5.27 -7.15
N LYS A 57 -3.09 4.68 -8.22
CA LYS A 57 -2.07 3.66 -8.11
C LYS A 57 -0.70 4.20 -8.51
N GLY A 58 0.32 3.35 -8.44
CA GLY A 58 1.66 3.77 -8.79
C GLY A 58 2.73 3.07 -7.95
N TRP A 59 3.70 2.49 -8.63
CA TRP A 59 4.79 1.78 -7.94
C TRP A 59 5.42 2.67 -6.88
N VAL A 60 5.37 2.23 -5.63
CA VAL A 60 5.94 2.99 -4.52
C VAL A 60 7.04 2.20 -3.82
N PRO A 61 7.96 2.91 -3.16
CA PRO A 61 9.07 2.30 -2.43
C PRO A 61 8.61 1.54 -1.19
N SER A 62 8.96 0.26 -1.11
CA SER A 62 8.59 -0.57 0.02
C SER A 62 9.03 0.07 1.33
N ASN A 63 10.08 0.86 1.27
CA ASN A 63 10.61 1.53 2.45
C ASN A 63 9.59 2.50 3.04
N TYR A 64 8.69 2.98 2.18
CA TYR A 64 7.66 3.92 2.60
C TYR A 64 6.35 3.18 2.92
N LEU A 65 6.47 1.91 3.28
CA LEU A 65 5.31 1.10 3.60
C LEU A 65 5.53 0.31 4.89
N GLU A 66 4.44 0.01 5.58
CA GLU A 66 4.52 -0.75 6.84
C GLU A 66 3.30 -1.66 7.01
N LYS A 67 3.55 -2.91 7.35
CA LYS A 67 2.47 -3.88 7.54
C LYS A 67 1.47 -3.38 8.59
N LYS A 68 0.20 -3.32 8.21
CA LYS A 68 -0.85 -2.87 9.11
C LYS A 68 -1.66 -4.05 9.64
N ASN A 69 -1.94 -4.04 10.93
CA ASN A 69 -2.71 -5.11 11.56
C ASN A 69 -4.19 -4.74 11.62
N SER A 70 -4.98 -5.59 12.26
CA SER A 70 -6.42 -5.36 12.39
C SER A 70 -6.72 -4.44 13.58
N GLY A 71 -5.83 -4.46 14.57
CA GLY A 71 -6.01 -3.63 15.74
C GLY A 71 -4.78 -2.81 16.08
N PRO A 72 -4.84 -2.08 17.20
CA PRO A 72 -3.73 -1.23 17.65
C PRO A 72 -2.53 -2.05 18.11
N SER A 73 -1.55 -1.37 18.71
CA SER A 73 -0.35 -2.04 19.21
C SER A 73 -0.07 -1.64 20.65
N SER A 74 0.06 -0.33 20.89
CA SER A 74 0.33 0.18 22.22
C SER A 74 1.61 -0.43 22.79
N GLY A 75 2.61 -0.59 21.92
CA GLY A 75 3.87 -1.16 22.35
C GLY A 75 3.94 -2.66 22.14
N GLY A 1 -15.86 -19.27 -1.82
CA GLY A 1 -14.93 -18.74 -0.83
C GLY A 1 -15.16 -19.31 0.54
N SER A 2 -14.96 -18.50 1.57
CA SER A 2 -15.14 -18.94 2.95
C SER A 2 -16.49 -18.50 3.49
N SER A 3 -17.14 -19.38 4.25
CA SER A 3 -18.44 -19.08 4.83
C SER A 3 -18.29 -18.40 6.18
N GLY A 4 -18.17 -17.08 6.17
CA GLY A 4 -18.03 -16.32 7.40
C GLY A 4 -17.61 -14.90 7.17
N SER A 5 -17.42 -14.14 8.25
CA SER A 5 -17.02 -12.75 8.16
C SER A 5 -15.59 -12.56 8.69
N SER A 6 -15.26 -13.30 9.74
CA SER A 6 -13.93 -13.21 10.35
C SER A 6 -12.99 -14.23 9.72
N GLY A 7 -12.37 -13.85 8.62
CA GLY A 7 -11.44 -14.74 7.94
C GLY A 7 -11.10 -14.29 6.54
N ASN A 8 -10.22 -13.29 6.44
CA ASN A 8 -9.82 -12.75 5.14
C ASN A 8 -8.31 -12.55 5.09
N LEU A 9 -7.74 -12.69 3.89
CA LEU A 9 -6.31 -12.51 3.69
C LEU A 9 -6.02 -11.33 2.78
N LYS A 10 -5.34 -10.32 3.32
CA LYS A 10 -4.99 -9.13 2.55
C LYS A 10 -3.64 -8.60 2.97
N ASP A 11 -3.03 -7.78 2.10
CA ASP A 11 -1.72 -7.20 2.38
C ASP A 11 -1.80 -5.68 2.35
N VAL A 12 -2.62 -5.12 3.21
CA VAL A 12 -2.79 -3.67 3.29
C VAL A 12 -1.65 -3.02 4.09
N TYR A 13 -0.87 -2.17 3.42
CA TYR A 13 0.24 -1.50 4.06
C TYR A 13 -0.03 -0.01 4.19
N VAL A 14 0.36 0.57 5.33
CA VAL A 14 0.17 1.99 5.57
C VAL A 14 1.46 2.76 5.39
N SER A 15 1.37 3.94 4.78
CA SER A 15 2.54 4.77 4.54
C SER A 15 3.12 5.29 5.85
N ILE A 16 4.44 5.24 5.97
CA ILE A 16 5.12 5.69 7.16
C ILE A 16 6.04 6.87 6.87
N ALA A 17 5.74 7.58 5.79
CA ALA A 17 6.53 8.74 5.39
C ALA A 17 5.94 9.43 4.16
N ASP A 18 6.06 10.75 4.12
CA ASP A 18 5.53 11.53 3.00
C ASP A 18 6.46 11.45 1.79
N TYR A 19 5.90 11.06 0.65
CA TYR A 19 6.68 10.93 -0.58
C TYR A 19 6.26 12.00 -1.59
N GLU A 20 7.20 12.38 -2.45
CA GLU A 20 6.93 13.38 -3.48
C GLU A 20 6.34 12.75 -4.72
N GLY A 21 7.00 11.73 -5.24
CA GLY A 21 6.53 11.06 -6.44
C GLY A 21 7.15 11.60 -7.71
N ASP A 22 8.08 10.85 -8.28
CA ASP A 22 8.76 11.26 -9.50
C ASP A 22 7.77 11.39 -10.65
N GLU A 23 8.29 11.71 -11.83
CA GLU A 23 7.45 11.88 -13.01
C GLU A 23 6.89 10.54 -13.47
N GLU A 24 7.62 9.46 -13.18
CA GLU A 24 7.21 8.12 -13.56
C GLU A 24 6.38 7.47 -12.45
N THR A 25 6.78 7.73 -11.21
CA THR A 25 6.08 7.16 -10.06
C THR A 25 4.97 8.09 -9.58
N ALA A 26 4.26 7.67 -8.54
CA ALA A 26 3.18 8.47 -7.97
C ALA A 26 3.53 8.96 -6.57
N GLY A 27 2.99 10.13 -6.21
CA GLY A 27 3.26 10.68 -4.89
C GLY A 27 2.12 10.43 -3.91
N PHE A 28 2.43 10.50 -2.62
CA PHE A 28 1.44 10.28 -1.59
C PHE A 28 1.84 10.97 -0.28
N GLN A 29 1.04 10.78 0.75
CA GLN A 29 1.30 11.39 2.05
C GLN A 29 1.27 10.34 3.16
N GLU A 30 2.05 10.57 4.21
CA GLU A 30 2.11 9.65 5.34
C GLU A 30 0.76 9.59 6.06
N GLY A 31 0.19 8.39 6.12
CA GLY A 31 -1.09 8.21 6.78
C GLY A 31 -2.17 7.74 5.83
N VAL A 32 -1.76 7.19 4.69
CA VAL A 32 -2.70 6.69 3.69
C VAL A 32 -2.81 5.18 3.75
N SER A 33 -3.93 4.65 3.22
CA SER A 33 -4.16 3.21 3.21
C SER A 33 -3.99 2.64 1.81
N MET A 34 -2.92 1.87 1.62
CA MET A 34 -2.64 1.26 0.33
C MET A 34 -2.78 -0.26 0.41
N GLU A 35 -2.95 -0.89 -0.76
CA GLU A 35 -3.10 -2.34 -0.82
C GLU A 35 -2.08 -2.95 -1.78
N VAL A 36 -1.07 -3.60 -1.22
CA VAL A 36 -0.02 -4.23 -2.02
C VAL A 36 -0.62 -5.13 -3.10
N LEU A 37 -0.32 -4.83 -4.35
CA LEU A 37 -0.82 -5.63 -5.47
C LEU A 37 0.28 -6.48 -6.08
N GLU A 38 1.40 -5.85 -6.42
CA GLU A 38 2.53 -6.55 -7.01
C GLU A 38 3.83 -6.14 -6.34
N ARG A 39 4.92 -6.81 -6.71
CA ARG A 39 6.23 -6.52 -6.14
C ARG A 39 7.34 -6.88 -7.13
N ASN A 40 8.19 -5.89 -7.42
CA ASN A 40 9.28 -6.10 -8.36
C ASN A 40 10.56 -6.53 -7.62
N PRO A 41 11.49 -7.13 -8.36
CA PRO A 41 12.77 -7.61 -7.80
C PRO A 41 13.68 -6.45 -7.38
N ASN A 42 13.36 -5.25 -7.84
CA ASN A 42 14.14 -4.07 -7.51
C ASN A 42 13.75 -3.51 -6.14
N GLY A 43 12.56 -3.87 -5.68
CA GLY A 43 12.09 -3.40 -4.39
C GLY A 43 10.79 -2.63 -4.50
N TRP A 44 10.57 -1.98 -5.64
CA TRP A 44 9.37 -1.19 -5.86
C TRP A 44 8.15 -2.10 -5.98
N TRP A 45 7.11 -1.80 -5.21
CA TRP A 45 5.88 -2.59 -5.23
C TRP A 45 4.72 -1.77 -5.77
N TYR A 46 3.78 -2.44 -6.41
CA TYR A 46 2.61 -1.77 -6.97
C TYR A 46 1.44 -1.80 -5.99
N CYS A 47 1.22 -0.69 -5.29
CA CYS A 47 0.14 -0.59 -4.32
C CYS A 47 -1.03 0.19 -4.90
N GLN A 48 -2.04 0.43 -4.07
CA GLN A 48 -3.22 1.18 -4.49
C GLN A 48 -3.68 2.14 -3.41
N ILE A 49 -3.33 3.42 -3.57
CA ILE A 49 -3.70 4.44 -2.60
C ILE A 49 -5.22 4.53 -2.47
N LEU A 50 -5.71 4.28 -1.26
CA LEU A 50 -7.15 4.34 -1.00
C LEU A 50 -7.53 5.65 -0.32
N ASP A 51 -6.95 6.74 -0.80
CA ASP A 51 -7.22 8.06 -0.23
C ASP A 51 -8.73 8.32 -0.16
N GLY A 52 -9.47 7.76 -1.11
CA GLY A 52 -10.91 7.93 -1.14
C GLY A 52 -11.33 9.14 -1.95
N VAL A 53 -10.97 10.33 -1.47
CA VAL A 53 -11.32 11.57 -2.15
C VAL A 53 -10.66 11.63 -3.53
N LYS A 54 -9.45 11.11 -3.63
CA LYS A 54 -8.72 11.10 -4.88
C LYS A 54 -7.62 10.04 -4.87
N PRO A 55 -8.04 8.76 -4.87
CA PRO A 55 -7.11 7.63 -4.86
C PRO A 55 -6.36 7.48 -6.18
N PHE A 56 -5.38 6.58 -6.20
CA PHE A 56 -4.58 6.35 -7.41
C PHE A 56 -3.55 5.26 -7.16
N LYS A 57 -3.01 4.70 -8.24
CA LYS A 57 -2.01 3.65 -8.16
C LYS A 57 -0.63 4.19 -8.54
N GLY A 58 0.37 3.30 -8.49
CA GLY A 58 1.72 3.70 -8.84
C GLY A 58 2.76 3.00 -7.98
N TRP A 59 3.75 2.39 -8.63
CA TRP A 59 4.81 1.69 -7.91
C TRP A 59 5.44 2.58 -6.85
N VAL A 60 5.35 2.16 -5.60
CA VAL A 60 5.91 2.92 -4.49
C VAL A 60 7.05 2.15 -3.82
N PRO A 61 7.95 2.89 -3.14
CA PRO A 61 9.09 2.30 -2.45
C PRO A 61 8.67 1.52 -1.21
N SER A 62 9.05 0.24 -1.15
CA SER A 62 8.70 -0.61 -0.03
C SER A 62 9.15 0.03 1.30
N ASN A 63 10.19 0.84 1.22
CA ASN A 63 10.72 1.52 2.41
C ASN A 63 9.66 2.45 3.02
N TYR A 64 8.76 2.94 2.17
CA TYR A 64 7.71 3.84 2.62
C TYR A 64 6.42 3.07 2.90
N LEU A 65 6.57 1.81 3.32
CA LEU A 65 5.41 0.98 3.61
C LEU A 65 5.67 0.13 4.86
N GLU A 66 4.66 0.02 5.72
CA GLU A 66 4.78 -0.78 6.94
C GLU A 66 3.56 -1.66 7.14
N LYS A 67 3.79 -2.91 7.52
CA LYS A 67 2.71 -3.86 7.74
C LYS A 67 1.72 -3.33 8.77
N LYS A 68 0.49 -3.08 8.33
CA LYS A 68 -0.55 -2.57 9.22
C LYS A 68 -1.24 -3.71 9.95
N ASN A 69 -1.16 -3.68 11.28
CA ASN A 69 -1.79 -4.72 12.10
C ASN A 69 -2.02 -4.22 13.52
N SER A 70 -3.15 -4.60 14.11
CA SER A 70 -3.49 -4.19 15.46
C SER A 70 -2.47 -4.73 16.46
N GLY A 71 -1.84 -5.86 16.12
CA GLY A 71 -0.86 -6.45 17.00
C GLY A 71 -1.03 -7.95 17.12
N PRO A 72 -0.11 -8.60 17.86
CA PRO A 72 -0.13 -10.05 18.07
C PRO A 72 -1.29 -10.48 18.96
N SER A 73 -1.62 -9.65 19.95
CA SER A 73 -2.69 -9.96 20.88
C SER A 73 -3.75 -8.86 20.85
N SER A 74 -5.02 -9.26 20.87
CA SER A 74 -6.12 -8.31 20.85
C SER A 74 -6.25 -7.58 22.18
N GLY A 75 -6.65 -8.31 23.22
CA GLY A 75 -6.80 -7.70 24.53
C GLY A 75 -6.87 -8.74 25.63
N GLY A 1 -18.73 -0.34 -13.57
CA GLY A 1 -19.55 -1.14 -12.68
C GLY A 1 -18.74 -2.21 -11.96
N SER A 2 -18.19 -3.14 -12.73
CA SER A 2 -17.39 -4.23 -12.15
C SER A 2 -15.90 -3.98 -12.36
N SER A 3 -15.21 -3.59 -11.29
CA SER A 3 -13.79 -3.32 -11.37
C SER A 3 -13.07 -3.81 -10.10
N GLY A 4 -11.83 -4.22 -10.27
CA GLY A 4 -11.05 -4.71 -9.13
C GLY A 4 -10.76 -6.19 -9.23
N SER A 5 -10.50 -6.82 -8.08
CA SER A 5 -10.20 -8.24 -8.04
C SER A 5 -10.59 -8.84 -6.69
N SER A 6 -10.56 -10.16 -6.60
CA SER A 6 -10.91 -10.86 -5.37
C SER A 6 -10.05 -10.37 -4.21
N GLY A 7 -10.34 -10.88 -3.01
CA GLY A 7 -9.59 -10.48 -1.84
C GLY A 7 -8.55 -11.51 -1.44
N ASN A 8 -8.16 -12.34 -2.40
CA ASN A 8 -7.16 -13.38 -2.14
C ASN A 8 -5.85 -12.78 -1.65
N LEU A 9 -5.40 -13.22 -0.49
CA LEU A 9 -4.16 -12.72 0.10
C LEU A 9 -4.17 -11.20 0.17
N LYS A 10 -4.73 -10.67 1.25
CA LYS A 10 -4.80 -9.23 1.45
C LYS A 10 -3.67 -8.74 2.34
N ASP A 11 -2.85 -7.84 1.82
CA ASP A 11 -1.73 -7.30 2.58
C ASP A 11 -1.73 -5.77 2.54
N VAL A 12 -2.70 -5.17 3.23
CA VAL A 12 -2.82 -3.72 3.28
C VAL A 12 -1.67 -3.10 4.07
N TYR A 13 -0.91 -2.23 3.41
CA TYR A 13 0.22 -1.56 4.04
C TYR A 13 -0.03 -0.07 4.17
N VAL A 14 0.35 0.50 5.32
CA VAL A 14 0.18 1.92 5.57
C VAL A 14 1.50 2.67 5.43
N SER A 15 1.47 3.78 4.69
CA SER A 15 2.65 4.59 4.47
C SER A 15 3.22 5.08 5.80
N ILE A 16 4.54 5.02 5.94
CA ILE A 16 5.20 5.48 7.15
C ILE A 16 6.06 6.71 6.89
N ALA A 17 5.72 7.44 5.84
CA ALA A 17 6.45 8.65 5.47
C ALA A 17 5.81 9.35 4.28
N ASP A 18 6.01 10.67 4.20
CA ASP A 18 5.45 11.45 3.10
C ASP A 18 6.35 11.39 1.88
N TYR A 19 5.75 11.16 0.72
CA TYR A 19 6.50 11.08 -0.53
C TYR A 19 6.06 12.17 -1.50
N GLU A 20 6.91 12.45 -2.48
CA GLU A 20 6.61 13.48 -3.48
C GLU A 20 5.96 12.87 -4.71
N GLY A 21 6.61 11.83 -5.26
CA GLY A 21 6.08 11.17 -6.44
C GLY A 21 6.73 11.65 -7.72
N ASP A 22 7.69 10.88 -8.22
CA ASP A 22 8.39 11.24 -9.45
C ASP A 22 7.43 11.35 -10.62
N GLU A 23 7.95 11.70 -11.79
CA GLU A 23 7.14 11.84 -12.99
C GLU A 23 6.57 10.49 -13.41
N GLU A 24 7.30 9.43 -13.11
CA GLU A 24 6.87 8.08 -13.45
C GLU A 24 6.12 7.43 -12.29
N THR A 25 6.59 7.68 -11.07
CA THR A 25 5.98 7.11 -9.89
C THR A 25 4.85 8.00 -9.39
N ALA A 26 4.15 7.54 -8.35
CA ALA A 26 3.05 8.29 -7.77
C ALA A 26 3.40 8.82 -6.38
N GLY A 27 2.93 10.01 -6.06
CA GLY A 27 3.21 10.60 -4.76
C GLY A 27 2.12 10.32 -3.75
N PHE A 28 2.40 10.60 -2.48
CA PHE A 28 1.43 10.37 -1.42
C PHE A 28 1.88 11.02 -0.12
N GLN A 29 1.09 10.86 0.94
CA GLN A 29 1.41 11.44 2.23
C GLN A 29 1.37 10.39 3.33
N GLU A 30 2.13 10.61 4.39
CA GLU A 30 2.19 9.67 5.51
C GLU A 30 0.82 9.58 6.20
N GLY A 31 0.22 8.39 6.16
CA GLY A 31 -1.07 8.19 6.79
C GLY A 31 -2.11 7.69 5.80
N VAL A 32 -1.67 7.30 4.62
CA VAL A 32 -2.57 6.80 3.59
C VAL A 32 -2.71 5.28 3.67
N SER A 33 -3.79 4.75 3.11
CA SER A 33 -4.05 3.32 3.12
C SER A 33 -3.87 2.72 1.73
N MET A 34 -2.83 1.90 1.55
CA MET A 34 -2.56 1.28 0.27
C MET A 34 -2.70 -0.24 0.38
N GLU A 35 -2.86 -0.89 -0.77
CA GLU A 35 -3.01 -2.35 -0.81
C GLU A 35 -1.98 -2.97 -1.76
N VAL A 36 -0.98 -3.62 -1.17
CA VAL A 36 0.07 -4.26 -1.95
C VAL A 36 -0.52 -5.18 -3.02
N LEU A 37 -0.27 -4.85 -4.28
CA LEU A 37 -0.77 -5.64 -5.40
C LEU A 37 0.34 -6.48 -6.01
N GLU A 38 1.46 -5.83 -6.35
CA GLU A 38 2.59 -6.52 -6.95
C GLU A 38 3.90 -6.09 -6.29
N ARG A 39 4.96 -6.85 -6.55
CA ARG A 39 6.27 -6.55 -5.98
C ARG A 39 7.38 -6.93 -6.95
N ASN A 40 8.17 -5.93 -7.35
CA ASN A 40 9.28 -6.16 -8.27
C ASN A 40 10.54 -6.56 -7.53
N PRO A 41 11.49 -7.17 -8.26
CA PRO A 41 12.76 -7.62 -7.68
C PRO A 41 13.67 -6.46 -7.30
N ASN A 42 13.33 -5.27 -7.79
CA ASN A 42 14.12 -4.08 -7.50
C ASN A 42 13.73 -3.49 -6.14
N GLY A 43 12.58 -3.91 -5.62
CA GLY A 43 12.12 -3.41 -4.34
C GLY A 43 10.82 -2.63 -4.45
N TRP A 44 10.59 -2.03 -5.62
CA TRP A 44 9.38 -1.26 -5.85
C TRP A 44 8.16 -2.16 -5.95
N TRP A 45 7.12 -1.84 -5.19
CA TRP A 45 5.89 -2.63 -5.19
C TRP A 45 4.73 -1.81 -5.74
N TYR A 46 3.80 -2.49 -6.40
CA TYR A 46 2.63 -1.82 -6.97
C TYR A 46 1.46 -1.85 -6.00
N CYS A 47 1.24 -0.72 -5.32
CA CYS A 47 0.14 -0.61 -4.37
C CYS A 47 -1.01 0.20 -4.95
N GLN A 48 -2.01 0.46 -4.11
CA GLN A 48 -3.18 1.23 -4.55
C GLN A 48 -3.60 2.23 -3.47
N ILE A 49 -3.22 3.49 -3.66
CA ILE A 49 -3.56 4.54 -2.70
C ILE A 49 -5.07 4.67 -2.56
N LEU A 50 -5.57 4.42 -1.35
CA LEU A 50 -7.00 4.51 -1.07
C LEU A 50 -7.33 5.83 -0.36
N ASP A 51 -6.71 6.91 -0.81
CA ASP A 51 -6.94 8.22 -0.22
C ASP A 51 -8.44 8.53 -0.14
N GLY A 52 -9.19 8.01 -1.09
CA GLY A 52 -10.63 8.23 -1.11
C GLY A 52 -11.00 9.45 -1.94
N VAL A 53 -10.56 10.62 -1.51
CA VAL A 53 -10.86 11.86 -2.22
C VAL A 53 -10.25 11.86 -3.61
N LYS A 54 -9.12 11.16 -3.75
CA LYS A 54 -8.44 11.07 -5.04
C LYS A 54 -7.47 9.90 -5.06
N PRO A 55 -8.03 8.68 -5.15
CA PRO A 55 -7.23 7.44 -5.17
C PRO A 55 -6.46 7.28 -6.49
N PHE A 56 -5.34 6.58 -6.42
CA PHE A 56 -4.52 6.36 -7.60
C PHE A 56 -3.47 5.28 -7.33
N LYS A 57 -2.98 4.65 -8.41
CA LYS A 57 -1.98 3.60 -8.29
C LYS A 57 -0.60 4.13 -8.68
N GLY A 58 0.40 3.24 -8.61
CA GLY A 58 1.75 3.63 -8.96
C GLY A 58 2.80 2.96 -8.10
N TRP A 59 3.79 2.35 -8.73
CA TRP A 59 4.85 1.66 -8.01
C TRP A 59 5.46 2.56 -6.96
N VAL A 60 5.38 2.15 -5.69
CA VAL A 60 5.94 2.92 -4.60
C VAL A 60 7.06 2.16 -3.90
N PRO A 61 7.96 2.91 -3.23
CA PRO A 61 9.09 2.33 -2.51
C PRO A 61 8.65 1.56 -1.27
N SER A 62 9.03 0.30 -1.19
CA SER A 62 8.68 -0.55 -0.06
C SER A 62 9.08 0.11 1.25
N ASN A 63 10.14 0.92 1.20
CA ASN A 63 10.63 1.61 2.38
C ASN A 63 9.56 2.51 2.98
N TYR A 64 8.66 2.99 2.12
CA TYR A 64 7.58 3.88 2.57
C TYR A 64 6.30 3.08 2.80
N LEU A 65 6.46 1.85 3.27
CA LEU A 65 5.32 0.98 3.54
C LEU A 65 5.58 0.11 4.77
N GLU A 66 4.55 -0.06 5.59
CA GLU A 66 4.67 -0.87 6.79
C GLU A 66 3.46 -1.79 6.95
N LYS A 67 3.71 -3.04 7.34
CA LYS A 67 2.65 -4.02 7.53
C LYS A 67 1.67 -3.55 8.59
N LYS A 68 0.41 -3.34 8.19
CA LYS A 68 -0.62 -2.89 9.11
C LYS A 68 -1.37 -4.07 9.70
N ASN A 69 -1.34 -4.19 11.02
CA ASN A 69 -2.02 -5.28 11.71
C ASN A 69 -3.51 -4.98 11.89
N SER A 70 -4.34 -6.00 11.70
CA SER A 70 -5.77 -5.85 11.83
C SER A 70 -6.29 -6.49 13.11
N GLY A 71 -7.59 -6.42 13.33
CA GLY A 71 -8.18 -7.00 14.52
C GLY A 71 -8.26 -6.02 15.67
N PRO A 72 -8.87 -6.44 16.78
CA PRO A 72 -9.02 -5.60 17.97
C PRO A 72 -7.70 -5.35 18.69
N SER A 73 -7.55 -4.17 19.27
CA SER A 73 -6.34 -3.81 19.97
C SER A 73 -6.31 -4.44 21.36
N SER A 74 -5.28 -5.25 21.63
CA SER A 74 -5.14 -5.91 22.91
C SER A 74 -5.22 -4.91 24.06
N GLY A 75 -4.41 -3.85 23.98
CA GLY A 75 -4.41 -2.84 25.01
C GLY A 75 -3.01 -2.52 25.51
N GLY A 1 -17.55 -17.57 -14.30
CA GLY A 1 -17.16 -18.63 -15.21
C GLY A 1 -16.03 -19.48 -14.68
N SER A 2 -14.80 -18.98 -14.84
CA SER A 2 -13.61 -19.70 -14.37
C SER A 2 -13.47 -19.57 -12.85
N SER A 3 -14.19 -20.42 -12.13
CA SER A 3 -14.14 -20.41 -10.67
C SER A 3 -13.02 -21.29 -10.14
N GLY A 4 -11.79 -20.85 -10.34
CA GLY A 4 -10.63 -21.62 -9.89
C GLY A 4 -9.39 -20.76 -9.74
N SER A 5 -9.04 -20.43 -8.51
CA SER A 5 -7.87 -19.62 -8.23
C SER A 5 -7.31 -19.90 -6.83
N SER A 6 -6.17 -19.29 -6.52
CA SER A 6 -5.55 -19.48 -5.22
C SER A 6 -5.09 -18.14 -4.64
N GLY A 7 -5.29 -17.97 -3.33
CA GLY A 7 -4.90 -16.74 -2.68
C GLY A 7 -5.89 -16.32 -1.60
N ASN A 8 -6.82 -15.44 -1.97
CA ASN A 8 -7.82 -14.95 -1.03
C ASN A 8 -7.16 -14.29 0.17
N LEU A 9 -6.09 -13.56 -0.08
CA LEU A 9 -5.36 -12.87 0.99
C LEU A 9 -5.39 -11.36 0.78
N LYS A 10 -4.89 -10.63 1.75
CA LYS A 10 -4.85 -9.16 1.68
C LYS A 10 -3.59 -8.61 2.33
N ASP A 11 -2.89 -7.74 1.62
CA ASP A 11 -1.67 -7.13 2.12
C ASP A 11 -1.80 -5.61 2.17
N VAL A 12 -2.61 -5.12 3.10
CA VAL A 12 -2.81 -3.69 3.25
C VAL A 12 -1.67 -3.04 4.04
N TYR A 13 -0.92 -2.19 3.38
CA TYR A 13 0.21 -1.51 4.01
C TYR A 13 -0.06 0.00 4.13
N VAL A 14 0.35 0.57 5.25
CA VAL A 14 0.15 1.99 5.50
C VAL A 14 1.45 2.76 5.31
N SER A 15 1.35 3.98 4.78
CA SER A 15 2.51 4.82 4.54
C SER A 15 3.10 5.31 5.86
N ILE A 16 4.42 5.14 6.01
CA ILE A 16 5.10 5.57 7.23
C ILE A 16 6.01 6.77 6.95
N ALA A 17 5.71 7.50 5.88
CA ALA A 17 6.50 8.66 5.52
C ALA A 17 5.91 9.35 4.28
N ASP A 18 6.11 10.67 4.20
CA ASP A 18 5.60 11.44 3.08
C ASP A 18 6.55 11.36 1.88
N TYR A 19 5.99 11.06 0.72
CA TYR A 19 6.79 10.95 -0.50
C TYR A 19 6.35 11.98 -1.54
N GLU A 20 7.26 12.33 -2.43
CA GLU A 20 6.97 13.31 -3.47
C GLU A 20 6.47 12.62 -4.74
N GLY A 21 7.26 11.68 -5.25
CA GLY A 21 6.88 10.96 -6.45
C GLY A 21 7.31 11.69 -7.71
N ASP A 22 7.69 10.92 -8.74
CA ASP A 22 8.12 11.50 -10.00
C ASP A 22 7.04 11.34 -11.06
N GLU A 23 7.35 11.78 -12.29
CA GLU A 23 6.39 11.69 -13.39
C GLU A 23 6.04 10.23 -13.68
N GLU A 24 6.96 9.32 -13.35
CA GLU A 24 6.75 7.90 -13.58
C GLU A 24 6.00 7.27 -12.40
N THR A 25 6.49 7.53 -11.20
CA THR A 25 5.87 6.98 -9.99
C THR A 25 4.73 7.88 -9.51
N ALA A 26 4.16 7.52 -8.36
CA ALA A 26 3.07 8.29 -7.79
C ALA A 26 3.43 8.83 -6.42
N GLY A 27 2.98 10.05 -6.13
CA GLY A 27 3.27 10.67 -4.84
C GLY A 27 2.16 10.46 -3.83
N PHE A 28 2.54 10.35 -2.56
CA PHE A 28 1.56 10.15 -1.50
C PHE A 28 2.02 10.83 -0.20
N GLN A 29 1.23 10.66 0.86
CA GLN A 29 1.55 11.26 2.15
C GLN A 29 1.44 10.22 3.27
N GLU A 30 2.15 10.48 4.37
CA GLU A 30 2.13 9.57 5.51
C GLU A 30 0.75 9.55 6.16
N GLY A 31 0.17 8.36 6.25
CA GLY A 31 -1.15 8.21 6.85
C GLY A 31 -2.20 7.77 5.85
N VAL A 32 -1.75 7.19 4.73
CA VAL A 32 -2.66 6.72 3.70
C VAL A 32 -2.79 5.20 3.74
N SER A 33 -3.91 4.71 3.22
CA SER A 33 -4.17 3.27 3.20
C SER A 33 -3.97 2.71 1.79
N MET A 34 -2.92 1.90 1.62
CA MET A 34 -2.63 1.30 0.32
C MET A 34 -2.78 -0.21 0.39
N GLU A 35 -2.91 -0.84 -0.78
CA GLU A 35 -3.06 -2.29 -0.85
C GLU A 35 -2.03 -2.89 -1.81
N VAL A 36 -1.02 -3.55 -1.24
CA VAL A 36 0.02 -4.17 -2.05
C VAL A 36 -0.57 -5.07 -3.13
N LEU A 37 -0.26 -4.76 -4.38
CA LEU A 37 -0.77 -5.54 -5.50
C LEU A 37 0.35 -6.40 -6.12
N GLU A 38 1.48 -5.77 -6.42
CA GLU A 38 2.61 -6.47 -7.01
C GLU A 38 3.91 -6.07 -6.33
N ARG A 39 4.99 -6.76 -6.67
CA ARG A 39 6.29 -6.48 -6.08
C ARG A 39 7.42 -6.85 -7.05
N ASN A 40 8.34 -5.91 -7.27
CA ASN A 40 9.45 -6.13 -8.18
C ASN A 40 10.70 -6.55 -7.40
N PRO A 41 11.66 -7.17 -8.11
CA PRO A 41 12.92 -7.62 -7.51
C PRO A 41 13.82 -6.46 -7.11
N ASN A 42 13.51 -5.27 -7.60
CA ASN A 42 14.29 -4.08 -7.29
C ASN A 42 13.89 -3.51 -5.92
N GLY A 43 12.63 -3.71 -5.54
CA GLY A 43 12.15 -3.21 -4.28
C GLY A 43 10.87 -2.41 -4.41
N TRP A 44 10.58 -1.97 -5.64
CA TRP A 44 9.38 -1.19 -5.90
C TRP A 44 8.15 -2.08 -6.00
N TRP A 45 7.12 -1.75 -5.23
CA TRP A 45 5.89 -2.54 -5.24
C TRP A 45 4.73 -1.71 -5.77
N TYR A 46 3.79 -2.37 -6.43
CA TYR A 46 2.63 -1.70 -6.99
C TYR A 46 1.45 -1.71 -6.02
N CYS A 47 1.27 -0.60 -5.30
CA CYS A 47 0.19 -0.50 -4.34
C CYS A 47 -0.98 0.29 -4.91
N GLN A 48 -2.00 0.54 -4.08
CA GLN A 48 -3.17 1.28 -4.51
C GLN A 48 -3.63 2.25 -3.43
N ILE A 49 -3.27 3.52 -3.59
CA ILE A 49 -3.64 4.55 -2.63
C ILE A 49 -5.16 4.65 -2.50
N LEU A 50 -5.67 4.35 -1.30
CA LEU A 50 -7.10 4.42 -1.06
C LEU A 50 -7.48 5.72 -0.35
N ASP A 51 -6.90 6.82 -0.82
CA ASP A 51 -7.18 8.13 -0.24
C ASP A 51 -8.67 8.39 -0.16
N GLY A 52 -9.41 7.85 -1.13
CA GLY A 52 -10.85 8.03 -1.15
C GLY A 52 -11.27 9.24 -1.96
N VAL A 53 -10.83 10.43 -1.54
CA VAL A 53 -11.17 11.66 -2.24
C VAL A 53 -10.44 11.74 -3.58
N LYS A 54 -9.21 11.24 -3.62
CA LYS A 54 -8.42 11.26 -4.85
C LYS A 54 -7.47 10.06 -4.89
N PRO A 55 -8.05 8.85 -5.03
CA PRO A 55 -7.27 7.61 -5.10
C PRO A 55 -6.48 7.50 -6.39
N PHE A 56 -5.38 6.75 -6.34
CA PHE A 56 -4.53 6.55 -7.51
C PHE A 56 -3.51 5.44 -7.27
N LYS A 57 -3.03 4.84 -8.35
CA LYS A 57 -2.05 3.76 -8.24
C LYS A 57 -0.66 4.26 -8.62
N GLY A 58 0.33 3.39 -8.49
CA GLY A 58 1.70 3.76 -8.83
C GLY A 58 2.71 3.07 -7.93
N TRP A 59 3.75 2.51 -8.56
CA TRP A 59 4.79 1.82 -7.82
C TRP A 59 5.39 2.71 -6.75
N VAL A 60 5.65 2.14 -5.57
CA VAL A 60 6.22 2.89 -4.46
C VAL A 60 7.29 2.09 -3.74
N PRO A 61 8.21 2.79 -3.06
CA PRO A 61 9.31 2.16 -2.33
C PRO A 61 8.82 1.42 -1.09
N SER A 62 9.16 0.13 -1.00
CA SER A 62 8.75 -0.69 0.13
C SER A 62 9.14 -0.04 1.44
N ASN A 63 10.23 0.74 1.41
CA ASN A 63 10.71 1.43 2.61
C ASN A 63 9.63 2.35 3.17
N TYR A 64 8.79 2.89 2.29
CA TYR A 64 7.73 3.79 2.69
C TYR A 64 6.42 3.04 2.88
N LEU A 65 6.51 1.79 3.33
CA LEU A 65 5.34 0.96 3.55
C LEU A 65 5.53 0.05 4.77
N GLU A 66 4.43 -0.30 5.41
CA GLU A 66 4.47 -1.17 6.59
C GLU A 66 3.17 -1.93 6.75
N LYS A 67 3.27 -3.15 7.28
CA LYS A 67 2.10 -3.99 7.49
C LYS A 67 1.22 -3.44 8.61
N LYS A 68 -0.02 -3.10 8.28
CA LYS A 68 -0.96 -2.55 9.25
C LYS A 68 -1.78 -3.67 9.89
N ASN A 69 -2.29 -4.58 9.05
CA ASN A 69 -3.10 -5.69 9.53
C ASN A 69 -2.71 -6.99 8.83
N SER A 70 -2.28 -7.97 9.61
CA SER A 70 -1.87 -9.26 9.05
C SER A 70 -3.09 -10.14 8.78
N GLY A 71 -3.74 -9.91 7.65
CA GLY A 71 -4.91 -10.68 7.28
C GLY A 71 -6.20 -10.02 7.71
N PRO A 72 -7.32 -10.71 7.47
CA PRO A 72 -8.66 -10.20 7.83
C PRO A 72 -8.88 -10.15 9.33
N SER A 73 -8.38 -11.18 10.03
CA SER A 73 -8.53 -11.26 11.48
C SER A 73 -7.21 -10.94 12.18
N SER A 74 -7.28 -10.12 13.22
CA SER A 74 -6.09 -9.74 13.97
C SER A 74 -5.54 -10.93 14.75
N GLY A 75 -6.44 -11.76 15.28
CA GLY A 75 -6.02 -12.93 16.04
C GLY A 75 -7.20 -13.76 16.50
N GLY A 1 -21.73 -6.68 9.57
CA GLY A 1 -21.73 -7.22 8.21
C GLY A 1 -21.24 -6.21 7.19
N SER A 2 -19.92 -6.09 7.07
CA SER A 2 -19.32 -5.14 6.14
C SER A 2 -19.41 -5.67 4.70
N SER A 3 -20.51 -5.36 4.03
CA SER A 3 -20.73 -5.81 2.66
C SER A 3 -19.82 -5.05 1.69
N GLY A 4 -18.81 -5.74 1.16
CA GLY A 4 -17.89 -5.11 0.24
C GLY A 4 -16.44 -5.37 0.59
N SER A 5 -15.57 -5.34 -0.42
CA SER A 5 -14.14 -5.57 -0.20
C SER A 5 -13.92 -6.94 0.45
N SER A 6 -14.52 -7.97 -0.13
CA SER A 6 -14.39 -9.33 0.39
C SER A 6 -13.25 -10.07 -0.31
N GLY A 7 -12.55 -10.91 0.45
CA GLY A 7 -11.45 -11.66 -0.12
C GLY A 7 -10.82 -12.60 0.90
N ASN A 8 -10.16 -13.64 0.40
CA ASN A 8 -9.51 -14.63 1.26
C ASN A 8 -8.12 -14.15 1.67
N LEU A 9 -7.36 -13.64 0.71
CA LEU A 9 -6.02 -13.15 0.98
C LEU A 9 -5.86 -11.71 0.50
N LYS A 10 -5.34 -10.86 1.38
CA LYS A 10 -5.14 -9.45 1.06
C LYS A 10 -3.98 -8.87 1.87
N ASP A 11 -3.34 -7.85 1.32
CA ASP A 11 -2.22 -7.20 2.00
C ASP A 11 -2.38 -5.68 1.99
N VAL A 12 -2.63 -5.11 3.16
CA VAL A 12 -2.80 -3.66 3.28
C VAL A 12 -1.65 -3.03 4.07
N TYR A 13 -0.89 -2.17 3.40
CA TYR A 13 0.24 -1.50 4.03
C TYR A 13 -0.02 -0.01 4.17
N VAL A 14 0.30 0.55 5.33
CA VAL A 14 0.11 1.96 5.59
C VAL A 14 1.42 2.73 5.45
N SER A 15 1.36 3.88 4.78
CA SER A 15 2.55 4.70 4.57
C SER A 15 3.09 5.20 5.91
N ILE A 16 4.41 5.18 6.05
CA ILE A 16 5.07 5.63 7.27
C ILE A 16 6.00 6.80 6.99
N ALA A 17 5.74 7.51 5.90
CA ALA A 17 6.56 8.66 5.53
C ALA A 17 6.01 9.34 4.28
N ASP A 18 6.14 10.66 4.22
CA ASP A 18 5.66 11.43 3.08
C ASP A 18 6.59 11.27 1.88
N TYR A 19 6.00 11.15 0.70
CA TYR A 19 6.78 10.99 -0.53
C TYR A 19 6.37 12.02 -1.57
N GLU A 20 7.27 12.30 -2.51
CA GLU A 20 7.01 13.26 -3.57
C GLU A 20 7.38 12.69 -4.93
N GLY A 21 6.46 11.92 -5.50
CA GLY A 21 6.70 11.32 -6.80
C GLY A 21 7.06 12.34 -7.85
N ASP A 22 7.44 11.87 -9.03
CA ASP A 22 7.83 12.75 -10.13
C ASP A 22 6.96 12.51 -11.35
N GLU A 23 7.21 11.40 -12.05
CA GLU A 23 6.46 11.05 -13.24
C GLU A 23 6.03 9.59 -13.21
N GLU A 24 6.99 8.69 -13.45
CA GLU A 24 6.72 7.27 -13.45
C GLU A 24 6.18 6.81 -12.08
N THR A 25 6.63 7.48 -11.03
CA THR A 25 6.21 7.16 -9.67
C THR A 25 5.15 8.14 -9.17
N ALA A 26 4.20 7.64 -8.40
CA ALA A 26 3.14 8.49 -7.85
C ALA A 26 3.50 8.99 -6.46
N GLY A 27 2.99 10.16 -6.10
CA GLY A 27 3.27 10.74 -4.80
C GLY A 27 2.13 10.54 -3.83
N PHE A 28 2.45 10.47 -2.54
CA PHE A 28 1.44 10.28 -1.51
C PHE A 28 1.86 10.97 -0.21
N GLN A 29 1.04 10.81 0.82
CA GLN A 29 1.33 11.42 2.12
C GLN A 29 1.30 10.37 3.23
N GLU A 30 2.10 10.58 4.26
CA GLU A 30 2.16 9.66 5.39
C GLU A 30 0.82 9.59 6.11
N GLY A 31 0.21 8.40 6.11
CA GLY A 31 -1.06 8.22 6.77
C GLY A 31 -2.15 7.76 5.82
N VAL A 32 -1.73 7.22 4.68
CA VAL A 32 -2.69 6.74 3.68
C VAL A 32 -2.81 5.22 3.73
N SER A 33 -3.91 4.71 3.20
CA SER A 33 -4.16 3.27 3.19
C SER A 33 -3.98 2.70 1.78
N MET A 34 -2.93 1.91 1.61
CA MET A 34 -2.63 1.29 0.32
C MET A 34 -2.77 -0.22 0.39
N GLU A 35 -2.93 -0.86 -0.77
CA GLU A 35 -3.07 -2.31 -0.84
C GLU A 35 -2.05 -2.91 -1.80
N VAL A 36 -1.05 -3.60 -1.24
CA VAL A 36 -0.02 -4.23 -2.05
C VAL A 36 -0.62 -5.09 -3.15
N LEU A 37 -0.40 -4.70 -4.40
CA LEU A 37 -0.93 -5.44 -5.54
C LEU A 37 0.15 -6.32 -6.16
N GLU A 38 1.32 -5.74 -6.38
CA GLU A 38 2.44 -6.48 -6.97
C GLU A 38 3.76 -6.05 -6.34
N ARG A 39 4.83 -6.75 -6.70
CA ARG A 39 6.15 -6.45 -6.17
C ARG A 39 7.25 -6.81 -7.17
N ASN A 40 8.14 -5.86 -7.45
CA ASN A 40 9.22 -6.09 -8.40
C ASN A 40 10.48 -6.54 -7.67
N PRO A 41 11.41 -7.15 -8.43
CA PRO A 41 12.69 -7.63 -7.87
C PRO A 41 13.62 -6.49 -7.49
N ASN A 42 13.37 -5.31 -8.04
CA ASN A 42 14.19 -4.15 -7.74
C ASN A 42 13.88 -3.60 -6.34
N GLY A 43 12.71 -3.96 -5.83
CA GLY A 43 12.31 -3.49 -4.50
C GLY A 43 11.03 -2.69 -4.54
N TRP A 44 10.77 -2.04 -5.67
CA TRP A 44 9.56 -1.22 -5.82
C TRP A 44 8.32 -2.10 -5.93
N TRP A 45 7.30 -1.77 -5.13
CA TRP A 45 6.06 -2.54 -5.14
C TRP A 45 4.92 -1.70 -5.70
N TYR A 46 3.93 -2.37 -6.29
CA TYR A 46 2.78 -1.68 -6.86
C TYR A 46 1.60 -1.71 -5.90
N CYS A 47 1.37 -0.61 -5.21
CA CYS A 47 0.27 -0.50 -4.26
C CYS A 47 -0.90 0.28 -4.86
N GLN A 48 -1.94 0.47 -4.06
CA GLN A 48 -3.13 1.20 -4.51
C GLN A 48 -3.61 2.16 -3.44
N ILE A 49 -3.26 3.43 -3.59
CA ILE A 49 -3.67 4.46 -2.64
C ILE A 49 -5.19 4.54 -2.52
N LEU A 50 -5.70 4.33 -1.32
CA LEU A 50 -7.13 4.38 -1.07
C LEU A 50 -7.53 5.69 -0.39
N ASP A 51 -6.94 6.79 -0.86
CA ASP A 51 -7.23 8.10 -0.30
C ASP A 51 -8.73 8.36 -0.25
N GLY A 52 -9.45 7.83 -1.25
CA GLY A 52 -10.88 8.02 -1.30
C GLY A 52 -11.28 9.23 -2.11
N VAL A 53 -10.93 10.42 -1.60
CA VAL A 53 -11.26 11.66 -2.27
C VAL A 53 -10.57 11.75 -3.63
N LYS A 54 -9.46 11.04 -3.78
CA LYS A 54 -8.71 11.03 -5.02
C LYS A 54 -7.61 9.98 -4.99
N PRO A 55 -8.02 8.70 -4.98
CA PRO A 55 -7.08 7.57 -4.96
C PRO A 55 -6.30 7.42 -6.27
N PHE A 56 -5.32 6.54 -6.27
CA PHE A 56 -4.50 6.31 -7.45
C PHE A 56 -3.44 5.23 -7.19
N LYS A 57 -2.88 4.70 -8.26
CA LYS A 57 -1.86 3.66 -8.15
C LYS A 57 -0.47 4.21 -8.50
N GLY A 58 0.53 3.35 -8.46
CA GLY A 58 1.88 3.77 -8.77
C GLY A 58 2.92 3.10 -7.89
N TRP A 59 3.95 2.54 -8.52
CA TRP A 59 5.01 1.86 -7.77
C TRP A 59 5.56 2.75 -6.67
N VAL A 60 5.81 2.16 -5.51
CA VAL A 60 6.34 2.90 -4.36
C VAL A 60 7.41 2.10 -3.64
N PRO A 61 8.30 2.82 -2.93
CA PRO A 61 9.40 2.19 -2.18
C PRO A 61 8.89 1.41 -0.96
N SER A 62 9.25 0.14 -0.89
CA SER A 62 8.84 -0.72 0.22
C SER A 62 9.21 -0.10 1.55
N ASN A 63 10.27 0.72 1.55
CA ASN A 63 10.73 1.38 2.76
C ASN A 63 9.66 2.32 3.31
N TYR A 64 8.81 2.82 2.42
CA TYR A 64 7.74 3.73 2.82
C TYR A 64 6.44 2.98 3.04
N LEU A 65 6.55 1.73 3.50
CA LEU A 65 5.38 0.91 3.76
C LEU A 65 5.59 0.02 4.98
N GLU A 66 4.54 -0.14 5.78
CA GLU A 66 4.61 -0.96 6.97
C GLU A 66 3.35 -1.80 7.14
N LYS A 67 3.52 -3.07 7.47
CA LYS A 67 2.39 -3.98 7.66
C LYS A 67 1.45 -3.45 8.73
N LYS A 68 0.26 -3.04 8.32
CA LYS A 68 -0.73 -2.51 9.25
C LYS A 68 -1.41 -3.65 10.02
N ASN A 69 -1.67 -3.42 11.30
CA ASN A 69 -2.31 -4.43 12.14
C ASN A 69 -3.80 -4.14 12.28
N SER A 70 -4.62 -4.99 11.65
CA SER A 70 -6.07 -4.84 11.69
C SER A 70 -6.63 -5.36 13.01
N GLY A 71 -7.47 -4.54 13.65
CA GLY A 71 -8.06 -4.94 14.91
C GLY A 71 -9.10 -3.94 15.40
N PRO A 72 -9.86 -4.34 16.44
CA PRO A 72 -10.90 -3.49 17.01
C PRO A 72 -10.33 -2.30 17.77
N SER A 73 -9.33 -2.58 18.61
CA SER A 73 -8.69 -1.53 19.40
C SER A 73 -7.93 -0.55 18.51
N SER A 74 -7.81 0.69 18.97
CA SER A 74 -7.11 1.71 18.20
C SER A 74 -5.86 2.18 18.93
N GLY A 75 -4.72 1.62 18.56
CA GLY A 75 -3.46 1.98 19.19
C GLY A 75 -2.92 3.30 18.67
N GLY A 1 -1.13 -18.22 18.83
CA GLY A 1 -1.55 -17.69 20.11
C GLY A 1 -2.57 -16.58 19.97
N SER A 2 -2.30 -15.64 19.08
CA SER A 2 -3.19 -14.50 18.86
C SER A 2 -3.66 -14.45 17.41
N SER A 3 -4.77 -15.12 17.13
CA SER A 3 -5.33 -15.16 15.78
C SER A 3 -6.83 -15.45 15.81
N GLY A 4 -7.58 -14.72 15.00
CA GLY A 4 -9.02 -14.91 14.96
C GLY A 4 -9.43 -15.99 13.99
N SER A 5 -10.59 -16.59 14.22
CA SER A 5 -11.10 -17.66 13.36
C SER A 5 -11.36 -17.14 11.96
N SER A 6 -12.36 -16.29 11.82
CA SER A 6 -12.72 -15.72 10.52
C SER A 6 -11.78 -14.59 10.15
N GLY A 7 -11.97 -14.03 8.95
CA GLY A 7 -11.14 -12.94 8.50
C GLY A 7 -10.61 -13.17 7.09
N ASN A 8 -10.37 -12.07 6.38
CA ASN A 8 -9.86 -12.15 5.01
C ASN A 8 -8.35 -11.90 4.97
N LEU A 9 -7.68 -12.48 3.97
CA LEU A 9 -6.24 -12.32 3.82
C LEU A 9 -5.92 -11.19 2.85
N LYS A 10 -5.28 -10.15 3.37
CA LYS A 10 -4.91 -9.00 2.54
C LYS A 10 -3.55 -8.44 2.97
N ASP A 11 -2.87 -7.78 2.04
CA ASP A 11 -1.56 -7.19 2.32
C ASP A 11 -1.65 -5.67 2.38
N VAL A 12 -2.58 -5.16 3.19
CA VAL A 12 -2.76 -3.73 3.33
C VAL A 12 -1.60 -3.09 4.10
N TYR A 13 -0.86 -2.22 3.42
CA TYR A 13 0.28 -1.55 4.04
C TYR A 13 0.01 -0.06 4.18
N VAL A 14 0.40 0.50 5.33
CA VAL A 14 0.21 1.92 5.59
C VAL A 14 1.53 2.69 5.45
N SER A 15 1.48 3.77 4.68
CA SER A 15 2.66 4.59 4.46
C SER A 15 3.22 5.12 5.77
N ILE A 16 4.54 5.05 5.91
CA ILE A 16 5.20 5.51 7.12
C ILE A 16 6.05 6.75 6.85
N ALA A 17 5.70 7.47 5.80
CA ALA A 17 6.42 8.68 5.43
C ALA A 17 5.77 9.37 4.23
N ASP A 18 5.94 10.68 4.14
CA ASP A 18 5.38 11.45 3.04
C ASP A 18 6.30 11.46 1.83
N TYR A 19 5.76 11.07 0.68
CA TYR A 19 6.54 11.02 -0.55
C TYR A 19 6.12 12.13 -1.51
N GLU A 20 6.97 12.42 -2.49
CA GLU A 20 6.69 13.46 -3.47
C GLU A 20 6.14 12.85 -4.76
N GLY A 21 6.72 11.72 -5.16
CA GLY A 21 6.27 11.06 -6.38
C GLY A 21 6.95 11.61 -7.61
N ASP A 22 7.84 10.82 -8.20
CA ASP A 22 8.56 11.24 -9.39
C ASP A 22 7.61 11.37 -10.58
N GLU A 23 8.15 11.74 -11.73
CA GLU A 23 7.35 11.91 -12.94
C GLU A 23 6.80 10.57 -13.41
N GLU A 24 7.50 9.49 -13.08
CA GLU A 24 7.09 8.15 -13.47
C GLU A 24 6.27 7.49 -12.36
N THR A 25 6.70 7.69 -11.12
CA THR A 25 6.01 7.12 -9.97
C THR A 25 4.92 8.05 -9.45
N ALA A 26 4.17 7.58 -8.46
CA ALA A 26 3.10 8.37 -7.88
C ALA A 26 3.47 8.87 -6.49
N GLY A 27 2.91 10.01 -6.10
CA GLY A 27 3.19 10.57 -4.79
C GLY A 27 2.12 10.25 -3.77
N PHE A 28 2.40 10.54 -2.50
CA PHE A 28 1.45 10.29 -1.44
C PHE A 28 1.91 10.92 -0.13
N GLN A 29 1.05 10.88 0.89
CA GLN A 29 1.37 11.46 2.18
C GLN A 29 1.35 10.39 3.27
N GLU A 30 2.08 10.65 4.36
CA GLU A 30 2.14 9.71 5.47
C GLU A 30 0.79 9.60 6.17
N GLY A 31 0.21 8.41 6.14
CA GLY A 31 -1.08 8.20 6.78
C GLY A 31 -2.14 7.69 5.81
N VAL A 32 -1.69 7.28 4.63
CA VAL A 32 -2.60 6.77 3.60
C VAL A 32 -2.72 5.25 3.68
N SER A 33 -3.81 4.72 3.13
CA SER A 33 -4.05 3.28 3.15
C SER A 33 -3.88 2.69 1.75
N MET A 34 -2.85 1.88 1.58
CA MET A 34 -2.59 1.25 0.28
C MET A 34 -2.73 -0.27 0.38
N GLU A 35 -2.91 -0.92 -0.76
CA GLU A 35 -3.05 -2.37 -0.80
C GLU A 35 -2.04 -2.99 -1.75
N VAL A 36 -1.02 -3.64 -1.18
CA VAL A 36 0.01 -4.28 -1.97
C VAL A 36 -0.59 -5.20 -3.04
N LEU A 37 -0.31 -4.91 -4.30
CA LEU A 37 -0.82 -5.71 -5.41
C LEU A 37 0.28 -6.57 -6.00
N GLU A 38 1.41 -5.96 -6.31
CA GLU A 38 2.54 -6.68 -6.89
C GLU A 38 3.86 -6.24 -6.25
N ARG A 39 4.95 -6.89 -6.64
CA ARG A 39 6.26 -6.58 -6.10
C ARG A 39 7.36 -6.89 -7.12
N ASN A 40 8.29 -5.96 -7.29
CA ASN A 40 9.39 -6.14 -8.23
C ASN A 40 10.67 -6.56 -7.50
N PRO A 41 11.61 -7.13 -8.25
CA PRO A 41 12.90 -7.59 -7.69
C PRO A 41 13.79 -6.42 -7.28
N ASN A 42 13.42 -5.21 -7.72
CA ASN A 42 14.19 -4.02 -7.40
C ASN A 42 13.81 -3.48 -6.02
N GLY A 43 12.57 -3.74 -5.61
CA GLY A 43 12.10 -3.27 -4.32
C GLY A 43 10.81 -2.48 -4.42
N TRP A 44 10.49 -2.03 -5.63
CA TRP A 44 9.28 -1.25 -5.85
C TRP A 44 8.06 -2.16 -5.95
N TRP A 45 7.02 -1.84 -5.18
CA TRP A 45 5.81 -2.63 -5.17
C TRP A 45 4.62 -1.83 -5.71
N TYR A 46 3.72 -2.51 -6.40
CA TYR A 46 2.55 -1.84 -6.99
C TYR A 46 1.38 -1.87 -6.01
N CYS A 47 1.15 -0.75 -5.32
CA CYS A 47 0.07 -0.64 -4.36
C CYS A 47 -1.09 0.18 -4.94
N GLN A 48 -2.09 0.45 -4.10
CA GLN A 48 -3.25 1.21 -4.52
C GLN A 48 -3.67 2.21 -3.45
N ILE A 49 -3.28 3.46 -3.63
CA ILE A 49 -3.62 4.52 -2.68
C ILE A 49 -5.13 4.65 -2.52
N LEU A 50 -5.62 4.37 -1.31
CA LEU A 50 -7.05 4.46 -1.03
C LEU A 50 -7.38 5.78 -0.33
N ASP A 51 -6.76 6.86 -0.80
CA ASP A 51 -7.00 8.18 -0.23
C ASP A 51 -8.49 8.48 -0.15
N GLY A 52 -9.26 7.93 -1.09
CA GLY A 52 -10.69 8.14 -1.09
C GLY A 52 -11.08 9.36 -1.92
N VAL A 53 -10.63 10.54 -1.49
CA VAL A 53 -10.93 11.77 -2.19
C VAL A 53 -10.27 11.81 -3.56
N LYS A 54 -9.07 11.25 -3.64
CA LYS A 54 -8.33 11.22 -4.89
C LYS A 54 -7.39 10.01 -4.94
N PRO A 55 -7.97 8.80 -5.01
CA PRO A 55 -7.21 7.56 -5.06
C PRO A 55 -6.46 7.39 -6.38
N PHE A 56 -5.39 6.60 -6.35
CA PHE A 56 -4.59 6.35 -7.55
C PHE A 56 -3.56 5.26 -7.30
N LYS A 57 -3.07 4.65 -8.37
CA LYS A 57 -2.07 3.59 -8.27
C LYS A 57 -0.70 4.10 -8.67
N GLY A 58 0.30 3.22 -8.61
CA GLY A 58 1.65 3.60 -8.96
C GLY A 58 2.69 2.92 -8.09
N TRP A 59 3.68 2.29 -8.72
CA TRP A 59 4.74 1.60 -7.99
C TRP A 59 5.37 2.52 -6.95
N VAL A 60 5.28 2.12 -5.69
CA VAL A 60 5.84 2.91 -4.60
C VAL A 60 6.98 2.16 -3.91
N PRO A 61 7.87 2.92 -3.26
CA PRO A 61 9.03 2.35 -2.56
C PRO A 61 8.62 1.59 -1.31
N SER A 62 9.00 0.32 -1.24
CA SER A 62 8.68 -0.53 -0.10
C SER A 62 9.10 0.14 1.21
N ASN A 63 10.14 0.96 1.14
CA ASN A 63 10.65 1.66 2.32
C ASN A 63 9.57 2.55 2.92
N TYR A 64 8.68 3.05 2.07
CA TYR A 64 7.59 3.91 2.53
C TYR A 64 6.32 3.12 2.77
N LEU A 65 6.48 1.88 3.23
CA LEU A 65 5.35 1.01 3.51
C LEU A 65 5.60 0.14 4.74
N GLU A 66 4.58 -0.04 5.55
CA GLU A 66 4.69 -0.84 6.76
C GLU A 66 3.45 -1.70 6.98
N LYS A 67 3.65 -2.94 7.39
CA LYS A 67 2.55 -3.85 7.64
C LYS A 67 1.58 -3.29 8.67
N LYS A 68 0.34 -3.04 8.25
CA LYS A 68 -0.68 -2.50 9.14
C LYS A 68 -1.34 -3.61 9.94
N ASN A 69 -1.85 -3.26 11.12
CA ASN A 69 -2.52 -4.23 11.98
C ASN A 69 -1.63 -5.44 12.23
N SER A 70 -0.32 -5.21 12.27
CA SER A 70 0.64 -6.29 12.49
C SER A 70 0.62 -6.73 13.95
N GLY A 71 0.61 -8.04 14.16
CA GLY A 71 0.60 -8.58 15.52
C GLY A 71 1.83 -8.18 16.31
N PRO A 72 1.93 -8.68 17.55
CA PRO A 72 3.07 -8.40 18.43
C PRO A 72 4.35 -9.07 17.95
N SER A 73 4.22 -10.24 17.34
CA SER A 73 5.37 -10.98 16.85
C SER A 73 5.42 -10.95 15.32
N SER A 74 6.17 -10.00 14.78
CA SER A 74 6.30 -9.86 13.33
C SER A 74 7.67 -10.33 12.86
N GLY A 75 7.70 -11.49 12.21
CA GLY A 75 8.95 -12.03 11.72
C GLY A 75 9.03 -13.54 11.87
N GLY A 1 -9.99 -8.09 7.11
CA GLY A 1 -10.34 -9.49 7.18
C GLY A 1 -11.75 -9.77 6.71
N SER A 2 -12.08 -9.28 5.53
CA SER A 2 -13.41 -9.46 4.96
C SER A 2 -13.66 -10.94 4.64
N SER A 3 -14.57 -11.55 5.38
CA SER A 3 -14.90 -12.95 5.18
C SER A 3 -15.42 -13.20 3.76
N GLY A 4 -14.84 -14.19 3.09
CA GLY A 4 -15.25 -14.51 1.73
C GLY A 4 -14.36 -15.56 1.09
N SER A 5 -13.73 -15.20 -0.01
CA SER A 5 -12.85 -16.12 -0.73
C SER A 5 -11.47 -15.52 -0.91
N SER A 6 -10.44 -16.30 -0.57
CA SER A 6 -9.06 -15.85 -0.70
C SER A 6 -8.38 -16.51 -1.89
N GLY A 7 -8.20 -15.73 -2.96
CA GLY A 7 -7.56 -16.25 -4.15
C GLY A 7 -6.16 -15.72 -4.34
N ASN A 8 -5.98 -14.42 -4.10
CA ASN A 8 -4.67 -13.79 -4.25
C ASN A 8 -4.21 -13.19 -2.92
N LEU A 9 -2.91 -13.02 -2.78
CA LEU A 9 -2.33 -12.46 -1.56
C LEU A 9 -2.79 -11.01 -1.36
N LYS A 10 -3.56 -10.79 -0.30
CA LYS A 10 -4.07 -9.45 -0.01
C LYS A 10 -3.40 -8.89 1.25
N ASP A 11 -2.82 -7.70 1.12
CA ASP A 11 -2.15 -7.06 2.24
C ASP A 11 -2.36 -5.55 2.20
N VAL A 12 -2.59 -4.96 3.37
CA VAL A 12 -2.82 -3.51 3.47
C VAL A 12 -1.66 -2.83 4.19
N TYR A 13 -0.86 -2.08 3.45
CA TYR A 13 0.27 -1.38 4.03
C TYR A 13 0.01 0.12 4.11
N VAL A 14 0.45 0.73 5.20
CA VAL A 14 0.26 2.17 5.41
C VAL A 14 1.56 2.93 5.22
N SER A 15 1.50 4.05 4.52
CA SER A 15 2.68 4.88 4.27
C SER A 15 3.28 5.38 5.58
N ILE A 16 4.56 5.13 5.77
CA ILE A 16 5.25 5.56 6.98
C ILE A 16 6.14 6.77 6.71
N ALA A 17 5.79 7.52 5.66
CA ALA A 17 6.56 8.71 5.30
C ALA A 17 5.94 9.40 4.09
N ASP A 18 6.11 10.72 4.01
CA ASP A 18 5.57 11.50 2.91
C ASP A 18 6.51 11.46 1.71
N TYR A 19 5.96 11.14 0.55
CA TYR A 19 6.75 11.06 -0.68
C TYR A 19 6.36 12.18 -1.64
N GLU A 20 7.35 12.69 -2.38
CA GLU A 20 7.12 13.76 -3.33
C GLU A 20 6.50 13.22 -4.62
N GLY A 21 7.01 12.07 -5.07
CA GLY A 21 6.49 11.46 -6.29
C GLY A 21 7.09 12.08 -7.53
N ASP A 22 8.09 11.41 -8.11
CA ASP A 22 8.74 11.90 -9.32
C ASP A 22 7.74 12.01 -10.47
N GLU A 23 8.25 12.36 -11.66
CA GLU A 23 7.41 12.50 -12.83
C GLU A 23 6.96 11.14 -13.35
N GLU A 24 7.77 10.12 -13.09
CA GLU A 24 7.45 8.77 -13.53
C GLU A 24 6.67 8.01 -12.46
N THR A 25 7.10 8.15 -11.22
CA THR A 25 6.45 7.47 -10.10
C THR A 25 5.35 8.35 -9.50
N ALA A 26 4.41 7.72 -8.82
CA ALA A 26 3.31 8.43 -8.18
C ALA A 26 3.70 8.95 -6.80
N GLY A 27 3.01 9.98 -6.34
CA GLY A 27 3.30 10.54 -5.03
C GLY A 27 2.20 10.27 -4.02
N PHE A 28 2.52 10.46 -2.74
CA PHE A 28 1.55 10.23 -1.68
C PHE A 28 2.04 10.83 -0.37
N GLN A 29 1.19 10.79 0.65
CA GLN A 29 1.53 11.34 1.96
C GLN A 29 1.52 10.24 3.03
N GLU A 30 2.16 10.53 4.16
CA GLU A 30 2.22 9.57 5.26
C GLU A 30 0.86 9.43 5.95
N GLY A 31 0.46 8.19 6.20
CA GLY A 31 -0.81 7.95 6.85
C GLY A 31 -1.86 7.42 5.89
N VAL A 32 -1.53 7.41 4.61
CA VAL A 32 -2.45 6.93 3.58
C VAL A 32 -2.52 5.41 3.57
N SER A 33 -3.66 4.88 3.14
CA SER A 33 -3.87 3.43 3.09
C SER A 33 -3.62 2.91 1.67
N MET A 34 -3.05 1.71 1.59
CA MET A 34 -2.76 1.09 0.31
C MET A 34 -2.90 -0.43 0.38
N GLU A 35 -3.06 -1.07 -0.76
CA GLU A 35 -3.20 -2.52 -0.81
C GLU A 35 -2.15 -3.14 -1.74
N VAL A 36 -1.14 -3.76 -1.15
CA VAL A 36 -0.08 -4.39 -1.92
C VAL A 36 -0.65 -5.33 -2.97
N LEU A 37 -0.38 -5.01 -4.23
CA LEU A 37 -0.86 -5.83 -5.34
C LEU A 37 0.26 -6.69 -5.92
N GLU A 38 1.36 -6.05 -6.29
CA GLU A 38 2.50 -6.76 -6.85
C GLU A 38 3.80 -6.32 -6.18
N ARG A 39 4.89 -7.00 -6.50
CA ARG A 39 6.20 -6.69 -5.93
C ARG A 39 7.32 -7.05 -6.90
N ASN A 40 8.20 -6.09 -7.15
CA ASN A 40 9.33 -6.31 -8.05
C ASN A 40 10.59 -6.66 -7.28
N PRO A 41 11.57 -7.27 -7.98
CA PRO A 41 12.84 -7.68 -7.38
C PRO A 41 13.71 -6.48 -7.00
N ASN A 42 13.36 -5.31 -7.52
CA ASN A 42 14.11 -4.09 -7.26
C ASN A 42 13.71 -3.50 -5.91
N GLY A 43 12.48 -3.78 -5.48
CA GLY A 43 12.00 -3.27 -4.21
C GLY A 43 10.71 -2.49 -4.35
N TRP A 44 10.40 -2.09 -5.57
CA TRP A 44 9.19 -1.32 -5.85
C TRP A 44 7.98 -2.23 -5.93
N TRP A 45 6.95 -1.93 -5.15
CA TRP A 45 5.73 -2.73 -5.13
C TRP A 45 4.55 -1.92 -5.65
N TYR A 46 3.67 -2.59 -6.39
CA TYR A 46 2.49 -1.93 -6.94
C TYR A 46 1.32 -1.98 -5.97
N CYS A 47 1.05 -0.85 -5.32
CA CYS A 47 -0.03 -0.76 -4.35
C CYS A 47 -1.20 0.02 -4.93
N GLN A 48 -2.20 0.30 -4.09
CA GLN A 48 -3.37 1.05 -4.51
C GLN A 48 -3.83 2.01 -3.43
N ILE A 49 -3.46 3.28 -3.58
CA ILE A 49 -3.84 4.31 -2.62
C ILE A 49 -5.35 4.41 -2.46
N LEU A 50 -5.83 4.17 -1.25
CA LEU A 50 -7.26 4.22 -0.97
C LEU A 50 -7.63 5.53 -0.26
N ASP A 51 -7.04 6.63 -0.71
CA ASP A 51 -7.30 7.93 -0.11
C ASP A 51 -8.80 8.21 -0.06
N GLY A 52 -9.53 7.72 -1.05
CA GLY A 52 -10.97 7.93 -1.08
C GLY A 52 -11.36 9.15 -1.89
N VAL A 53 -10.98 10.32 -1.40
CA VAL A 53 -11.28 11.57 -2.07
C VAL A 53 -10.65 11.62 -3.46
N LYS A 54 -9.47 11.03 -3.58
CA LYS A 54 -8.76 11.00 -4.86
C LYS A 54 -7.68 9.92 -4.86
N PRO A 55 -8.12 8.65 -4.85
CA PRO A 55 -7.22 7.50 -4.85
C PRO A 55 -6.48 7.34 -6.18
N PHE A 56 -5.51 6.44 -6.21
CA PHE A 56 -4.73 6.19 -7.42
C PHE A 56 -3.70 5.09 -7.18
N LYS A 57 -3.16 4.55 -8.27
CA LYS A 57 -2.16 3.50 -8.18
C LYS A 57 -0.77 4.03 -8.55
N GLY A 58 0.21 3.14 -8.54
CA GLY A 58 1.57 3.54 -8.88
C GLY A 58 2.61 2.86 -8.02
N TRP A 59 3.58 2.23 -8.66
CA TRP A 59 4.64 1.53 -7.94
C TRP A 59 5.29 2.44 -6.90
N VAL A 60 5.21 2.03 -5.63
CA VAL A 60 5.79 2.81 -4.55
C VAL A 60 6.94 2.06 -3.89
N PRO A 61 7.85 2.82 -3.25
CA PRO A 61 9.01 2.25 -2.56
C PRO A 61 8.63 1.46 -1.31
N SER A 62 9.03 0.21 -1.25
CA SER A 62 8.72 -0.64 -0.10
C SER A 62 9.16 0.02 1.19
N ASN A 63 10.19 0.86 1.11
CA ASN A 63 10.71 1.56 2.28
C ASN A 63 9.64 2.46 2.89
N TYR A 64 8.74 2.95 2.05
CA TYR A 64 7.68 3.83 2.51
C TYR A 64 6.39 3.04 2.77
N LEU A 65 6.55 1.81 3.24
CA LEU A 65 5.41 0.94 3.53
C LEU A 65 5.69 0.08 4.75
N GLU A 66 4.68 -0.03 5.62
CA GLU A 66 4.82 -0.83 6.84
C GLU A 66 3.57 -1.67 7.07
N LYS A 67 3.77 -2.94 7.42
CA LYS A 67 2.67 -3.85 7.68
C LYS A 67 1.76 -3.31 8.78
N LYS A 68 0.51 -3.02 8.42
CA LYS A 68 -0.46 -2.50 9.37
C LYS A 68 -1.16 -3.63 10.12
N ASN A 69 -1.49 -3.39 11.38
CA ASN A 69 -2.16 -4.39 12.21
C ASN A 69 -1.32 -5.65 12.32
N SER A 70 0.00 -5.48 12.30
CA SER A 70 0.92 -6.61 12.39
C SER A 70 0.82 -7.28 13.77
N GLY A 71 1.43 -8.45 13.89
CA GLY A 71 1.41 -9.17 15.15
C GLY A 71 2.03 -8.38 16.28
N PRO A 72 2.26 -9.05 17.42
CA PRO A 72 2.85 -8.43 18.60
C PRO A 72 4.34 -8.09 18.40
N SER A 73 4.78 -7.02 19.03
CA SER A 73 6.18 -6.59 18.92
C SER A 73 7.06 -7.37 19.88
N SER A 74 7.77 -8.36 19.36
CA SER A 74 8.66 -9.18 20.18
C SER A 74 10.09 -8.68 20.10
N GLY A 75 10.78 -8.71 21.24
CA GLY A 75 12.16 -8.26 21.28
C GLY A 75 12.83 -8.56 22.59
#